data_4CEV
#
_entry.id   4CEV
#
_cell.length_a   106.600
_cell.length_b   277.300
_cell.length_c   139.700
_cell.angle_alpha   90.00
_cell.angle_beta   90.00
_cell.angle_gamma   90.00
#
_symmetry.space_group_name_H-M   'C 2 2 21'
#
loop_
_entity.id
_entity.type
_entity.pdbx_description
1 polymer 'PROTEIN (ARGINASE)'
2 non-polymer 'MANGANESE (II) ION'
3 non-polymer L-ornithine
4 non-polymer GUANIDINE
5 water water
#
_entity_poly.entity_id   1
_entity_poly.type   'polypeptide(L)'
_entity_poly.pdbx_seq_one_letter_code
;MKPISIIGVPMDLGQTRRGVDMGPSAMRYAGVIERLERLHYDIEDLGDIPIGKAERLHEQGDSRLRNLKAVAEANEKLAA
AVDQVVQRGRFPLVLGGDHSIAIGTLAGVAKHYERLGVIWYDAHGDVNTAETSPSGNIHGMPLAASLGFGHPALTQIGGY
SPKIKPEHVVLIGVRSLDEGEKKFIREKGIKIYTMHEVDRLGMTRVMEETIAYLKERTDGVHLSLDLDGLDPSDAPGVGT
PVIGGLTYRESHLAMEMLAEAQIITSAEFVEVNPILDERNKTASVAVALMGSLFGEKLM
;
_entity_poly.pdbx_strand_id   A,B,C,D,E,F
#
loop_
_chem_comp.id
_chem_comp.type
_chem_comp.name
_chem_comp.formula
GAI non-polymer GUANIDINE 'C H5 N3'
MN non-polymer 'MANGANESE (II) ION' 'Mn 2'
#
# COMPACT_ATOMS: atom_id res chain seq x y z
N LYS A 2 -14.62 -18.30 -31.21
CA LYS A 2 -14.61 -18.90 -32.57
C LYS A 2 -14.05 -17.92 -33.59
N PRO A 3 -13.12 -18.40 -34.44
CA PRO A 3 -12.51 -17.55 -35.47
C PRO A 3 -13.54 -17.00 -36.44
N ILE A 4 -13.27 -15.82 -36.98
CA ILE A 4 -14.20 -15.15 -37.86
C ILE A 4 -13.68 -15.11 -39.28
N SER A 5 -14.59 -15.14 -40.24
CA SER A 5 -14.26 -15.05 -41.66
C SER A 5 -15.16 -14.02 -42.29
N ILE A 6 -14.55 -12.94 -42.78
CA ILE A 6 -15.27 -11.88 -43.44
C ILE A 6 -15.39 -12.15 -44.93
N ILE A 7 -16.61 -11.97 -45.43
CA ILE A 7 -16.93 -12.15 -46.85
C ILE A 7 -17.68 -10.89 -47.26
N GLY A 8 -17.12 -10.19 -48.24
CA GLY A 8 -17.75 -8.99 -48.73
C GLY A 8 -18.63 -9.34 -49.91
N VAL A 9 -19.84 -8.78 -49.95
CA VAL A 9 -20.76 -9.01 -51.05
C VAL A 9 -21.15 -7.65 -51.63
N PRO A 10 -20.39 -7.17 -52.62
CA PRO A 10 -20.60 -5.88 -53.28
C PRO A 10 -21.86 -5.92 -54.17
N MET A 11 -23.01 -6.03 -53.51
CA MET A 11 -24.29 -6.12 -54.18
C MET A 11 -25.15 -4.85 -54.14
N ASP A 12 -25.71 -4.47 -55.29
CA ASP A 12 -26.63 -3.33 -55.37
C ASP A 12 -27.81 -3.63 -56.30
N LEU A 13 -27.81 -4.85 -56.84
CA LEU A 13 -28.86 -5.30 -57.74
C LEU A 13 -30.15 -5.65 -57.03
N GLY A 14 -30.12 -5.62 -55.69
CA GLY A 14 -31.31 -5.92 -54.92
C GLY A 14 -32.20 -4.69 -54.80
N GLN A 15 -31.68 -3.54 -55.22
CA GLN A 15 -32.40 -2.27 -55.18
C GLN A 15 -31.90 -1.32 -56.27
N THR A 16 -32.33 -0.07 -56.23
CA THR A 16 -31.96 0.89 -57.29
C THR A 16 -30.94 1.99 -57.01
N ARG A 17 -30.64 2.26 -55.76
CA ARG A 17 -29.67 3.31 -55.48
C ARG A 17 -28.28 2.71 -55.63
N ARG A 18 -27.47 3.28 -56.51
CA ARG A 18 -26.13 2.76 -56.70
C ARG A 18 -25.22 3.18 -55.56
N GLY A 19 -24.13 2.43 -55.36
CA GLY A 19 -23.20 2.74 -54.27
C GLY A 19 -23.19 1.76 -53.12
N VAL A 20 -24.31 1.07 -52.87
CA VAL A 20 -24.41 0.10 -51.76
C VAL A 20 -23.45 -1.08 -51.98
N ASP A 21 -22.94 -1.19 -53.19
CA ASP A 21 -21.97 -2.22 -53.52
C ASP A 21 -20.60 -1.82 -52.95
N MET A 22 -20.47 -0.57 -52.49
CA MET A 22 -19.21 -0.08 -51.91
C MET A 22 -19.20 -0.26 -50.39
N GLY A 23 -20.29 -0.81 -49.85
CA GLY A 23 -20.38 -1.03 -48.42
C GLY A 23 -19.30 -1.89 -47.82
N PRO A 24 -18.94 -3.03 -48.45
CA PRO A 24 -17.90 -3.90 -47.91
C PRO A 24 -16.56 -3.20 -47.68
N SER A 25 -16.13 -2.42 -48.67
CA SER A 25 -14.87 -1.73 -48.52
C SER A 25 -14.95 -0.49 -47.64
N ALA A 26 -16.16 0.06 -47.54
CA ALA A 26 -16.40 1.23 -46.72
C ALA A 26 -16.22 0.78 -45.29
N MET A 27 -16.72 -0.41 -44.97
CA MET A 27 -16.58 -0.98 -43.61
C MET A 27 -15.17 -1.46 -43.32
N ARG A 28 -14.51 -2.01 -44.33
CA ARG A 28 -13.13 -2.44 -44.19
C ARG A 28 -12.33 -1.18 -43.88
N TYR A 29 -12.58 -0.11 -44.64
CA TYR A 29 -11.90 1.17 -44.44
C TYR A 29 -12.28 1.78 -43.10
N ALA A 30 -13.46 1.43 -42.57
CA ALA A 30 -13.86 1.96 -41.27
C ALA A 30 -13.13 1.15 -40.18
N GLY A 31 -12.29 0.21 -40.60
CA GLY A 31 -11.51 -0.57 -39.66
C GLY A 31 -12.10 -1.79 -38.98
N VAL A 32 -12.87 -2.59 -39.71
CA VAL A 32 -13.48 -3.78 -39.13
C VAL A 32 -12.48 -4.86 -38.67
N ILE A 33 -11.38 -5.04 -39.41
CA ILE A 33 -10.39 -6.03 -39.06
C ILE A 33 -9.67 -5.66 -37.77
N GLU A 34 -9.15 -4.45 -37.74
CA GLU A 34 -8.41 -3.93 -36.61
C GLU A 34 -9.26 -4.01 -35.35
N ARG A 35 -10.51 -3.59 -35.46
CA ARG A 35 -11.48 -3.59 -34.37
C ARG A 35 -11.63 -4.96 -33.75
N LEU A 36 -11.80 -5.97 -34.60
CA LEU A 36 -12.00 -7.35 -34.16
C LEU A 36 -10.71 -8.04 -33.71
N GLU A 37 -9.59 -7.64 -34.28
CA GLU A 37 -8.30 -8.21 -33.90
C GLU A 37 -7.99 -7.80 -32.47
N ARG A 38 -8.37 -6.58 -32.13
CA ARG A 38 -8.15 -6.03 -30.78
C ARG A 38 -8.86 -6.86 -29.74
N LEU A 39 -9.97 -7.48 -30.13
CA LEU A 39 -10.73 -8.33 -29.23
C LEU A 39 -10.13 -9.73 -29.22
N HIS A 40 -8.91 -9.83 -29.74
CA HIS A 40 -8.14 -11.07 -29.77
C HIS A 40 -8.73 -12.17 -30.65
N TYR A 41 -9.41 -11.75 -31.72
CA TYR A 41 -10.01 -12.72 -32.63
C TYR A 41 -9.08 -13.14 -33.74
N ASP A 42 -9.30 -14.37 -34.22
CA ASP A 42 -8.56 -14.89 -35.36
C ASP A 42 -9.49 -14.49 -36.51
N ILE A 43 -9.31 -13.26 -36.99
CA ILE A 43 -10.13 -12.75 -38.06
C ILE A 43 -9.42 -12.98 -39.39
N GLU A 44 -10.21 -13.37 -40.38
CA GLU A 44 -9.75 -13.68 -41.74
C GLU A 44 -10.64 -13.00 -42.81
N ASP A 45 -10.04 -12.40 -43.82
CA ASP A 45 -10.83 -11.75 -44.85
C ASP A 45 -10.77 -12.55 -46.15
N LEU A 46 -11.85 -13.23 -46.48
CA LEU A 46 -11.91 -14.02 -47.71
C LEU A 46 -12.23 -13.20 -48.96
N GLY A 47 -12.10 -11.88 -48.87
CA GLY A 47 -12.41 -11.02 -50.00
C GLY A 47 -13.89 -10.87 -50.32
N ASP A 48 -14.20 -10.58 -51.59
CA ASP A 48 -15.57 -10.36 -52.05
C ASP A 48 -16.11 -11.38 -53.05
N ILE A 49 -17.43 -11.57 -53.00
CA ILE A 49 -18.13 -12.46 -53.92
C ILE A 49 -18.24 -11.71 -55.24
N PRO A 50 -17.88 -12.37 -56.36
CA PRO A 50 -17.97 -11.73 -57.67
C PRO A 50 -19.45 -11.60 -58.05
N ILE A 51 -19.87 -10.37 -58.31
CA ILE A 51 -21.24 -10.10 -58.69
C ILE A 51 -21.28 -9.75 -60.16
N GLY A 52 -22.22 -10.36 -60.88
CA GLY A 52 -22.38 -10.08 -62.30
C GLY A 52 -23.34 -8.93 -62.53
N LYS A 53 -23.06 -8.14 -63.57
CA LYS A 53 -23.92 -7.00 -63.93
C LYS A 53 -25.25 -7.54 -64.40
N ALA A 54 -26.34 -6.91 -63.96
CA ALA A 54 -27.68 -7.35 -64.34
C ALA A 54 -28.11 -7.00 -65.76
N GLU A 55 -28.81 -7.95 -66.36
CA GLU A 55 -29.36 -7.81 -67.71
C GLU A 55 -30.29 -6.62 -67.64
N ARG A 56 -30.37 -5.86 -68.72
CA ARG A 56 -31.21 -4.68 -68.70
C ARG A 56 -32.69 -5.06 -68.64
N LEU A 57 -33.41 -4.31 -67.81
CA LEU A 57 -34.84 -4.47 -67.54
C LEU A 57 -35.67 -5.00 -68.72
N HIS A 58 -35.47 -4.37 -69.87
CA HIS A 58 -36.14 -4.68 -71.14
C HIS A 58 -36.26 -6.17 -71.53
N GLU A 59 -35.13 -6.79 -71.87
CA GLU A 59 -35.11 -8.19 -72.26
C GLU A 59 -35.20 -9.10 -71.03
N GLN A 60 -35.07 -8.48 -69.86
CA GLN A 60 -35.15 -9.14 -68.57
C GLN A 60 -36.60 -9.58 -68.35
N GLY A 61 -36.80 -10.63 -67.57
CA GLY A 61 -38.12 -11.15 -67.31
C GLY A 61 -39.10 -10.37 -66.44
N ASP A 62 -38.99 -10.57 -65.12
CA ASP A 62 -39.89 -9.92 -64.17
C ASP A 62 -39.49 -8.54 -63.65
N SER A 63 -40.41 -7.60 -63.78
CA SER A 63 -40.21 -6.24 -63.29
C SER A 63 -40.55 -6.28 -61.80
N ARG A 64 -41.26 -7.36 -61.42
CA ARG A 64 -41.66 -7.61 -60.05
C ARG A 64 -40.48 -8.28 -59.36
N LEU A 65 -39.51 -8.73 -60.16
CA LEU A 65 -38.30 -9.37 -59.68
C LEU A 65 -37.12 -8.84 -60.47
N ARG A 66 -36.79 -7.57 -60.25
CA ARG A 66 -35.71 -6.95 -60.95
C ARG A 66 -34.37 -7.64 -60.73
N ASN A 67 -33.59 -7.79 -61.81
CA ASN A 67 -32.25 -8.39 -61.76
C ASN A 67 -32.22 -9.77 -61.10
N LEU A 68 -33.30 -10.52 -61.25
CA LEU A 68 -33.43 -11.83 -60.64
C LEU A 68 -32.28 -12.79 -60.89
N LYS A 69 -31.85 -12.93 -62.14
CA LYS A 69 -30.79 -13.87 -62.38
C LYS A 69 -29.46 -13.49 -61.77
N ALA A 70 -29.05 -12.22 -61.88
CA ALA A 70 -27.77 -11.77 -61.31
C ALA A 70 -27.82 -11.88 -59.78
N VAL A 71 -28.96 -11.51 -59.20
CA VAL A 71 -29.16 -11.59 -57.77
C VAL A 71 -29.14 -13.05 -57.30
N ALA A 72 -29.85 -13.90 -58.03
CA ALA A 72 -29.89 -15.31 -57.68
C ALA A 72 -28.52 -15.97 -57.81
N GLU A 73 -27.78 -15.62 -58.85
CA GLU A 73 -26.47 -16.22 -59.04
C GLU A 73 -25.46 -15.80 -57.99
N ALA A 74 -25.47 -14.51 -57.63
CA ALA A 74 -24.55 -13.97 -56.64
C ALA A 74 -24.80 -14.65 -55.31
N ASN A 75 -26.07 -14.82 -54.99
CA ASN A 75 -26.45 -15.48 -53.75
C ASN A 75 -26.06 -16.96 -53.74
N GLU A 76 -25.93 -17.54 -54.93
CA GLU A 76 -25.53 -18.94 -55.03
C GLU A 76 -24.08 -19.02 -54.60
N LYS A 77 -23.28 -18.11 -55.14
CA LYS A 77 -21.88 -18.07 -54.81
C LYS A 77 -21.70 -17.75 -53.31
N LEU A 78 -22.47 -16.79 -52.81
CA LEU A 78 -22.41 -16.43 -51.40
C LEU A 78 -22.74 -17.62 -50.51
N ALA A 79 -23.80 -18.34 -50.87
CA ALA A 79 -24.20 -19.49 -50.09
C ALA A 79 -23.07 -20.51 -49.98
N ALA A 80 -22.38 -20.73 -51.09
CA ALA A 80 -21.27 -21.67 -51.12
C ALA A 80 -20.11 -21.19 -50.23
N ALA A 81 -19.74 -19.93 -50.37
CA ALA A 81 -18.66 -19.35 -49.57
C ALA A 81 -18.95 -19.45 -48.09
N VAL A 82 -20.19 -19.11 -47.71
CA VAL A 82 -20.64 -19.15 -46.33
C VAL A 82 -20.69 -20.57 -45.79
N ASP A 83 -21.10 -21.51 -46.63
CA ASP A 83 -21.23 -22.92 -46.27
C ASP A 83 -19.88 -23.48 -45.90
N GLN A 84 -18.89 -23.16 -46.71
CA GLN A 84 -17.55 -23.64 -46.44
C GLN A 84 -16.97 -23.07 -45.14
N VAL A 85 -17.21 -21.79 -44.87
CA VAL A 85 -16.72 -21.14 -43.64
C VAL A 85 -17.28 -21.86 -42.40
N VAL A 86 -18.57 -22.13 -42.46
CA VAL A 86 -19.20 -22.81 -41.36
C VAL A 86 -18.58 -24.19 -41.22
N GLN A 87 -18.38 -24.87 -42.35
CA GLN A 87 -17.78 -26.20 -42.32
C GLN A 87 -16.40 -26.17 -41.70
N ARG A 88 -15.67 -25.08 -41.93
CA ARG A 88 -14.32 -24.94 -41.38
C ARG A 88 -14.33 -24.58 -39.89
N GLY A 89 -15.52 -24.50 -39.29
CA GLY A 89 -15.62 -24.18 -37.88
C GLY A 89 -15.48 -22.69 -37.57
N ARG A 90 -15.64 -21.84 -38.58
CA ARG A 90 -15.52 -20.42 -38.36
C ARG A 90 -16.88 -19.72 -38.40
N PHE A 91 -16.89 -18.49 -37.88
CA PHE A 91 -18.08 -17.64 -37.82
C PHE A 91 -18.12 -16.82 -39.09
N PRO A 92 -19.24 -16.89 -39.84
CA PRO A 92 -19.33 -16.12 -41.07
C PRO A 92 -19.86 -14.71 -40.80
N LEU A 93 -19.06 -13.72 -41.13
CA LEU A 93 -19.44 -12.32 -40.97
C LEU A 93 -19.52 -11.77 -42.36
N VAL A 94 -20.74 -11.62 -42.87
CA VAL A 94 -20.97 -11.11 -44.22
C VAL A 94 -21.20 -9.59 -44.23
N LEU A 95 -20.49 -8.87 -45.11
CA LEU A 95 -20.64 -7.41 -45.21
C LEU A 95 -21.22 -7.04 -46.55
N GLY A 96 -22.37 -6.36 -46.55
CA GLY A 96 -23.01 -5.96 -47.80
C GLY A 96 -22.79 -4.52 -48.20
N GLY A 97 -23.43 -4.06 -49.28
CA GLY A 97 -24.33 -4.88 -50.08
C GLY A 97 -25.77 -4.70 -49.62
N ASP A 98 -26.73 -4.72 -50.54
CA ASP A 98 -28.11 -4.55 -50.11
C ASP A 98 -28.61 -5.82 -49.42
N HIS A 99 -29.79 -5.75 -48.81
CA HIS A 99 -30.34 -6.86 -48.06
C HIS A 99 -30.66 -8.16 -48.81
N SER A 100 -30.67 -8.13 -50.13
CA SER A 100 -30.98 -9.34 -50.88
C SER A 100 -29.92 -10.43 -50.66
N ILE A 101 -28.77 -10.05 -50.10
CA ILE A 101 -27.70 -11.00 -49.86
C ILE A 101 -28.04 -11.92 -48.70
N ALA A 102 -29.02 -11.53 -47.90
CA ALA A 102 -29.43 -12.35 -46.77
C ALA A 102 -29.85 -13.71 -47.31
N ILE A 103 -30.36 -13.72 -48.54
CA ILE A 103 -30.78 -14.97 -49.18
C ILE A 103 -29.61 -15.98 -49.27
N GLY A 104 -28.43 -15.52 -49.69
CA GLY A 104 -27.27 -16.38 -49.78
C GLY A 104 -26.66 -16.73 -48.42
N THR A 105 -26.61 -15.76 -47.51
CA THR A 105 -26.04 -15.98 -46.19
C THR A 105 -26.82 -17.08 -45.45
N LEU A 106 -28.14 -16.92 -45.37
CA LEU A 106 -28.98 -17.91 -44.70
C LEU A 106 -28.96 -19.27 -45.42
N ALA A 107 -28.75 -19.26 -46.73
CA ALA A 107 -28.71 -20.49 -47.50
C ALA A 107 -27.49 -21.32 -47.18
N GLY A 108 -26.42 -20.65 -46.75
CA GLY A 108 -25.20 -21.36 -46.42
C GLY A 108 -25.09 -21.74 -44.96
N VAL A 109 -25.86 -21.07 -44.12
CA VAL A 109 -25.83 -21.31 -42.68
C VAL A 109 -26.89 -22.27 -42.18
N ALA A 110 -28.12 -22.00 -42.58
CA ALA A 110 -29.25 -22.79 -42.14
C ALA A 110 -29.10 -24.31 -42.24
N LYS A 111 -28.61 -24.81 -43.38
CA LYS A 111 -28.40 -26.26 -43.55
C LYS A 111 -27.63 -26.89 -42.38
N HIS A 112 -26.86 -26.07 -41.66
CA HIS A 112 -26.06 -26.52 -40.52
C HIS A 112 -26.76 -26.50 -39.15
N TYR A 113 -28.04 -26.16 -39.11
CA TYR A 113 -28.76 -26.08 -37.84
C TYR A 113 -30.11 -26.77 -37.89
N GLU A 114 -30.50 -27.40 -36.77
CA GLU A 114 -31.78 -28.08 -36.67
C GLU A 114 -32.89 -27.04 -36.68
N ARG A 115 -32.65 -25.95 -35.96
CA ARG A 115 -33.61 -24.86 -35.84
C ARG A 115 -32.91 -23.53 -35.73
N LEU A 116 -32.53 -22.96 -36.87
CA LEU A 116 -31.86 -21.66 -36.91
C LEU A 116 -32.83 -20.51 -36.72
N GLY A 117 -32.54 -19.67 -35.73
CA GLY A 117 -33.37 -18.51 -35.47
C GLY A 117 -32.78 -17.32 -36.19
N VAL A 118 -33.58 -16.27 -36.36
CA VAL A 118 -33.12 -15.06 -37.02
C VAL A 118 -33.60 -13.80 -36.32
N ILE A 119 -32.68 -12.86 -36.14
CA ILE A 119 -33.01 -11.55 -35.55
C ILE A 119 -32.86 -10.62 -36.76
N TRP A 120 -33.98 -10.07 -37.22
CA TRP A 120 -33.98 -9.15 -38.36
C TRP A 120 -34.11 -7.73 -37.82
N TYR A 121 -32.96 -7.05 -37.69
CA TYR A 121 -32.85 -5.68 -37.18
C TYR A 121 -33.02 -4.81 -38.42
N ASP A 122 -34.17 -4.14 -38.54
CA ASP A 122 -34.45 -3.39 -39.76
C ASP A 122 -35.64 -2.46 -39.59
N ALA A 123 -35.75 -1.49 -40.49
CA ALA A 123 -36.87 -0.54 -40.53
C ALA A 123 -38.01 -1.19 -41.35
N HIS A 124 -37.63 -2.19 -42.16
CA HIS A 124 -38.53 -2.92 -43.03
C HIS A 124 -38.66 -4.39 -42.63
N GLY A 125 -39.66 -5.06 -43.20
CA GLY A 125 -39.90 -6.46 -42.92
C GLY A 125 -39.23 -7.39 -43.89
N ASP A 126 -39.01 -6.91 -45.11
CA ASP A 126 -38.37 -7.69 -46.14
C ASP A 126 -39.06 -9.02 -46.42
N VAL A 127 -40.37 -9.00 -46.29
CA VAL A 127 -41.20 -10.19 -46.52
C VAL A 127 -42.17 -10.05 -47.68
N ASN A 128 -41.73 -9.35 -48.72
CA ASN A 128 -42.52 -9.16 -49.93
C ASN A 128 -42.21 -10.26 -50.94
N THR A 129 -43.13 -10.44 -51.88
CA THR A 129 -43.01 -11.41 -52.96
C THR A 129 -43.22 -10.64 -54.26
N ALA A 130 -43.10 -11.32 -55.39
CA ALA A 130 -43.30 -10.67 -56.68
C ALA A 130 -44.72 -10.15 -56.72
N GLU A 131 -45.64 -10.82 -56.02
CA GLU A 131 -47.03 -10.40 -55.99
C GLU A 131 -47.25 -9.22 -55.08
N THR A 132 -46.63 -9.22 -53.90
CA THR A 132 -46.84 -8.12 -52.98
C THR A 132 -45.86 -6.96 -53.09
N SER A 133 -44.74 -7.17 -53.75
CA SER A 133 -43.75 -6.12 -53.85
C SER A 133 -44.23 -4.93 -54.66
N PRO A 134 -44.11 -3.73 -54.09
CA PRO A 134 -44.54 -2.52 -54.78
C PRO A 134 -43.44 -1.95 -55.67
N SER A 135 -42.23 -2.51 -55.53
CA SER A 135 -41.06 -2.01 -56.26
C SER A 135 -40.37 -3.00 -57.19
N GLY A 136 -40.51 -4.28 -56.89
CA GLY A 136 -39.85 -5.27 -57.72
C GLY A 136 -38.43 -5.42 -57.24
N ASN A 137 -38.07 -4.69 -56.17
CA ASN A 137 -36.74 -4.75 -55.58
C ASN A 137 -36.54 -5.97 -54.70
N ILE A 138 -35.66 -6.87 -55.14
CA ILE A 138 -35.38 -8.09 -54.40
C ILE A 138 -34.84 -7.88 -52.97
N HIS A 139 -34.24 -6.72 -52.69
CA HIS A 139 -33.75 -6.49 -51.34
C HIS A 139 -34.91 -6.40 -50.35
N GLY A 140 -36.14 -6.30 -50.88
CA GLY A 140 -37.32 -6.24 -50.05
C GLY A 140 -38.06 -7.57 -49.93
N MET A 141 -37.39 -8.66 -50.31
CA MET A 141 -37.94 -10.02 -50.28
C MET A 141 -37.14 -11.14 -49.61
N PRO A 142 -35.86 -10.91 -49.22
CA PRO A 142 -35.03 -11.96 -48.59
C PRO A 142 -35.55 -12.75 -47.41
N LEU A 143 -36.30 -12.13 -46.50
CA LEU A 143 -36.81 -12.85 -45.36
C LEU A 143 -37.90 -13.81 -45.79
N ALA A 144 -38.80 -13.36 -46.66
CA ALA A 144 -39.91 -14.21 -47.14
C ALA A 144 -39.34 -15.36 -47.96
N ALA A 145 -38.38 -15.05 -48.83
CA ALA A 145 -37.74 -16.05 -49.67
C ALA A 145 -37.05 -17.11 -48.81
N SER A 146 -36.40 -16.67 -47.74
CA SER A 146 -35.73 -17.61 -46.82
C SER A 146 -36.73 -18.43 -46.01
N LEU A 147 -37.95 -17.91 -45.86
CA LEU A 147 -39.04 -18.60 -45.16
C LEU A 147 -39.75 -19.54 -46.13
N GLY A 148 -39.27 -19.58 -47.38
CA GLY A 148 -39.85 -20.42 -48.40
C GLY A 148 -40.93 -19.78 -49.27
N PHE A 149 -41.07 -18.48 -49.17
CA PHE A 149 -42.08 -17.77 -49.93
C PHE A 149 -41.55 -16.86 -51.01
N GLY A 150 -41.73 -17.28 -52.25
CA GLY A 150 -41.29 -16.46 -53.36
C GLY A 150 -40.88 -17.25 -54.58
N HIS A 151 -40.24 -16.55 -55.52
CA HIS A 151 -39.79 -17.15 -56.75
C HIS A 151 -38.77 -18.21 -56.42
N PRO A 152 -38.92 -19.41 -57.02
CA PRO A 152 -38.05 -20.55 -56.81
C PRO A 152 -36.58 -20.23 -56.99
N ALA A 153 -36.28 -19.30 -57.89
CA ALA A 153 -34.90 -18.90 -58.16
C ALA A 153 -34.29 -18.34 -56.88
N LEU A 154 -35.13 -17.76 -56.03
CA LEU A 154 -34.66 -17.24 -54.76
C LEU A 154 -34.86 -18.19 -53.58
N THR A 155 -35.98 -18.93 -53.57
CA THR A 155 -36.27 -19.86 -52.48
C THR A 155 -35.45 -21.13 -52.47
N GLN A 156 -34.95 -21.52 -53.63
CA GLN A 156 -34.16 -22.74 -53.74
C GLN A 156 -32.66 -22.60 -53.68
N ILE A 157 -32.16 -21.39 -53.41
CA ILE A 157 -30.72 -21.17 -53.30
C ILE A 157 -30.14 -22.19 -52.30
N GLY A 158 -29.07 -22.88 -52.71
CA GLY A 158 -28.47 -23.87 -51.84
C GLY A 158 -29.10 -25.25 -52.00
N GLY A 159 -30.11 -25.36 -52.86
CA GLY A 159 -30.75 -26.65 -53.06
C GLY A 159 -31.62 -27.18 -51.93
N TYR A 160 -32.26 -26.28 -51.20
CA TYR A 160 -33.13 -26.70 -50.11
C TYR A 160 -33.97 -25.55 -49.64
N SER A 161 -35.11 -25.85 -49.02
CA SER A 161 -35.99 -24.82 -48.49
C SER A 161 -37.04 -25.42 -47.60
N PRO A 162 -37.57 -24.65 -46.64
CA PRO A 162 -37.18 -23.26 -46.39
C PRO A 162 -35.92 -23.26 -45.53
N LYS A 163 -35.26 -22.11 -45.42
CA LYS A 163 -34.05 -22.06 -44.61
C LYS A 163 -34.38 -21.92 -43.12
N ILE A 164 -35.53 -21.31 -42.81
CA ILE A 164 -35.92 -21.07 -41.43
C ILE A 164 -37.43 -21.16 -41.28
N LYS A 165 -37.89 -21.22 -40.03
CA LYS A 165 -39.33 -21.26 -39.72
C LYS A 165 -39.75 -19.90 -39.15
N PRO A 166 -40.99 -19.45 -39.45
CA PRO A 166 -41.52 -18.15 -38.99
C PRO A 166 -41.50 -17.97 -37.49
N GLU A 167 -41.66 -19.07 -36.77
CA GLU A 167 -41.69 -19.07 -35.31
C GLU A 167 -40.30 -18.89 -34.72
N HIS A 168 -39.31 -18.92 -35.60
CA HIS A 168 -37.94 -18.75 -35.19
C HIS A 168 -37.37 -17.41 -35.65
N VAL A 169 -38.28 -16.49 -36.01
CA VAL A 169 -37.88 -15.16 -36.46
C VAL A 169 -38.40 -14.06 -35.54
N VAL A 170 -37.53 -13.08 -35.28
CA VAL A 170 -37.88 -11.91 -34.47
C VAL A 170 -37.44 -10.64 -35.22
N LEU A 171 -38.40 -9.79 -35.55
CA LEU A 171 -38.15 -8.54 -36.25
C LEU A 171 -38.05 -7.44 -35.19
N ILE A 172 -37.05 -6.56 -35.34
CA ILE A 172 -36.82 -5.44 -34.41
C ILE A 172 -36.55 -4.12 -35.13
N GLY A 173 -37.26 -3.06 -34.68
CA GLY A 173 -37.14 -1.72 -35.21
C GLY A 173 -37.97 -1.38 -36.44
N VAL A 174 -38.92 -2.26 -36.77
CA VAL A 174 -39.78 -2.09 -37.93
C VAL A 174 -40.67 -0.88 -37.84
N ARG A 175 -40.72 -0.12 -38.93
CA ARG A 175 -41.53 1.08 -38.97
C ARG A 175 -42.01 1.38 -40.39
N SER A 176 -41.84 0.44 -41.30
CA SER A 176 -42.26 0.64 -42.67
C SER A 176 -42.55 -0.67 -43.37
N LEU A 177 -43.81 -1.11 -43.25
CA LEU A 177 -44.27 -2.36 -43.86
C LEU A 177 -45.33 -2.15 -44.92
N ASP A 178 -45.21 -2.85 -46.05
CA ASP A 178 -46.23 -2.76 -47.10
C ASP A 178 -47.40 -3.59 -46.60
N GLU A 179 -48.60 -3.29 -47.11
CA GLU A 179 -49.80 -4.01 -46.70
C GLU A 179 -49.69 -5.52 -46.80
N GLY A 180 -49.15 -6.00 -47.92
CA GLY A 180 -48.97 -7.43 -48.10
C GLY A 180 -48.08 -7.99 -47.01
N GLU A 181 -47.05 -7.26 -46.65
CA GLU A 181 -46.13 -7.64 -45.59
C GLU A 181 -46.78 -7.67 -44.22
N LYS A 182 -47.63 -6.68 -43.91
CA LYS A 182 -48.32 -6.68 -42.61
C LYS A 182 -49.17 -7.94 -42.49
N LYS A 183 -49.79 -8.31 -43.61
CA LYS A 183 -50.62 -9.49 -43.70
C LYS A 183 -49.77 -10.76 -43.56
N PHE A 184 -48.63 -10.79 -44.25
CA PHE A 184 -47.72 -11.92 -44.20
C PHE A 184 -47.27 -12.14 -42.77
N ILE A 185 -46.80 -11.07 -42.12
CA ILE A 185 -46.33 -11.14 -40.74
C ILE A 185 -47.42 -11.66 -39.82
N ARG A 186 -48.61 -11.08 -39.98
CA ARG A 186 -49.76 -11.44 -39.15
C ARG A 186 -50.14 -12.90 -39.27
N GLU A 187 -50.19 -13.37 -40.51
CA GLU A 187 -50.59 -14.74 -40.81
C GLU A 187 -49.52 -15.79 -40.56
N LYS A 188 -48.26 -15.50 -40.86
CA LYS A 188 -47.19 -16.48 -40.63
C LYS A 188 -46.83 -16.49 -39.16
N GLY A 189 -47.40 -15.54 -38.42
CA GLY A 189 -47.16 -15.45 -37.00
C GLY A 189 -45.74 -15.10 -36.63
N ILE A 190 -45.14 -14.17 -37.35
CA ILE A 190 -43.76 -13.74 -37.06
C ILE A 190 -43.71 -12.75 -35.89
N LYS A 191 -42.79 -12.99 -34.94
CA LYS A 191 -42.64 -12.13 -33.76
C LYS A 191 -42.04 -10.81 -34.23
N ILE A 192 -42.63 -9.69 -33.81
CA ILE A 192 -42.15 -8.40 -34.28
C ILE A 192 -42.26 -7.25 -33.28
N TYR A 193 -41.20 -6.46 -33.19
CA TYR A 193 -41.15 -5.29 -32.32
C TYR A 193 -40.95 -4.09 -33.21
N THR A 194 -42.05 -3.41 -33.52
CA THR A 194 -41.98 -2.21 -34.33
C THR A 194 -41.48 -1.11 -33.39
N MET A 195 -41.28 0.09 -33.91
CA MET A 195 -40.81 1.18 -33.05
C MET A 195 -41.78 1.48 -31.90
N HIS A 196 -43.05 1.12 -32.06
CA HIS A 196 -44.03 1.35 -31.01
C HIS A 196 -43.65 0.56 -29.77
N GLU A 197 -43.33 -0.72 -29.97
CA GLU A 197 -42.94 -1.58 -28.86
C GLU A 197 -41.60 -1.14 -28.32
N VAL A 198 -40.72 -0.65 -29.19
CA VAL A 198 -39.41 -0.21 -28.70
C VAL A 198 -39.62 1.02 -27.82
N ASP A 199 -40.49 1.93 -28.26
CA ASP A 199 -40.77 3.13 -27.49
C ASP A 199 -41.54 2.79 -26.24
N ARG A 200 -42.46 1.84 -26.34
CA ARG A 200 -43.29 1.46 -25.20
C ARG A 200 -42.60 0.59 -24.17
N LEU A 201 -41.93 -0.45 -24.62
CA LEU A 201 -41.25 -1.37 -23.70
C LEU A 201 -39.81 -1.00 -23.36
N GLY A 202 -39.12 -0.40 -24.32
CA GLY A 202 -37.72 -0.07 -24.14
C GLY A 202 -36.85 -1.17 -24.74
N MET A 203 -35.73 -0.78 -25.35
CA MET A 203 -34.83 -1.73 -25.99
C MET A 203 -34.40 -2.88 -25.09
N THR A 204 -34.23 -2.59 -23.80
CA THR A 204 -33.80 -3.61 -22.86
C THR A 204 -34.78 -4.77 -22.78
N ARG A 205 -36.05 -4.44 -22.57
CA ARG A 205 -37.10 -5.45 -22.50
C ARG A 205 -37.32 -6.17 -23.84
N VAL A 206 -37.21 -5.44 -24.93
CA VAL A 206 -37.37 -6.02 -26.25
C VAL A 206 -36.25 -7.06 -26.46
N MET A 207 -35.04 -6.70 -26.09
CA MET A 207 -33.89 -7.60 -26.26
C MET A 207 -33.95 -8.80 -25.32
N GLU A 208 -34.39 -8.55 -24.09
CA GLU A 208 -34.53 -9.61 -23.11
C GLU A 208 -35.52 -10.64 -23.61
N GLU A 209 -36.69 -10.15 -24.05
CA GLU A 209 -37.75 -11.01 -24.55
C GLU A 209 -37.33 -11.74 -25.81
N THR A 210 -36.59 -11.04 -26.67
CA THR A 210 -36.12 -11.60 -27.91
C THR A 210 -35.13 -12.72 -27.70
N ILE A 211 -34.17 -12.47 -26.82
CA ILE A 211 -33.14 -13.44 -26.52
C ILE A 211 -33.69 -14.67 -25.84
N ALA A 212 -34.59 -14.46 -24.90
CA ALA A 212 -35.19 -15.57 -24.21
C ALA A 212 -36.03 -16.42 -25.17
N TYR A 213 -36.80 -15.77 -26.03
CA TYR A 213 -37.66 -16.44 -26.99
C TYR A 213 -36.89 -17.38 -27.92
N LEU A 214 -35.88 -16.84 -28.57
CA LEU A 214 -35.08 -17.62 -29.51
C LEU A 214 -34.27 -18.69 -28.78
N LYS A 215 -33.65 -18.31 -27.67
CA LYS A 215 -32.81 -19.24 -26.91
C LYS A 215 -33.61 -20.47 -26.48
N GLU A 216 -34.91 -20.29 -26.29
CA GLU A 216 -35.79 -21.36 -25.87
C GLU A 216 -36.23 -22.31 -26.99
N ARG A 217 -35.88 -22.01 -28.23
CA ARG A 217 -36.31 -22.89 -29.32
C ARG A 217 -35.45 -22.97 -30.58
N THR A 218 -34.21 -22.50 -30.50
CA THR A 218 -33.33 -22.56 -31.66
C THR A 218 -32.00 -23.16 -31.23
N ASP A 219 -31.18 -23.54 -32.22
CA ASP A 219 -29.89 -24.10 -31.89
C ASP A 219 -28.76 -23.25 -32.47
N GLY A 220 -29.13 -22.11 -33.03
CA GLY A 220 -28.18 -21.19 -33.61
C GLY A 220 -28.97 -19.97 -33.99
N VAL A 221 -28.40 -18.77 -33.86
CA VAL A 221 -29.12 -17.56 -34.24
C VAL A 221 -28.33 -16.69 -35.22
N HIS A 222 -28.96 -16.33 -36.33
CA HIS A 222 -28.33 -15.47 -37.33
C HIS A 222 -28.80 -14.02 -37.18
N LEU A 223 -27.85 -13.09 -37.01
CA LEU A 223 -28.15 -11.66 -36.91
C LEU A 223 -28.09 -10.98 -38.26
N SER A 224 -29.23 -10.56 -38.77
CA SER A 224 -29.26 -9.90 -40.06
C SER A 224 -29.50 -8.43 -39.75
N LEU A 225 -28.40 -7.69 -39.61
CA LEU A 225 -28.52 -6.27 -39.28
C LEU A 225 -28.47 -5.29 -40.45
N ASP A 226 -29.61 -4.64 -40.67
CA ASP A 226 -29.74 -3.63 -41.72
C ASP A 226 -29.51 -2.27 -41.06
N LEU A 227 -28.51 -1.55 -41.53
CA LEU A 227 -28.19 -0.25 -40.98
C LEU A 227 -29.33 0.79 -41.01
N ASP A 228 -30.31 0.63 -41.90
CA ASP A 228 -31.45 1.58 -41.94
C ASP A 228 -32.41 1.37 -40.78
N GLY A 229 -32.09 0.37 -39.94
CA GLY A 229 -32.87 0.09 -38.75
C GLY A 229 -32.61 1.20 -37.77
N LEU A 230 -31.46 1.88 -37.92
CA LEU A 230 -31.10 3.02 -37.09
C LEU A 230 -31.70 4.26 -37.74
N ASP A 231 -31.85 5.32 -36.95
CA ASP A 231 -32.40 6.56 -37.47
C ASP A 231 -31.46 7.14 -38.51
N PRO A 232 -32.02 7.72 -39.57
CA PRO A 232 -31.20 8.32 -40.63
C PRO A 232 -30.22 9.37 -40.09
N SER A 233 -30.45 9.88 -38.89
CA SER A 233 -29.55 10.87 -38.30
C SER A 233 -28.30 10.18 -37.78
N ASP A 234 -28.47 8.93 -37.34
CA ASP A 234 -27.37 8.12 -36.84
C ASP A 234 -26.72 7.34 -37.98
N ALA A 235 -27.53 6.85 -38.91
CA ALA A 235 -27.03 6.10 -40.07
C ALA A 235 -27.59 6.72 -41.35
N PRO A 236 -27.03 7.87 -41.78
CA PRO A 236 -27.48 8.57 -42.99
C PRO A 236 -27.25 7.85 -44.31
N GLY A 237 -26.16 7.08 -44.39
CA GLY A 237 -25.81 6.38 -45.62
C GLY A 237 -26.55 5.08 -45.95
N VAL A 238 -27.85 5.17 -46.18
CA VAL A 238 -28.68 4.02 -46.53
C VAL A 238 -29.57 4.42 -47.70
N GLY A 239 -29.90 3.47 -48.57
CA GLY A 239 -30.69 3.76 -49.74
C GLY A 239 -32.17 4.03 -49.49
N THR A 240 -32.76 3.29 -48.55
CA THR A 240 -34.17 3.48 -48.23
C THR A 240 -34.36 3.79 -46.74
N PRO A 241 -33.95 4.99 -46.34
CA PRO A 241 -34.06 5.43 -44.96
C PRO A 241 -35.51 5.71 -44.57
N VAL A 242 -35.79 5.60 -43.28
CA VAL A 242 -37.12 5.83 -42.72
C VAL A 242 -36.90 6.58 -41.39
N ILE A 243 -37.55 7.72 -41.18
CA ILE A 243 -37.34 8.46 -39.94
C ILE A 243 -37.95 7.82 -38.69
N GLY A 244 -37.49 8.28 -37.54
CA GLY A 244 -37.98 7.74 -36.28
C GLY A 244 -37.45 6.34 -36.01
N GLY A 245 -36.13 6.18 -36.15
CA GLY A 245 -35.53 4.88 -35.92
C GLY A 245 -34.78 4.70 -34.62
N LEU A 246 -34.12 3.57 -34.51
CA LEU A 246 -33.35 3.22 -33.32
C LEU A 246 -32.16 4.15 -33.23
N THR A 247 -31.70 4.40 -32.01
CA THR A 247 -30.57 5.27 -31.81
C THR A 247 -29.28 4.49 -31.81
N TYR A 248 -28.18 5.23 -31.79
CA TYR A 248 -26.82 4.69 -31.74
C TYR A 248 -26.68 3.85 -30.45
N ARG A 249 -27.08 4.44 -29.33
CA ARG A 249 -27.02 3.79 -28.04
C ARG A 249 -27.88 2.54 -27.95
N GLU A 250 -29.11 2.61 -28.46
CA GLU A 250 -30.02 1.45 -28.45
C GLU A 250 -29.40 0.31 -29.22
N SER A 251 -28.74 0.64 -30.32
CA SER A 251 -28.08 -0.35 -31.16
C SER A 251 -26.89 -1.00 -30.43
N HIS A 252 -26.13 -0.21 -29.69
CA HIS A 252 -25.01 -0.76 -28.96
C HIS A 252 -25.50 -1.66 -27.83
N LEU A 253 -26.54 -1.21 -27.11
CA LEU A 253 -27.09 -1.99 -26.01
C LEU A 253 -27.54 -3.35 -26.54
N ALA A 254 -28.24 -3.33 -27.68
CA ALA A 254 -28.71 -4.55 -28.33
C ALA A 254 -27.56 -5.51 -28.61
N MET A 255 -26.52 -5.00 -29.26
CA MET A 255 -25.35 -5.80 -29.61
C MET A 255 -24.68 -6.31 -28.35
N GLU A 256 -24.60 -5.45 -27.34
CA GLU A 256 -23.99 -5.80 -26.06
C GLU A 256 -24.76 -6.92 -25.39
N MET A 257 -26.08 -6.82 -25.40
CA MET A 257 -26.92 -7.83 -24.78
C MET A 257 -26.89 -9.17 -25.51
N LEU A 258 -26.63 -9.15 -26.81
CA LEU A 258 -26.56 -10.35 -27.61
C LEU A 258 -25.21 -10.99 -27.33
N ALA A 259 -24.16 -10.16 -27.26
CA ALA A 259 -22.81 -10.64 -26.97
C ALA A 259 -22.86 -11.48 -25.67
N GLU A 260 -23.48 -10.86 -24.66
CA GLU A 260 -23.66 -11.44 -23.35
C GLU A 260 -24.42 -12.76 -23.41
N ALA A 261 -25.48 -12.79 -24.22
CA ALA A 261 -26.33 -13.97 -24.38
C ALA A 261 -25.60 -15.13 -25.05
N GLN A 262 -24.58 -14.80 -25.83
CA GLN A 262 -23.81 -15.80 -26.55
C GLN A 262 -24.69 -16.69 -27.42
N ILE A 263 -25.64 -16.10 -28.15
CA ILE A 263 -26.53 -16.87 -29.02
C ILE A 263 -26.31 -16.66 -30.51
N ILE A 264 -25.61 -15.58 -30.88
CA ILE A 264 -25.36 -15.24 -32.29
C ILE A 264 -24.28 -16.12 -32.91
N THR A 265 -24.69 -16.94 -33.88
CA THR A 265 -23.78 -17.87 -34.53
C THR A 265 -23.34 -17.45 -35.94
N SER A 266 -23.95 -16.38 -36.46
CA SER A 266 -23.59 -15.83 -37.76
C SER A 266 -24.19 -14.43 -37.84
N ALA A 267 -23.62 -13.59 -38.70
CA ALA A 267 -24.16 -12.25 -38.84
C ALA A 267 -23.80 -11.57 -40.15
N GLU A 268 -24.58 -10.55 -40.49
CA GLU A 268 -24.32 -9.79 -41.70
C GLU A 268 -24.81 -8.39 -41.43
N PHE A 269 -24.01 -7.42 -41.88
CA PHE A 269 -24.33 -6.03 -41.75
C PHE A 269 -24.54 -5.54 -43.17
N VAL A 270 -25.76 -5.08 -43.46
CA VAL A 270 -26.12 -4.65 -44.81
C VAL A 270 -26.59 -3.20 -44.99
N GLU A 271 -26.79 -2.86 -46.25
CA GLU A 271 -27.30 -1.57 -46.73
C GLU A 271 -26.41 -0.34 -46.54
N VAL A 272 -25.15 -0.55 -46.21
CA VAL A 272 -24.26 0.59 -46.04
C VAL A 272 -23.95 1.16 -47.43
N ASN A 273 -24.31 2.42 -47.66
CA ASN A 273 -24.04 3.07 -48.93
C ASN A 273 -23.21 4.33 -48.72
N PRO A 274 -21.89 4.27 -49.03
CA PRO A 274 -20.95 5.39 -48.87
C PRO A 274 -21.34 6.62 -49.71
N ILE A 275 -21.94 6.34 -50.85
CA ILE A 275 -22.33 7.39 -51.77
C ILE A 275 -23.53 8.23 -51.33
N LEU A 276 -24.16 7.82 -50.24
CA LEU A 276 -25.31 8.54 -49.71
C LEU A 276 -25.06 8.97 -48.26
N ASP A 277 -23.85 8.73 -47.80
CA ASP A 277 -23.46 8.98 -46.42
C ASP A 277 -22.75 10.33 -46.20
N GLU A 278 -22.41 10.60 -44.94
CA GLU A 278 -21.70 11.80 -44.53
C GLU A 278 -20.38 11.35 -43.94
N ARG A 279 -19.36 11.31 -44.79
CA ARG A 279 -18.02 10.92 -44.39
C ARG A 279 -17.86 9.55 -43.75
N ASN A 280 -18.43 8.52 -44.38
CA ASN A 280 -18.34 7.15 -43.92
C ASN A 280 -18.97 6.87 -42.55
N LYS A 281 -19.80 7.80 -42.07
CA LYS A 281 -20.44 7.67 -40.77
C LYS A 281 -21.17 6.34 -40.55
N THR A 282 -21.92 5.92 -41.55
CA THR A 282 -22.67 4.67 -41.50
C THR A 282 -21.81 3.41 -41.43
N ALA A 283 -20.73 3.37 -42.19
CA ALA A 283 -19.82 2.21 -42.14
C ALA A 283 -19.21 2.17 -40.75
N SER A 284 -18.93 3.35 -40.23
CA SER A 284 -18.35 3.49 -38.93
C SER A 284 -19.26 2.91 -37.87
N VAL A 285 -20.54 3.29 -37.93
CA VAL A 285 -21.50 2.79 -36.96
C VAL A 285 -21.54 1.28 -37.01
N ALA A 286 -21.56 0.73 -38.24
CA ALA A 286 -21.61 -0.72 -38.45
C ALA A 286 -20.42 -1.41 -37.79
N VAL A 287 -19.22 -0.87 -38.00
CA VAL A 287 -18.00 -1.43 -37.41
C VAL A 287 -18.03 -1.39 -35.86
N ALA A 288 -18.53 -0.27 -35.30
CA ALA A 288 -18.64 -0.13 -33.85
C ALA A 288 -19.61 -1.15 -33.29
N LEU A 289 -20.74 -1.32 -33.99
CA LEU A 289 -21.78 -2.29 -33.60
C LEU A 289 -21.23 -3.71 -33.68
N MET A 290 -20.37 -3.96 -34.67
CA MET A 290 -19.76 -5.27 -34.82
C MET A 290 -18.85 -5.52 -33.63
N GLY A 291 -18.14 -4.48 -33.19
CA GLY A 291 -17.26 -4.61 -32.02
C GLY A 291 -17.99 -5.05 -30.76
N SER A 292 -19.16 -4.45 -30.52
CA SER A 292 -20.02 -4.75 -29.38
C SER A 292 -20.56 -6.18 -29.49
N LEU A 293 -21.06 -6.51 -30.67
CA LEU A 293 -21.58 -7.84 -30.93
C LEU A 293 -20.54 -8.89 -30.56
N PHE A 294 -19.29 -8.64 -30.95
CA PHE A 294 -18.20 -9.56 -30.69
C PHE A 294 -17.55 -9.43 -29.34
N GLY A 295 -18.26 -8.80 -28.41
CA GLY A 295 -17.79 -8.69 -27.03
C GLY A 295 -17.03 -7.50 -26.51
N GLU A 296 -16.87 -6.48 -27.32
CA GLU A 296 -16.15 -5.28 -26.89
C GLU A 296 -16.98 -4.67 -25.76
N LYS A 297 -16.33 -4.26 -24.67
CA LYS A 297 -17.03 -3.67 -23.53
C LYS A 297 -16.38 -2.38 -23.03
N LEU A 298 -17.20 -1.52 -22.43
CA LEU A 298 -16.73 -0.23 -21.92
C LEU A 298 -15.89 -0.35 -20.64
N MET A 299 -16.20 -1.38 -19.87
CA MET A 299 -15.51 -1.68 -18.61
C MET A 299 -14.96 -3.10 -18.66
N LYS B 2 -27.54 26.80 2.06
CA LYS B 2 -26.14 27.16 2.44
C LYS B 2 -25.55 28.04 1.35
N PRO B 3 -24.88 29.15 1.74
CA PRO B 3 -24.26 30.12 0.82
C PRO B 3 -23.24 29.45 -0.07
N ILE B 4 -23.13 29.92 -1.30
CA ILE B 4 -22.22 29.34 -2.28
C ILE B 4 -21.02 30.27 -2.53
N SER B 5 -19.86 29.68 -2.76
CA SER B 5 -18.63 30.42 -3.08
C SER B 5 -18.06 29.83 -4.35
N ILE B 6 -17.96 30.67 -5.37
CA ILE B 6 -17.42 30.27 -6.65
C ILE B 6 -15.93 30.53 -6.72
N ILE B 7 -15.19 29.50 -7.17
CA ILE B 7 -13.75 29.60 -7.36
C ILE B 7 -13.41 29.10 -8.75
N GLY B 8 -12.93 30.00 -9.61
CA GLY B 8 -12.53 29.60 -10.95
C GLY B 8 -11.11 29.08 -10.93
N VAL B 9 -10.85 28.03 -11.71
CA VAL B 9 -9.52 27.43 -11.78
C VAL B 9 -9.18 27.33 -13.26
N PRO B 10 -8.59 28.38 -13.83
CA PRO B 10 -8.19 28.46 -15.25
C PRO B 10 -7.04 27.53 -15.58
N MET B 11 -7.30 26.24 -15.46
CA MET B 11 -6.30 25.20 -15.69
C MET B 11 -6.41 24.44 -17.02
N ASP B 12 -5.28 24.29 -17.72
CA ASP B 12 -5.26 23.49 -18.96
C ASP B 12 -4.03 22.60 -19.03
N LEU B 13 -3.19 22.71 -18.00
CA LEU B 13 -1.95 21.95 -17.88
C LEU B 13 -2.20 20.48 -17.60
N GLY B 14 -3.45 20.13 -17.33
CA GLY B 14 -3.79 18.75 -17.04
C GLY B 14 -3.95 17.93 -18.30
N GLN B 15 -3.96 18.61 -19.45
CA GLN B 15 -4.10 17.97 -20.74
C GLN B 15 -3.44 18.84 -21.81
N THR B 16 -3.69 18.54 -23.07
CA THR B 16 -3.02 19.28 -24.15
C THR B 16 -3.75 20.27 -24.98
N ARG B 17 -5.08 20.21 -24.98
CA ARG B 17 -5.88 21.13 -25.76
C ARG B 17 -5.96 22.45 -25.01
N ARG B 18 -5.47 23.51 -25.65
CA ARG B 18 -5.50 24.81 -25.02
C ARG B 18 -6.91 25.37 -25.08
N GLY B 19 -7.21 26.30 -24.17
CA GLY B 19 -8.54 26.91 -24.16
C GLY B 19 -9.37 26.53 -22.97
N VAL B 20 -9.20 25.31 -22.45
CA VAL B 20 -9.98 24.85 -21.30
C VAL B 20 -9.74 25.75 -20.05
N ASP B 21 -8.74 26.61 -20.15
CA ASP B 21 -8.45 27.55 -19.07
C ASP B 21 -9.45 28.71 -19.13
N MET B 22 -10.19 28.78 -20.22
CA MET B 22 -11.20 29.81 -20.42
C MET B 22 -12.57 29.37 -19.91
N GLY B 23 -12.65 28.10 -19.49
CA GLY B 23 -13.89 27.53 -18.95
C GLY B 23 -14.55 28.35 -17.85
N PRO B 24 -13.79 28.80 -16.82
CA PRO B 24 -14.38 29.59 -15.73
C PRO B 24 -15.11 30.86 -16.20
N SER B 25 -14.49 31.64 -17.09
CA SER B 25 -15.13 32.85 -17.58
C SER B 25 -16.25 32.58 -18.58
N ALA B 26 -16.16 31.46 -19.29
CA ALA B 26 -17.18 31.11 -20.25
C ALA B 26 -18.48 30.83 -19.48
N MET B 27 -18.35 30.11 -18.36
CA MET B 27 -19.50 29.81 -17.51
C MET B 27 -20.03 31.07 -16.78
N ARG B 28 -19.12 31.95 -16.35
CA ARG B 28 -19.54 33.18 -15.72
C ARG B 28 -20.33 33.97 -16.76
N TYR B 29 -19.82 33.99 -18.00
CA TYR B 29 -20.49 34.70 -19.09
C TYR B 29 -21.75 33.98 -19.49
N ALA B 30 -21.84 32.69 -19.21
CA ALA B 30 -23.04 31.92 -19.52
C ALA B 30 -24.08 32.22 -18.42
N GLY B 31 -23.71 33.07 -17.46
CA GLY B 31 -24.63 33.48 -16.41
C GLY B 31 -24.81 32.67 -15.14
N VAL B 32 -23.72 32.13 -14.61
CA VAL B 32 -23.79 31.30 -13.42
C VAL B 32 -24.28 32.04 -12.17
N ILE B 33 -23.82 33.28 -12.00
CA ILE B 33 -24.21 34.06 -10.85
C ILE B 33 -25.72 34.38 -10.86
N GLU B 34 -26.17 34.92 -11.97
CA GLU B 34 -27.57 35.31 -12.14
C GLU B 34 -28.47 34.12 -11.92
N ARG B 35 -28.09 32.99 -12.50
CA ARG B 35 -28.84 31.77 -12.39
C ARG B 35 -29.06 31.36 -10.92
N LEU B 36 -27.98 31.39 -10.16
CA LEU B 36 -28.02 30.98 -8.77
C LEU B 36 -28.64 32.00 -7.83
N GLU B 37 -28.52 33.26 -8.18
CA GLU B 37 -29.10 34.31 -7.34
C GLU B 37 -30.61 34.18 -7.41
N ARG B 38 -31.12 33.82 -8.58
CA ARG B 38 -32.56 33.69 -8.79
C ARG B 38 -33.18 32.64 -7.87
N LEU B 39 -32.36 31.69 -7.44
CA LEU B 39 -32.82 30.62 -6.55
C LEU B 39 -32.63 31.09 -5.12
N HIS B 40 -32.47 32.40 -5.02
CA HIS B 40 -32.30 33.07 -3.74
C HIS B 40 -31.10 32.67 -2.92
N TYR B 41 -30.00 32.33 -3.58
CA TYR B 41 -28.78 31.96 -2.89
C TYR B 41 -27.90 33.15 -2.61
N ASP B 42 -27.08 33.00 -1.57
CA ASP B 42 -26.08 34.02 -1.21
C ASP B 42 -24.83 33.54 -1.97
N ILE B 43 -24.73 33.96 -3.23
CA ILE B 43 -23.63 33.56 -4.08
C ILE B 43 -22.52 34.59 -4.04
N GLU B 44 -21.29 34.10 -3.96
CA GLU B 44 -20.08 34.91 -3.88
C GLU B 44 -19.05 34.37 -4.84
N ASP B 45 -18.38 35.25 -5.58
CA ASP B 45 -17.35 34.83 -6.53
C ASP B 45 -15.97 35.20 -6.00
N LEU B 46 -15.20 34.19 -5.60
CA LEU B 46 -13.86 34.43 -5.07
C LEU B 46 -12.78 34.59 -6.15
N GLY B 47 -13.21 34.79 -7.39
CA GLY B 47 -12.25 34.94 -8.48
C GLY B 47 -11.61 33.63 -8.92
N ASP B 48 -10.39 33.74 -9.43
CA ASP B 48 -9.65 32.58 -9.93
C ASP B 48 -8.32 32.27 -9.22
N ILE B 49 -7.96 30.99 -9.25
CA ILE B 49 -6.71 30.52 -8.66
C ILE B 49 -5.61 30.85 -9.68
N PRO B 50 -4.54 31.48 -9.22
CA PRO B 50 -3.41 31.85 -10.08
C PRO B 50 -2.70 30.58 -10.51
N ILE B 51 -2.63 30.36 -11.82
CA ILE B 51 -1.98 29.17 -12.35
C ILE B 51 -0.68 29.59 -13.01
N GLY B 52 0.42 28.93 -12.65
CA GLY B 52 1.73 29.23 -13.23
C GLY B 52 2.02 28.37 -14.44
N LYS B 53 2.59 28.99 -15.48
CA LYS B 53 2.94 28.31 -16.72
C LYS B 53 3.95 27.19 -16.46
N ALA B 54 3.67 26.02 -17.01
CA ALA B 54 4.55 24.87 -16.84
C ALA B 54 5.78 24.99 -17.71
N GLU B 55 6.93 24.65 -17.13
CA GLU B 55 8.21 24.70 -17.83
C GLU B 55 8.32 23.56 -18.86
N ARG B 56 9.14 23.80 -19.88
CA ARG B 56 9.38 22.86 -20.96
C ARG B 56 9.48 21.41 -20.51
N LEU B 57 8.75 20.55 -21.21
CA LEU B 57 8.72 19.12 -20.92
C LEU B 57 10.14 18.55 -20.88
N HIS B 58 10.96 18.99 -21.83
CA HIS B 58 12.33 18.53 -21.91
C HIS B 58 13.20 19.08 -20.78
N GLU B 59 12.86 20.26 -20.25
CA GLU B 59 13.65 20.83 -19.16
C GLU B 59 13.28 20.27 -17.79
N GLN B 60 11.99 20.20 -17.47
CA GLN B 60 11.60 19.60 -16.19
C GLN B 60 11.06 18.20 -16.44
N GLY B 61 11.49 17.28 -15.58
CA GLY B 61 11.10 15.89 -15.70
C GLY B 61 9.66 15.56 -15.44
N ASP B 62 8.84 15.49 -16.49
CA ASP B 62 7.41 15.22 -16.36
C ASP B 62 6.77 14.84 -17.72
N SER B 63 6.73 13.55 -18.08
CA SER B 63 6.15 13.12 -19.36
C SER B 63 5.06 12.09 -19.18
N ARG B 64 5.23 11.21 -18.22
CA ARG B 64 4.17 10.28 -17.89
C ARG B 64 3.36 11.10 -16.91
N LEU B 65 3.93 12.26 -16.55
CA LEU B 65 3.34 13.20 -15.63
C LEU B 65 3.63 14.60 -16.12
N ARG B 66 3.13 14.93 -17.31
CA ARG B 66 3.33 16.25 -17.89
C ARG B 66 2.89 17.40 -17.00
N ASN B 67 3.71 18.45 -16.95
CA ASN B 67 3.42 19.65 -16.16
C ASN B 67 3.12 19.42 -14.67
N LEU B 68 3.71 18.36 -14.11
CA LEU B 68 3.48 18.00 -12.72
C LEU B 68 3.68 19.11 -11.70
N LYS B 69 4.72 19.90 -11.87
CA LYS B 69 5.02 20.96 -10.90
C LYS B 69 3.92 21.99 -10.88
N ALA B 70 3.63 22.55 -12.05
CA ALA B 70 2.60 23.55 -12.21
C ALA B 70 1.21 23.05 -11.80
N VAL B 71 0.91 21.80 -12.13
CA VAL B 71 -0.39 21.19 -11.79
C VAL B 71 -0.47 20.90 -10.28
N ALA B 72 0.63 20.45 -9.70
CA ALA B 72 0.66 20.18 -8.28
C ALA B 72 0.52 21.44 -7.44
N GLU B 73 1.18 22.52 -7.83
CA GLU B 73 1.12 23.75 -7.06
C GLU B 73 -0.19 24.51 -7.21
N ALA B 74 -0.76 24.49 -8.41
CA ALA B 74 -2.03 25.16 -8.63
C ALA B 74 -3.06 24.46 -7.76
N ASN B 75 -3.00 23.13 -7.70
CA ASN B 75 -3.92 22.34 -6.88
C ASN B 75 -3.69 22.58 -5.38
N GLU B 76 -2.49 23.00 -5.00
CA GLU B 76 -2.20 23.30 -3.60
C GLU B 76 -2.98 24.54 -3.22
N LYS B 77 -2.91 25.54 -4.11
CA LYS B 77 -3.59 26.78 -3.91
C LYS B 77 -5.11 26.56 -3.85
N LEU B 78 -5.60 25.74 -4.78
CA LEU B 78 -7.03 25.42 -4.86
C LEU B 78 -7.48 24.73 -3.59
N ALA B 79 -6.67 23.79 -3.12
CA ALA B 79 -6.97 23.07 -1.89
C ALA B 79 -7.17 24.05 -0.73
N ALA B 80 -6.28 25.03 -0.62
CA ALA B 80 -6.38 26.01 0.45
C ALA B 80 -7.64 26.85 0.34
N ALA B 81 -7.89 27.37 -0.85
CA ALA B 81 -9.05 28.19 -1.12
C ALA B 81 -10.33 27.47 -0.76
N VAL B 82 -10.44 26.23 -1.22
CA VAL B 82 -11.60 25.39 -0.98
C VAL B 82 -11.76 25.06 0.51
N ASP B 83 -10.65 24.78 1.18
CA ASP B 83 -10.64 24.45 2.61
C ASP B 83 -11.22 25.62 3.41
N GLN B 84 -10.81 26.82 3.04
CA GLN B 84 -11.26 28.02 3.70
C GLN B 84 -12.76 28.27 3.50
N VAL B 85 -13.26 28.03 2.29
CA VAL B 85 -14.69 28.20 1.99
C VAL B 85 -15.54 27.27 2.87
N VAL B 86 -15.12 26.02 2.99
CA VAL B 86 -15.82 25.04 3.80
C VAL B 86 -15.78 25.49 5.25
N GLN B 87 -14.62 25.94 5.69
CA GLN B 87 -14.47 26.41 7.07
C GLN B 87 -15.44 27.52 7.37
N ARG B 88 -15.64 28.41 6.39
CA ARG B 88 -16.55 29.54 6.55
C ARG B 88 -18.01 29.13 6.53
N GLY B 89 -18.28 27.85 6.33
CA GLY B 89 -19.63 27.33 6.29
C GLY B 89 -20.33 27.50 4.95
N ARG B 90 -19.54 27.70 3.90
CA ARG B 90 -20.07 27.86 2.56
C ARG B 90 -19.83 26.62 1.68
N PHE B 91 -20.64 26.49 0.64
CA PHE B 91 -20.56 25.37 -0.32
C PHE B 91 -19.55 25.81 -1.38
N PRO B 92 -18.53 24.96 -1.63
CA PRO B 92 -17.52 25.31 -2.65
C PRO B 92 -17.93 24.85 -4.03
N LEU B 93 -18.12 25.79 -4.95
CA LEU B 93 -18.50 25.46 -6.32
C LEU B 93 -17.30 25.85 -7.17
N VAL B 94 -16.57 24.84 -7.62
CA VAL B 94 -15.37 25.03 -8.42
C VAL B 94 -15.66 24.95 -9.93
N LEU B 95 -15.20 25.95 -10.68
CA LEU B 95 -15.39 26.01 -12.13
C LEU B 95 -14.06 25.84 -12.83
N GLY B 96 -13.95 24.78 -13.64
CA GLY B 96 -12.72 24.51 -14.35
C GLY B 96 -12.72 24.95 -15.81
N GLY B 97 -11.63 24.71 -16.54
CA GLY B 97 -10.46 24.03 -15.99
C GLY B 97 -10.53 22.55 -16.29
N ASP B 98 -9.41 21.91 -16.60
CA ASP B 98 -9.45 20.48 -16.89
C ASP B 98 -9.65 19.71 -15.61
N HIS B 99 -9.96 18.43 -15.74
CA HIS B 99 -10.24 17.59 -14.59
C HIS B 99 -9.17 17.39 -13.51
N SER B 100 -7.92 17.76 -13.81
CA SER B 100 -6.86 17.59 -12.81
C SER B 100 -7.11 18.44 -11.59
N ILE B 101 -7.98 19.44 -11.72
CA ILE B 101 -8.29 20.32 -10.58
C ILE B 101 -9.09 19.62 -9.50
N ALA B 102 -9.64 18.45 -9.80
CA ALA B 102 -10.39 17.68 -8.82
C ALA B 102 -9.46 17.35 -7.65
N ILE B 103 -8.18 17.15 -7.96
CA ILE B 103 -7.16 16.85 -6.94
C ILE B 103 -7.13 17.92 -5.84
N GLY B 104 -7.18 19.19 -6.23
CA GLY B 104 -7.19 20.28 -5.26
C GLY B 104 -8.52 20.44 -4.54
N THR B 105 -9.63 20.33 -5.28
CA THR B 105 -10.98 20.45 -4.71
C THR B 105 -11.21 19.41 -3.62
N LEU B 106 -10.98 18.14 -3.93
CA LEU B 106 -11.17 17.06 -2.97
C LEU B 106 -10.20 17.19 -1.81
N ALA B 107 -9.03 17.79 -2.07
CA ALA B 107 -8.01 17.99 -1.04
C ALA B 107 -8.45 18.99 0.02
N GLY B 108 -9.28 19.96 -0.40
CA GLY B 108 -9.78 20.96 0.53
C GLY B 108 -11.10 20.60 1.19
N VAL B 109 -11.80 19.63 0.63
CA VAL B 109 -13.10 19.25 1.14
C VAL B 109 -13.10 18.02 2.03
N ALA B 110 -12.42 16.99 1.55
CA ALA B 110 -12.36 15.71 2.25
C ALA B 110 -11.95 15.75 3.73
N LYS B 111 -10.96 16.56 4.09
CA LYS B 111 -10.50 16.64 5.48
C LYS B 111 -11.65 17.00 6.40
N HIS B 112 -12.72 17.57 5.85
CA HIS B 112 -13.88 17.97 6.65
C HIS B 112 -14.98 16.91 6.78
N TYR B 113 -14.73 15.70 6.29
CA TYR B 113 -15.76 14.66 6.32
C TYR B 113 -15.20 13.33 6.76
N GLU B 114 -15.96 12.61 7.59
CA GLU B 114 -15.55 11.32 8.09
C GLU B 114 -15.49 10.31 6.95
N ARG B 115 -16.45 10.42 6.03
CA ARG B 115 -16.59 9.52 4.89
C ARG B 115 -17.20 10.25 3.71
N LEU B 116 -16.39 11.01 2.99
CA LEU B 116 -16.86 11.76 1.84
C LEU B 116 -17.03 10.85 0.65
N GLY B 117 -18.19 10.92 0.02
CA GLY B 117 -18.48 10.13 -1.15
C GLY B 117 -18.26 11.00 -2.38
N VAL B 118 -18.12 10.37 -3.53
CA VAL B 118 -17.88 11.08 -4.77
C VAL B 118 -18.66 10.53 -5.96
N ILE B 119 -19.40 11.41 -6.63
CA ILE B 119 -20.11 10.99 -7.84
C ILE B 119 -19.26 11.56 -8.97
N TRP B 120 -18.69 10.68 -9.78
CA TRP B 120 -17.83 11.10 -10.88
C TRP B 120 -18.61 10.96 -12.20
N TYR B 121 -19.21 12.06 -12.63
CA TYR B 121 -20.00 12.12 -13.85
C TYR B 121 -19.01 12.40 -15.01
N ASP B 122 -18.73 11.36 -15.82
CA ASP B 122 -17.70 11.48 -16.84
C ASP B 122 -17.76 10.36 -17.88
N ALA B 123 -17.10 10.60 -19.02
CA ALA B 123 -16.99 9.58 -20.08
C ALA B 123 -15.78 8.70 -19.75
N HIS B 124 -14.90 9.24 -18.90
CA HIS B 124 -13.67 8.57 -18.48
C HIS B 124 -13.68 8.22 -17.00
N GLY B 125 -12.70 7.41 -16.59
CA GLY B 125 -12.58 7.01 -15.20
C GLY B 125 -11.63 7.90 -14.42
N ASP B 126 -10.64 8.45 -15.11
CA ASP B 126 -9.65 9.34 -14.50
C ASP B 126 -8.93 8.65 -13.35
N VAL B 127 -8.67 7.36 -13.53
CA VAL B 127 -7.99 6.55 -12.52
C VAL B 127 -6.65 6.00 -12.99
N ASN B 128 -5.99 6.73 -13.87
CA ASN B 128 -4.70 6.33 -14.38
C ASN B 128 -3.58 6.82 -13.48
N THR B 129 -2.41 6.18 -13.61
CA THR B 129 -1.20 6.53 -12.86
C THR B 129 -0.14 6.75 -13.92
N ALA B 130 1.02 7.28 -13.52
CA ALA B 130 2.12 7.49 -14.47
C ALA B 130 2.42 6.16 -15.19
N GLU B 131 2.29 5.06 -14.47
CA GLU B 131 2.54 3.76 -15.03
C GLU B 131 1.46 3.37 -16.03
N THR B 132 0.19 3.56 -15.70
CA THR B 132 -0.90 3.16 -16.62
C THR B 132 -1.35 4.20 -17.65
N SER B 133 -0.96 5.45 -17.43
CA SER B 133 -1.38 6.50 -18.33
C SER B 133 -0.84 6.33 -19.73
N PRO B 134 -1.72 6.39 -20.74
CA PRO B 134 -1.29 6.25 -22.13
C PRO B 134 -0.92 7.61 -22.75
N SER B 135 -1.20 8.70 -22.02
CA SER B 135 -0.96 10.04 -22.52
C SER B 135 -0.04 10.91 -21.69
N GLY B 136 0.05 10.63 -20.40
CA GLY B 136 0.86 11.43 -19.51
C GLY B 136 0.09 12.65 -19.06
N ASN B 137 -1.19 12.70 -19.43
CA ASN B 137 -2.07 13.82 -19.04
C ASN B 137 -2.64 13.63 -17.66
N ILE B 138 -2.28 14.54 -16.77
CA ILE B 138 -2.71 14.49 -15.37
C ILE B 138 -4.22 14.58 -15.16
N HIS B 139 -4.95 15.09 -16.16
CA HIS B 139 -6.40 15.19 -16.03
C HIS B 139 -7.01 13.80 -16.11
N GLY B 140 -6.19 12.80 -16.43
CA GLY B 140 -6.66 11.43 -16.49
C GLY B 140 -6.28 10.64 -15.25
N MET B 141 -5.81 11.34 -14.22
CA MET B 141 -5.38 10.73 -12.97
C MET B 141 -5.96 11.29 -11.64
N PRO B 142 -6.77 12.37 -11.67
CA PRO B 142 -7.31 12.91 -10.40
C PRO B 142 -8.07 11.99 -9.43
N LEU B 143 -8.86 11.06 -9.95
CA LEU B 143 -9.61 10.15 -9.09
C LEU B 143 -8.70 9.15 -8.41
N ALA B 144 -7.76 8.57 -9.17
CA ALA B 144 -6.79 7.62 -8.59
C ALA B 144 -5.93 8.33 -7.55
N ALA B 145 -5.46 9.51 -7.90
CA ALA B 145 -4.62 10.30 -7.03
C ALA B 145 -5.37 10.64 -5.75
N SER B 146 -6.66 10.94 -5.86
CA SER B 146 -7.49 11.26 -4.70
C SER B 146 -7.75 10.01 -3.83
N LEU B 147 -7.74 8.85 -4.47
CA LEU B 147 -7.92 7.59 -3.77
C LEU B 147 -6.61 7.14 -3.14
N GLY B 148 -5.56 7.96 -3.32
CA GLY B 148 -4.23 7.70 -2.78
C GLY B 148 -3.28 6.92 -3.68
N PHE B 149 -3.59 6.88 -4.98
CA PHE B 149 -2.76 6.16 -5.94
C PHE B 149 -2.10 7.05 -7.01
N GLY B 150 -0.78 7.13 -6.93
CA GLY B 150 -0.04 7.94 -7.87
C GLY B 150 1.14 8.67 -7.24
N HIS B 151 1.68 9.60 -8.01
CA HIS B 151 2.83 10.40 -7.61
C HIS B 151 2.47 11.16 -6.36
N PRO B 152 3.38 11.15 -5.40
CA PRO B 152 3.21 11.82 -4.12
C PRO B 152 2.93 13.29 -4.27
N ALA B 153 3.47 13.90 -5.33
CA ALA B 153 3.23 15.32 -5.58
C ALA B 153 1.73 15.57 -5.78
N LEU B 154 1.03 14.52 -6.21
CA LEU B 154 -0.40 14.62 -6.42
C LEU B 154 -1.22 14.01 -5.29
N THR B 155 -0.74 12.92 -4.72
CA THR B 155 -1.48 12.26 -3.65
C THR B 155 -1.40 12.93 -2.30
N GLN B 156 -0.37 13.75 -2.10
CA GLN B 156 -0.18 14.43 -0.83
C GLN B 156 -0.66 15.87 -0.77
N ILE B 157 -1.37 16.32 -1.80
CA ILE B 157 -1.88 17.69 -1.80
C ILE B 157 -2.72 17.87 -0.52
N GLY B 158 -2.46 18.98 0.19
CA GLY B 158 -3.20 19.27 1.41
C GLY B 158 -2.61 18.62 2.66
N GLY B 159 -1.48 17.94 2.49
CA GLY B 159 -0.84 17.30 3.61
C GLY B 159 -1.50 16.04 4.16
N TYR B 160 -2.25 15.31 3.33
CA TYR B 160 -2.91 14.09 3.80
C TYR B 160 -3.42 13.25 2.65
N SER B 161 -3.64 11.97 2.92
CA SER B 161 -4.18 11.03 1.93
C SER B 161 -4.53 9.68 2.55
N PRO B 162 -5.47 8.95 1.91
CA PRO B 162 -6.16 9.37 0.70
C PRO B 162 -7.29 10.30 1.09
N LYS B 163 -7.82 11.04 0.13
CA LYS B 163 -8.93 11.94 0.40
C LYS B 163 -10.24 11.18 0.51
N ILE B 164 -10.36 10.06 -0.21
CA ILE B 164 -11.58 9.26 -0.22
C ILE B 164 -11.26 7.77 -0.33
N LYS B 165 -12.28 6.93 -0.10
CA LYS B 165 -12.15 5.47 -0.19
C LYS B 165 -12.95 5.00 -1.42
N PRO B 166 -12.46 3.98 -2.13
CA PRO B 166 -13.08 3.41 -3.34
C PRO B 166 -14.54 3.03 -3.18
N GLU B 167 -14.91 2.55 -2.02
CA GLU B 167 -16.27 2.12 -1.75
C GLU B 167 -17.22 3.30 -1.61
N HIS B 168 -16.67 4.51 -1.63
CA HIS B 168 -17.51 5.69 -1.50
C HIS B 168 -17.54 6.46 -2.80
N VAL B 169 -17.11 5.82 -3.88
CA VAL B 169 -17.09 6.44 -5.20
C VAL B 169 -18.07 5.76 -6.15
N VAL B 170 -18.78 6.57 -6.93
CA VAL B 170 -19.72 6.06 -7.94
C VAL B 170 -19.46 6.77 -9.28
N LEU B 171 -19.03 6.00 -10.27
CA LEU B 171 -18.77 6.54 -11.60
C LEU B 171 -20.05 6.44 -12.42
N ILE B 172 -20.35 7.47 -13.21
CA ILE B 172 -21.54 7.47 -14.05
C ILE B 172 -21.26 8.03 -15.44
N GLY B 173 -21.75 7.32 -16.46
CA GLY B 173 -21.59 7.74 -17.85
C GLY B 173 -20.32 7.32 -18.56
N VAL B 174 -19.50 6.51 -17.88
CA VAL B 174 -18.22 6.03 -18.42
C VAL B 174 -18.36 5.22 -19.70
N ARG B 175 -17.53 5.54 -20.68
CA ARG B 175 -17.58 4.84 -21.95
C ARG B 175 -16.21 4.79 -22.61
N SER B 176 -15.18 5.18 -21.88
CA SER B 176 -13.81 5.18 -22.41
C SER B 176 -12.81 4.98 -21.27
N LEU B 177 -12.42 3.73 -21.07
CA LEU B 177 -11.48 3.36 -20.03
C LEU B 177 -10.21 2.70 -20.57
N ASP B 178 -9.06 3.06 -20.02
CA ASP B 178 -7.82 2.44 -20.45
C ASP B 178 -7.74 1.09 -19.72
N GLU B 179 -6.96 0.16 -20.27
CA GLU B 179 -6.85 -1.17 -19.69
C GLU B 179 -6.44 -1.15 -18.25
N GLY B 180 -5.44 -0.33 -17.94
CA GLY B 180 -5.00 -0.24 -16.57
C GLY B 180 -6.15 0.22 -15.70
N GLU B 181 -6.94 1.17 -16.20
CA GLU B 181 -8.08 1.71 -15.49
C GLU B 181 -9.16 0.65 -15.26
N LYS B 182 -9.44 -0.16 -16.27
CA LYS B 182 -10.46 -1.19 -16.15
C LYS B 182 -10.09 -2.13 -15.00
N LYS B 183 -8.80 -2.42 -14.91
CA LYS B 183 -8.25 -3.29 -13.89
C LYS B 183 -8.33 -2.61 -12.53
N PHE B 184 -8.02 -1.31 -12.49
CA PHE B 184 -8.08 -0.51 -11.25
C PHE B 184 -9.47 -0.50 -10.66
N ILE B 185 -10.44 -0.15 -11.50
CA ILE B 185 -11.83 -0.11 -11.09
C ILE B 185 -12.25 -1.48 -10.56
N ARG B 186 -11.93 -2.51 -11.32
CA ARG B 186 -12.24 -3.91 -11.01
C ARG B 186 -11.72 -4.31 -9.65
N GLU B 187 -10.43 -4.06 -9.44
CA GLU B 187 -9.74 -4.42 -8.21
C GLU B 187 -10.00 -3.55 -6.99
N LYS B 188 -10.14 -2.25 -7.19
CA LYS B 188 -10.42 -1.37 -6.06
C LYS B 188 -11.90 -1.49 -5.70
N GLY B 189 -12.65 -2.16 -6.56
CA GLY B 189 -14.08 -2.34 -6.34
C GLY B 189 -14.89 -1.07 -6.36
N ILE B 190 -14.60 -0.19 -7.32
CA ILE B 190 -15.32 1.08 -7.47
C ILE B 190 -16.63 0.82 -8.18
N LYS B 191 -17.73 1.37 -7.65
CA LYS B 191 -19.07 1.23 -8.22
C LYS B 191 -19.11 2.08 -9.49
N ILE B 192 -19.56 1.47 -10.59
CA ILE B 192 -19.57 2.16 -11.88
C ILE B 192 -20.76 1.84 -12.79
N TYR B 193 -21.28 2.90 -13.43
CA TYR B 193 -22.38 2.77 -14.35
C TYR B 193 -21.91 3.29 -15.68
N THR B 194 -21.44 2.40 -16.54
CA THR B 194 -21.02 2.83 -17.85
C THR B 194 -22.32 3.11 -18.64
N MET B 195 -22.18 3.51 -19.89
CA MET B 195 -23.33 3.81 -20.72
C MET B 195 -24.22 2.58 -20.92
N HIS B 196 -23.64 1.38 -20.82
CA HIS B 196 -24.41 0.13 -20.96
C HIS B 196 -25.44 0.07 -19.85
N GLU B 197 -25.02 0.38 -18.62
CA GLU B 197 -25.92 0.37 -17.49
C GLU B 197 -26.93 1.51 -17.60
N VAL B 198 -26.48 2.65 -18.10
CA VAL B 198 -27.41 3.75 -18.27
C VAL B 198 -28.45 3.37 -19.34
N ASP B 199 -28.02 2.74 -20.43
CA ASP B 199 -28.94 2.32 -21.48
C ASP B 199 -29.84 1.18 -21.01
N ARG B 200 -29.28 0.27 -20.22
CA ARG B 200 -30.02 -0.89 -19.74
C ARG B 200 -31.00 -0.62 -18.60
N LEU B 201 -30.54 0.11 -17.58
CA LEU B 201 -31.36 0.42 -16.42
C LEU B 201 -32.14 1.71 -16.53
N GLY B 202 -31.53 2.71 -17.16
CA GLY B 202 -32.14 4.02 -17.30
C GLY B 202 -31.56 4.96 -16.27
N MET B 203 -31.43 6.23 -16.61
CA MET B 203 -30.86 7.21 -15.69
C MET B 203 -31.56 7.29 -14.34
N THR B 204 -32.87 7.13 -14.32
CA THR B 204 -33.61 7.18 -13.05
C THR B 204 -33.12 6.14 -12.06
N ARG B 205 -33.02 4.92 -12.54
CA ARG B 205 -32.57 3.75 -11.80
C ARG B 205 -31.12 3.94 -11.33
N VAL B 206 -30.29 4.39 -12.24
CA VAL B 206 -28.88 4.60 -11.94
C VAL B 206 -28.70 5.62 -10.81
N MET B 207 -29.47 6.70 -10.87
CA MET B 207 -29.43 7.76 -9.89
C MET B 207 -30.04 7.34 -8.57
N GLU B 208 -31.12 6.56 -8.64
CA GLU B 208 -31.76 6.04 -7.43
C GLU B 208 -30.77 5.15 -6.66
N GLU B 209 -30.17 4.22 -7.39
CA GLU B 209 -29.20 3.29 -6.81
C GLU B 209 -27.96 4.02 -6.28
N THR B 210 -27.51 5.04 -6.99
CA THR B 210 -26.35 5.82 -6.63
C THR B 210 -26.57 6.61 -5.35
N ILE B 211 -27.67 7.34 -5.32
CA ILE B 211 -28.02 8.15 -4.18
C ILE B 211 -28.19 7.32 -2.94
N ALA B 212 -28.90 6.20 -3.07
CA ALA B 212 -29.16 5.32 -1.93
C ALA B 212 -27.85 4.70 -1.39
N TYR B 213 -26.98 4.29 -2.30
CA TYR B 213 -25.68 3.70 -1.98
C TYR B 213 -24.82 4.66 -1.15
N LEU B 214 -24.54 5.83 -1.70
CA LEU B 214 -23.73 6.82 -1.00
C LEU B 214 -24.41 7.33 0.26
N LYS B 215 -25.73 7.59 0.19
CA LYS B 215 -26.46 8.10 1.35
C LYS B 215 -26.33 7.14 2.53
N GLU B 216 -26.26 5.85 2.23
CA GLU B 216 -26.16 4.85 3.28
C GLU B 216 -24.78 4.73 3.91
N ARG B 217 -23.78 5.38 3.36
CA ARG B 217 -22.44 5.21 3.92
C ARG B 217 -21.46 6.39 3.87
N THR B 218 -21.97 7.58 3.64
CA THR B 218 -21.11 8.76 3.58
C THR B 218 -21.74 9.89 4.42
N ASP B 219 -20.95 10.92 4.73
CA ASP B 219 -21.45 12.05 5.50
C ASP B 219 -21.37 13.35 4.69
N GLY B 220 -21.05 13.19 3.42
CA GLY B 220 -20.96 14.31 2.50
C GLY B 220 -20.69 13.70 1.14
N VAL B 221 -21.17 14.33 0.06
CA VAL B 221 -20.94 13.83 -1.29
C VAL B 221 -20.53 14.97 -2.20
N HIS B 222 -19.38 14.78 -2.84
CA HIS B 222 -18.84 15.76 -3.76
C HIS B 222 -19.20 15.36 -5.20
N LEU B 223 -19.77 16.29 -5.95
CA LEU B 223 -20.13 16.02 -7.34
C LEU B 223 -19.03 16.54 -8.23
N SER B 224 -18.39 15.61 -8.95
CA SER B 224 -17.34 16.00 -9.86
C SER B 224 -17.91 15.77 -11.23
N LEU B 225 -18.51 16.82 -11.79
CA LEU B 225 -19.10 16.73 -13.13
C LEU B 225 -18.24 17.22 -14.30
N ASP B 226 -17.85 16.28 -15.15
CA ASP B 226 -17.06 16.53 -16.34
C ASP B 226 -18.05 16.65 -17.49
N LEU B 227 -18.10 17.82 -18.12
CA LEU B 227 -19.02 18.04 -19.23
C LEU B 227 -18.91 17.02 -20.36
N ASP B 228 -17.76 16.36 -20.52
CA ASP B 228 -17.60 15.37 -21.59
C ASP B 228 -18.37 14.08 -21.30
N GLY B 229 -19.05 14.07 -20.16
CA GLY B 229 -19.88 12.95 -19.77
C GLY B 229 -21.14 13.02 -20.62
N LEU B 230 -21.44 14.23 -21.14
CA LEU B 230 -22.59 14.41 -22.03
C LEU B 230 -22.10 14.10 -23.43
N ASP B 231 -23.02 13.76 -24.32
CA ASP B 231 -22.68 13.47 -25.70
C ASP B 231 -22.13 14.72 -26.36
N PRO B 232 -21.13 14.55 -27.25
CA PRO B 232 -20.50 15.67 -27.98
C PRO B 232 -21.50 16.55 -28.76
N SER B 233 -22.69 16.03 -29.04
CA SER B 233 -23.71 16.80 -29.73
C SER B 233 -24.36 17.78 -28.76
N ASP B 234 -24.40 17.38 -27.49
CA ASP B 234 -24.97 18.20 -26.43
C ASP B 234 -23.92 19.12 -25.82
N ALA B 235 -22.71 18.58 -25.66
CA ALA B 235 -21.59 19.34 -25.08
C ALA B 235 -20.39 19.24 -26.00
N PRO B 236 -20.41 20.00 -27.12
CA PRO B 236 -19.32 19.98 -28.09
C PRO B 236 -17.97 20.55 -27.64
N GLY B 237 -17.99 21.58 -26.80
CA GLY B 237 -16.74 22.19 -26.35
C GLY B 237 -15.98 21.51 -25.24
N VAL B 238 -15.41 20.35 -25.57
CA VAL B 238 -14.62 19.57 -24.62
C VAL B 238 -13.41 19.05 -25.38
N GLY B 239 -12.29 18.94 -24.67
CA GLY B 239 -11.05 18.52 -25.28
C GLY B 239 -10.98 17.06 -25.67
N THR B 240 -11.52 16.19 -24.84
CA THR B 240 -11.47 14.76 -25.13
C THR B 240 -12.88 14.15 -25.17
N PRO B 241 -13.64 14.47 -26.24
CA PRO B 241 -15.02 14.00 -26.44
C PRO B 241 -15.04 12.54 -26.78
N VAL B 242 -16.15 11.89 -26.49
CA VAL B 242 -16.32 10.46 -26.78
C VAL B 242 -17.79 10.33 -27.14
N ILE B 243 -18.10 9.83 -28.33
CA ILE B 243 -19.50 9.68 -28.75
C ILE B 243 -20.35 8.66 -27.97
N GLY B 244 -21.67 8.78 -28.10
CA GLY B 244 -22.57 7.90 -27.39
C GLY B 244 -22.62 8.22 -25.91
N GLY B 245 -22.80 9.51 -25.60
CA GLY B 245 -22.87 9.96 -24.23
C GLY B 245 -24.26 10.27 -23.67
N LEU B 246 -24.27 10.76 -22.43
CA LEU B 246 -25.51 11.12 -21.76
C LEU B 246 -26.16 12.30 -22.45
N THR B 247 -27.48 12.35 -22.45
CA THR B 247 -28.20 13.46 -23.09
C THR B 247 -28.35 14.65 -22.13
N TYR B 248 -28.83 15.76 -22.69
CA TYR B 248 -29.09 16.99 -21.96
C TYR B 248 -30.14 16.68 -20.89
N ARG B 249 -31.21 16.00 -21.29
CA ARG B 249 -32.28 15.64 -20.39
C ARG B 249 -31.85 14.68 -19.27
N GLU B 250 -31.06 13.68 -19.61
CA GLU B 250 -30.56 12.72 -18.61
C GLU B 250 -29.74 13.47 -17.56
N SER B 251 -28.95 14.45 -18.01
CA SER B 251 -28.15 15.22 -17.09
C SER B 251 -29.01 16.10 -16.18
N HIS B 252 -30.09 16.66 -16.71
CA HIS B 252 -30.97 17.50 -15.90
C HIS B 252 -31.72 16.66 -14.88
N LEU B 253 -32.15 15.48 -15.29
CA LEU B 253 -32.83 14.57 -14.38
C LEU B 253 -31.89 14.21 -13.24
N ALA B 254 -30.63 13.87 -13.57
CA ALA B 254 -29.62 13.50 -12.58
C ALA B 254 -29.44 14.59 -11.55
N MET B 255 -29.23 15.81 -12.04
CA MET B 255 -29.07 16.99 -11.20
C MET B 255 -30.34 17.22 -10.38
N GLU B 256 -31.50 17.06 -11.00
CA GLU B 256 -32.77 17.25 -10.30
C GLU B 256 -32.98 16.25 -9.19
N MET B 257 -32.58 15.00 -9.42
CA MET B 257 -32.73 13.97 -8.42
C MET B 257 -31.73 14.12 -7.29
N LEU B 258 -30.58 14.72 -7.58
CA LEU B 258 -29.56 14.94 -6.56
C LEU B 258 -30.02 16.08 -5.64
N ALA B 259 -30.56 17.12 -6.25
CA ALA B 259 -31.09 18.28 -5.52
C ALA B 259 -32.11 17.76 -4.52
N GLU B 260 -33.00 16.92 -5.03
CA GLU B 260 -34.04 16.32 -4.24
C GLU B 260 -33.49 15.55 -3.04
N ALA B 261 -32.48 14.73 -3.27
CA ALA B 261 -31.89 13.92 -2.23
C ALA B 261 -31.15 14.75 -1.19
N GLN B 262 -30.77 15.96 -1.57
CA GLN B 262 -30.06 16.85 -0.67
C GLN B 262 -28.81 16.22 -0.10
N ILE B 263 -28.03 15.56 -0.95
CA ILE B 263 -26.80 14.90 -0.51
C ILE B 263 -25.49 15.57 -0.95
N ILE B 264 -25.56 16.41 -2.00
CA ILE B 264 -24.38 17.07 -2.55
C ILE B 264 -23.88 18.22 -1.69
N THR B 265 -22.69 18.04 -1.12
CA THR B 265 -22.10 19.05 -0.24
C THR B 265 -21.03 19.95 -0.89
N SER B 266 -20.58 19.57 -2.09
CA SER B 266 -19.59 20.35 -2.84
C SER B 266 -19.65 19.90 -4.28
N ALA B 267 -19.18 20.73 -5.20
CA ALA B 267 -19.22 20.40 -6.62
C ALA B 267 -18.23 21.16 -7.50
N GLU B 268 -17.97 20.59 -8.67
CA GLU B 268 -17.09 21.20 -9.64
C GLU B 268 -17.53 20.78 -11.01
N PHE B 269 -17.56 21.74 -11.92
CA PHE B 269 -17.95 21.51 -13.30
C PHE B 269 -16.70 21.77 -14.10
N VAL B 270 -16.18 20.71 -14.72
CA VAL B 270 -14.93 20.79 -15.46
C VAL B 270 -14.97 20.51 -16.97
N GLU B 271 -13.81 20.72 -17.59
CA GLU B 271 -13.58 20.47 -19.01
C GLU B 271 -14.26 21.33 -20.05
N VAL B 272 -14.82 22.45 -19.63
CA VAL B 272 -15.48 23.38 -20.56
C VAL B 272 -14.37 24.14 -21.34
N ASN B 273 -14.35 23.99 -22.66
CA ASN B 273 -13.36 24.66 -23.48
C ASN B 273 -14.08 25.43 -24.57
N PRO B 274 -14.16 26.77 -24.41
CA PRO B 274 -14.80 27.73 -25.32
C PRO B 274 -14.23 27.70 -26.72
N ILE B 275 -12.94 27.40 -26.80
CA ILE B 275 -12.23 27.36 -28.07
C ILE B 275 -12.52 26.17 -28.97
N LEU B 276 -13.25 25.18 -28.44
CA LEU B 276 -13.62 23.97 -29.19
C LEU B 276 -15.13 23.78 -29.25
N ASP B 277 -15.85 24.78 -28.74
CA ASP B 277 -17.32 24.80 -28.63
C ASP B 277 -18.04 25.46 -29.79
N GLU B 278 -19.37 25.48 -29.72
CA GLU B 278 -20.21 26.12 -30.72
C GLU B 278 -21.00 27.21 -30.00
N ARG B 279 -20.46 28.42 -30.02
CA ARG B 279 -21.11 29.57 -29.39
C ARG B 279 -21.43 29.42 -27.89
N ASN B 280 -20.44 29.00 -27.10
CA ASN B 280 -20.58 28.84 -25.65
C ASN B 280 -21.66 27.83 -25.23
N LYS B 281 -22.05 26.96 -26.14
CA LYS B 281 -23.08 25.96 -25.85
C LYS B 281 -22.80 25.15 -24.59
N THR B 282 -21.59 24.63 -24.49
CA THR B 282 -21.18 23.81 -23.36
C THR B 282 -21.18 24.52 -22.00
N ALA B 283 -20.71 25.76 -21.96
CA ALA B 283 -20.70 26.51 -20.72
C ALA B 283 -22.14 26.70 -20.31
N SER B 284 -22.99 26.94 -21.31
CA SER B 284 -24.41 27.10 -21.09
C SER B 284 -25.05 25.85 -20.45
N VAL B 285 -24.78 24.68 -21.01
CA VAL B 285 -25.31 23.43 -20.45
C VAL B 285 -24.87 23.31 -18.97
N ALA B 286 -23.60 23.62 -18.71
CA ALA B 286 -23.04 23.56 -17.37
C ALA B 286 -23.84 24.45 -16.41
N VAL B 287 -24.07 25.69 -16.82
CA VAL B 287 -24.81 26.64 -15.99
C VAL B 287 -26.20 26.14 -15.70
N ALA B 288 -26.87 25.64 -16.73
CA ALA B 288 -28.21 25.09 -16.62
C ALA B 288 -28.22 23.93 -15.65
N LEU B 289 -27.25 23.02 -15.80
CA LEU B 289 -27.12 21.85 -14.94
C LEU B 289 -26.88 22.27 -13.51
N MET B 290 -26.16 23.37 -13.32
CA MET B 290 -25.90 23.88 -11.99
C MET B 290 -27.21 24.39 -11.39
N GLY B 291 -28.04 25.05 -12.20
CA GLY B 291 -29.32 25.55 -11.74
C GLY B 291 -30.17 24.45 -11.15
N SER B 292 -30.24 23.33 -11.84
CA SER B 292 -31.00 22.16 -11.40
C SER B 292 -30.41 21.61 -10.11
N LEU B 293 -29.10 21.37 -10.10
CA LEU B 293 -28.37 20.85 -8.94
C LEU B 293 -28.72 21.67 -7.71
N PHE B 294 -28.75 22.98 -7.90
CA PHE B 294 -29.07 23.88 -6.80
C PHE B 294 -30.57 24.11 -6.57
N GLY B 295 -31.37 23.14 -7.03
CA GLY B 295 -32.80 23.18 -6.82
C GLY B 295 -33.76 23.85 -7.78
N GLU B 296 -33.29 24.31 -8.94
CA GLU B 296 -34.17 24.93 -9.92
C GLU B 296 -35.17 23.88 -10.37
N LYS B 297 -36.45 24.25 -10.44
CA LYS B 297 -37.51 23.30 -10.86
C LYS B 297 -38.45 23.85 -11.92
N LEU B 298 -38.98 22.93 -12.74
CA LEU B 298 -39.88 23.30 -13.83
C LEU B 298 -41.23 23.75 -13.33
N MET B 299 -41.64 23.16 -12.21
CA MET B 299 -42.91 23.47 -11.56
C MET B 299 -42.70 23.97 -10.11
N LYS C 2 -65.58 7.88 -36.73
CA LYS C 2 -66.32 9.18 -36.82
C LYS C 2 -65.65 10.12 -37.85
N PRO C 3 -66.46 10.71 -38.74
CA PRO C 3 -65.96 11.62 -39.78
C PRO C 3 -65.23 12.79 -39.13
N ILE C 4 -64.28 13.35 -39.85
CA ILE C 4 -63.51 14.47 -39.33
C ILE C 4 -63.77 15.73 -40.16
N SER C 5 -63.70 16.86 -39.46
CA SER C 5 -63.88 18.17 -40.07
C SER C 5 -62.69 19.07 -39.69
N ILE C 6 -61.97 19.50 -40.70
CA ILE C 6 -60.82 20.36 -40.50
C ILE C 6 -61.24 21.82 -40.59
N ILE C 7 -60.76 22.59 -39.62
CA ILE C 7 -61.04 24.01 -39.53
C ILE C 7 -59.70 24.67 -39.29
N GLY C 8 -59.28 25.52 -40.22
CA GLY C 8 -58.04 26.25 -40.06
C GLY C 8 -58.29 27.58 -39.38
N VAL C 9 -57.44 27.94 -38.43
CA VAL C 9 -57.58 29.22 -37.74
C VAL C 9 -56.24 29.97 -37.90
N PRO C 10 -56.11 30.74 -38.99
CA PRO C 10 -54.90 31.51 -39.30
C PRO C 10 -54.68 32.69 -38.34
N MET C 11 -54.38 32.34 -37.07
CA MET C 11 -54.19 33.30 -35.99
C MET C 11 -52.74 33.51 -35.53
N ASP C 12 -52.35 34.77 -35.38
CA ASP C 12 -51.02 35.09 -34.85
C ASP C 12 -51.12 36.22 -33.83
N LEU C 13 -52.34 36.71 -33.62
CA LEU C 13 -52.60 37.80 -32.69
C LEU C 13 -52.47 37.39 -31.23
N GLY C 14 -52.33 36.09 -30.98
CA GLY C 14 -52.18 35.63 -29.61
C GLY C 14 -50.76 35.82 -29.11
N GLN C 15 -49.85 36.17 -30.02
CA GLN C 15 -48.44 36.36 -29.67
C GLN C 15 -47.79 37.37 -30.63
N THR C 16 -46.46 37.47 -30.62
CA THR C 16 -45.77 38.47 -31.47
C THR C 16 -44.98 38.02 -32.70
N ARG C 17 -44.70 36.73 -32.83
CA ARG C 17 -43.96 36.26 -33.98
C ARG C 17 -44.93 36.07 -35.14
N ARG C 18 -44.76 36.81 -36.23
CA ARG C 18 -45.65 36.67 -37.37
C ARG C 18 -45.31 35.39 -38.10
N GLY C 19 -46.29 34.87 -38.83
CA GLY C 19 -46.06 33.63 -39.58
C GLY C 19 -46.84 32.43 -39.08
N VAL C 20 -47.17 32.42 -37.78
CA VAL C 20 -47.90 31.31 -37.20
C VAL C 20 -49.31 31.20 -37.79
N ASP C 21 -49.70 32.23 -38.52
CA ASP C 21 -50.99 32.27 -39.18
C ASP C 21 -50.97 31.40 -40.44
N MET C 22 -49.75 31.05 -40.87
CA MET C 22 -49.54 30.19 -42.07
C MET C 22 -49.51 28.71 -41.68
N GLY C 23 -49.69 28.43 -40.39
CA GLY C 23 -49.67 27.06 -39.92
C GLY C 23 -50.72 26.17 -40.56
N PRO C 24 -51.98 26.64 -40.66
CA PRO C 24 -53.03 25.81 -41.26
C PRO C 24 -52.69 25.32 -42.66
N SER C 25 -52.22 26.22 -43.52
CA SER C 25 -51.88 25.85 -44.88
C SER C 25 -50.59 25.06 -45.01
N ALA C 26 -49.66 25.28 -44.09
CA ALA C 26 -48.41 24.55 -44.12
C ALA C 26 -48.75 23.09 -43.80
N MET C 27 -49.69 22.87 -42.88
CA MET C 27 -50.10 21.51 -42.52
C MET C 27 -50.91 20.85 -43.62
N ARG C 28 -51.67 21.66 -44.33
CA ARG C 28 -52.45 21.16 -45.45
C ARG C 28 -51.46 20.73 -46.51
N TYR C 29 -50.46 21.59 -46.76
CA TYR C 29 -49.41 21.30 -47.73
C TYR C 29 -48.58 20.13 -47.25
N ALA C 30 -48.48 19.95 -45.95
CA ALA C 30 -47.72 18.83 -45.41
C ALA C 30 -48.52 17.54 -45.65
N GLY C 31 -49.74 17.66 -46.15
CA GLY C 31 -50.54 16.48 -46.49
C GLY C 31 -51.51 15.88 -45.50
N VAL C 32 -52.11 16.71 -44.67
CA VAL C 32 -53.05 16.22 -43.69
C VAL C 32 -54.28 15.50 -44.22
N ILE C 33 -54.82 15.95 -45.35
CA ILE C 33 -56.02 15.32 -45.90
C ILE C 33 -55.69 13.92 -46.41
N GLU C 34 -54.64 13.82 -47.21
CA GLU C 34 -54.18 12.56 -47.78
C GLU C 34 -53.90 11.56 -46.66
N ARG C 35 -53.15 12.03 -45.67
CA ARG C 35 -52.79 11.20 -44.54
C ARG C 35 -54.00 10.54 -43.88
N LEU C 36 -55.02 11.35 -43.62
CA LEU C 36 -56.23 10.87 -42.97
C LEU C 36 -57.17 10.07 -43.87
N GLU C 37 -57.20 10.41 -45.16
CA GLU C 37 -58.06 9.68 -46.08
C GLU C 37 -57.57 8.24 -46.17
N ARG C 38 -56.25 8.07 -46.12
CA ARG C 38 -55.61 6.74 -46.20
C ARG C 38 -56.03 5.83 -45.07
N LEU C 39 -56.44 6.44 -43.96
CA LEU C 39 -56.89 5.69 -42.81
C LEU C 39 -58.37 5.42 -42.95
N HIS C 40 -58.90 5.65 -44.14
CA HIS C 40 -60.30 5.40 -44.43
C HIS C 40 -61.29 6.35 -43.78
N TYR C 41 -60.85 7.56 -43.45
CA TYR C 41 -61.74 8.53 -42.84
C TYR C 41 -62.52 9.35 -43.84
N ASP C 42 -63.69 9.83 -43.42
CA ASP C 42 -64.48 10.74 -44.22
C ASP C 42 -64.01 12.09 -43.68
N ILE C 43 -63.03 12.66 -44.37
CA ILE C 43 -62.44 13.92 -43.94
C ILE C 43 -63.05 15.02 -44.77
N GLU C 44 -63.23 16.16 -44.13
CA GLU C 44 -63.83 17.32 -44.78
C GLU C 44 -63.10 18.58 -44.32
N ASP C 45 -62.75 19.46 -45.25
CA ASP C 45 -62.05 20.71 -44.95
C ASP C 45 -63.01 21.93 -45.02
N LEU C 46 -63.38 22.48 -43.87
CA LEU C 46 -64.30 23.62 -43.82
C LEU C 46 -63.58 24.95 -44.01
N GLY C 47 -62.35 24.89 -44.51
CA GLY C 47 -61.62 26.12 -44.74
C GLY C 47 -61.07 26.79 -43.50
N ASP C 48 -60.96 28.13 -43.54
CA ASP C 48 -60.44 28.92 -42.44
C ASP C 48 -61.36 29.94 -41.79
N ILE C 49 -61.12 30.19 -40.50
CA ILE C 49 -61.89 31.18 -39.77
C ILE C 49 -61.30 32.55 -40.11
N PRO C 50 -62.15 33.50 -40.54
CA PRO C 50 -61.70 34.84 -40.89
C PRO C 50 -61.22 35.50 -39.61
N ILE C 51 -60.00 36.02 -39.66
CA ILE C 51 -59.43 36.69 -38.51
C ILE C 51 -59.27 38.15 -38.88
N GLY C 52 -59.78 39.05 -38.06
CA GLY C 52 -59.63 40.47 -38.37
C GLY C 52 -58.28 40.97 -37.95
N LYS C 53 -57.95 42.20 -38.35
CA LYS C 53 -56.67 42.76 -37.96
C LYS C 53 -56.86 43.58 -36.68
N ALA C 54 -55.85 43.51 -35.81
CA ALA C 54 -55.86 44.22 -34.53
C ALA C 54 -55.83 45.75 -34.70
N GLU C 55 -56.49 46.47 -33.80
CA GLU C 55 -56.49 47.92 -33.87
C GLU C 55 -55.22 48.51 -33.27
N ARG C 56 -54.98 49.79 -33.56
CA ARG C 56 -53.79 50.51 -33.07
C ARG C 56 -53.50 50.16 -31.63
N LEU C 57 -52.25 49.78 -31.37
CA LEU C 57 -51.84 49.40 -30.04
C LEU C 57 -52.14 50.42 -28.96
N HIS C 58 -51.79 51.69 -29.20
CA HIS C 58 -52.03 52.72 -28.20
C HIS C 58 -53.50 53.00 -27.93
N GLU C 59 -54.36 52.76 -28.92
CA GLU C 59 -55.78 52.99 -28.74
C GLU C 59 -56.50 51.68 -28.45
N GLN C 60 -55.73 50.76 -27.89
CA GLN C 60 -56.23 49.44 -27.49
C GLN C 60 -56.48 49.56 -25.98
N GLY C 61 -57.30 48.67 -25.43
CA GLY C 61 -57.62 48.72 -24.01
C GLY C 61 -56.63 48.28 -22.92
N ASP C 62 -56.01 47.12 -23.08
CA ASP C 62 -55.08 46.62 -22.08
C ASP C 62 -53.79 46.09 -22.70
N SER C 63 -52.66 46.52 -22.14
CA SER C 63 -51.35 46.11 -22.59
C SER C 63 -51.07 44.67 -22.19
N ARG C 64 -51.72 44.23 -21.11
CA ARG C 64 -51.60 42.89 -20.55
C ARG C 64 -52.50 41.92 -21.31
N LEU C 65 -53.25 42.45 -22.26
CA LEU C 65 -54.15 41.66 -23.07
C LEU C 65 -54.06 42.16 -24.49
N ARG C 66 -52.90 41.99 -25.11
CA ARG C 66 -52.68 42.43 -26.48
C ARG C 66 -53.68 41.83 -27.47
N ASN C 67 -54.16 42.66 -28.38
CA ASN C 67 -55.11 42.25 -29.41
C ASN C 67 -56.35 41.50 -28.92
N LEU C 68 -56.80 41.83 -27.71
CA LEU C 68 -57.97 41.21 -27.09
C LEU C 68 -59.22 41.18 -27.97
N LYS C 69 -59.52 42.31 -28.60
CA LYS C 69 -60.69 42.44 -29.45
C LYS C 69 -60.68 41.42 -30.60
N ALA C 70 -59.61 41.44 -31.38
CA ALA C 70 -59.45 40.55 -32.54
C ALA C 70 -59.36 39.09 -32.16
N VAL C 71 -58.67 38.83 -31.05
CA VAL C 71 -58.52 37.45 -30.58
C VAL C 71 -59.84 36.91 -30.06
N ALA C 72 -60.56 37.72 -29.29
CA ALA C 72 -61.84 37.32 -28.74
C ALA C 72 -62.91 37.10 -29.81
N GLU C 73 -62.92 37.97 -30.81
CA GLU C 73 -63.91 37.86 -31.88
C GLU C 73 -63.67 36.67 -32.79
N ALA C 74 -62.39 36.43 -33.10
CA ALA C 74 -62.01 35.31 -33.94
C ALA C 74 -62.36 34.00 -33.21
N ASN C 75 -62.12 33.98 -31.90
CA ASN C 75 -62.43 32.80 -31.11
C ASN C 75 -63.94 32.57 -31.05
N GLU C 76 -64.72 33.64 -31.20
CA GLU C 76 -66.17 33.51 -31.19
C GLU C 76 -66.58 32.76 -32.44
N LYS C 77 -66.01 33.17 -33.55
CA LYS C 77 -66.29 32.53 -34.81
C LYS C 77 -65.87 31.06 -34.76
N LEU C 78 -64.70 30.79 -34.22
CA LEU C 78 -64.19 29.43 -34.11
C LEU C 78 -65.13 28.55 -33.30
N ALA C 79 -65.55 29.07 -32.15
CA ALA C 79 -66.45 28.35 -31.25
C ALA C 79 -67.69 27.95 -32.02
N ALA C 80 -68.24 28.85 -32.82
CA ALA C 80 -69.45 28.56 -33.55
C ALA C 80 -69.24 27.47 -34.56
N ALA C 81 -68.15 27.57 -35.30
CA ALA C 81 -67.80 26.59 -36.32
C ALA C 81 -67.60 25.23 -35.68
N VAL C 82 -66.86 25.22 -34.58
CA VAL C 82 -66.60 23.96 -33.89
C VAL C 82 -67.89 23.36 -33.32
N ASP C 83 -68.75 24.22 -32.76
CA ASP C 83 -70.03 23.81 -32.19
C ASP C 83 -70.84 23.05 -33.26
N GLN C 84 -70.95 23.68 -34.43
CA GLN C 84 -71.67 23.14 -35.58
C GLN C 84 -71.15 21.74 -35.96
N VAL C 85 -69.83 21.61 -36.06
CA VAL C 85 -69.24 20.33 -36.41
C VAL C 85 -69.61 19.22 -35.44
N VAL C 86 -69.56 19.55 -34.15
CA VAL C 86 -69.91 18.57 -33.12
C VAL C 86 -71.37 18.20 -33.28
N GLN C 87 -72.24 19.19 -33.47
CA GLN C 87 -73.66 18.94 -33.65
C GLN C 87 -73.93 18.01 -34.83
N ARG C 88 -73.14 18.15 -35.88
CA ARG C 88 -73.30 17.32 -37.07
C ARG C 88 -72.81 15.91 -36.90
N GLY C 89 -72.30 15.58 -35.72
CA GLY C 89 -71.81 14.23 -35.47
C GLY C 89 -70.39 13.97 -35.95
N ARG C 90 -69.63 15.05 -36.21
CA ARG C 90 -68.24 14.91 -36.67
C ARG C 90 -67.23 15.30 -35.61
N PHE C 91 -65.98 14.93 -35.87
CA PHE C 91 -64.84 15.21 -34.99
C PHE C 91 -64.20 16.51 -35.43
N PRO C 92 -64.10 17.48 -34.52
CA PRO C 92 -63.46 18.76 -34.90
C PRO C 92 -61.93 18.69 -34.77
N LEU C 93 -61.22 18.83 -35.90
CA LEU C 93 -59.77 18.84 -35.91
C LEU C 93 -59.37 20.27 -36.30
N VAL C 94 -58.95 21.05 -35.31
CA VAL C 94 -58.58 22.44 -35.53
C VAL C 94 -57.08 22.66 -35.77
N LEU C 95 -56.75 23.35 -36.86
CA LEU C 95 -55.34 23.61 -37.20
C LEU C 95 -55.01 25.10 -37.02
N GLY C 96 -54.03 25.38 -36.18
CA GLY C 96 -53.64 26.76 -35.93
C GLY C 96 -52.30 27.14 -36.57
N GLY C 97 -51.81 28.36 -36.32
CA GLY C 97 -52.50 29.31 -35.46
C GLY C 97 -51.91 29.21 -34.07
N ASP C 98 -51.72 30.34 -33.38
CA ASP C 98 -51.14 30.27 -32.05
C ASP C 98 -52.11 29.64 -31.05
N HIS C 99 -51.62 29.30 -29.88
CA HIS C 99 -52.45 28.63 -28.89
C HIS C 99 -53.68 29.34 -28.32
N SER C 100 -53.84 30.63 -28.64
CA SER C 100 -54.99 31.36 -28.13
C SER C 100 -56.30 30.85 -28.73
N ILE C 101 -56.20 30.10 -29.82
CA ILE C 101 -57.38 29.55 -30.48
C ILE C 101 -58.02 28.42 -29.65
N ALA C 102 -57.28 27.90 -28.67
CA ALA C 102 -57.80 26.84 -27.81
C ALA C 102 -59.06 27.35 -27.12
N ILE C 103 -59.07 28.65 -26.82
CA ILE C 103 -60.22 29.29 -26.20
C ILE C 103 -61.50 29.05 -27.02
N GLY C 104 -61.41 29.24 -28.34
CA GLY C 104 -62.56 29.02 -29.20
C GLY C 104 -62.92 27.56 -29.38
N THR C 105 -61.90 26.71 -29.56
CA THR C 105 -62.11 25.28 -29.74
C THR C 105 -62.85 24.68 -28.55
N LEU C 106 -62.32 24.89 -27.34
CA LEU C 106 -62.94 24.38 -26.13
C LEU C 106 -64.34 24.97 -25.91
N ALA C 107 -64.55 26.20 -26.36
CA ALA C 107 -65.85 26.87 -26.22
C ALA C 107 -66.92 26.19 -27.05
N GLY C 108 -66.56 25.62 -28.20
CA GLY C 108 -67.54 24.96 -29.04
C GLY C 108 -67.70 23.51 -28.71
N VAL C 109 -66.73 22.95 -28.00
CA VAL C 109 -66.76 21.53 -27.67
C VAL C 109 -67.35 21.22 -26.32
N ALA C 110 -66.84 21.90 -25.30
CA ALA C 110 -67.23 21.69 -23.91
C ALA C 110 -68.72 21.61 -23.64
N LYS C 111 -69.48 22.55 -24.21
CA LYS C 111 -70.93 22.60 -24.03
C LYS C 111 -71.61 21.26 -24.34
N HIS C 112 -70.92 20.42 -25.10
CA HIS C 112 -71.47 19.13 -25.47
C HIS C 112 -71.09 17.98 -24.56
N TYR C 113 -70.33 18.24 -23.50
CA TYR C 113 -69.91 17.18 -22.59
C TYR C 113 -70.21 17.51 -21.14
N GLU C 114 -70.56 16.49 -20.36
CA GLU C 114 -70.84 16.66 -18.93
C GLU C 114 -69.55 16.98 -18.19
N ARG C 115 -68.49 16.27 -18.56
CA ARG C 115 -67.19 16.43 -17.95
C ARG C 115 -66.09 16.27 -18.99
N LEU C 116 -65.83 17.32 -19.76
CA LEU C 116 -64.79 17.28 -20.77
C LEU C 116 -63.41 17.40 -20.13
N GLY C 117 -62.54 16.45 -20.49
CA GLY C 117 -61.19 16.46 -19.99
C GLY C 117 -60.32 17.08 -21.06
N VAL C 118 -59.14 17.53 -20.65
CA VAL C 118 -58.17 18.15 -21.53
C VAL C 118 -56.73 17.65 -21.31
N ILE C 119 -56.07 17.25 -22.40
CA ILE C 119 -54.67 16.84 -22.36
C ILE C 119 -53.95 17.99 -23.05
N TRP C 120 -53.17 18.75 -22.28
CA TRP C 120 -52.43 19.90 -22.79
C TRP C 120 -50.95 19.50 -22.97
N TYR C 121 -50.60 19.15 -24.20
CA TYR C 121 -49.25 18.73 -24.61
C TYR C 121 -48.54 20.05 -24.96
N ASP C 122 -47.62 20.49 -24.10
CA ASP C 122 -46.98 21.79 -24.33
C ASP C 122 -45.73 21.97 -23.49
N ALA C 123 -44.91 22.95 -23.85
CA ALA C 123 -43.70 23.27 -23.09
C ALA C 123 -44.10 24.28 -22.02
N HIS C 124 -45.25 24.92 -22.23
CA HIS C 124 -45.82 25.93 -21.34
C HIS C 124 -47.15 25.48 -20.70
N GLY C 125 -47.61 26.22 -19.68
CA GLY C 125 -48.86 25.90 -18.99
C GLY C 125 -50.05 26.66 -19.56
N ASP C 126 -49.76 27.82 -20.14
CA ASP C 126 -50.78 28.68 -20.72
C ASP C 126 -51.90 28.98 -19.73
N VAL C 127 -51.53 29.17 -18.48
CA VAL C 127 -52.46 29.47 -17.41
C VAL C 127 -52.23 30.86 -16.80
N ASN C 128 -51.82 31.82 -17.64
CA ASN C 128 -51.60 33.19 -17.20
C ASN C 128 -52.88 34.02 -17.36
N THR C 129 -52.94 35.14 -16.64
CA THR C 129 -54.06 36.08 -16.69
C THR C 129 -53.40 37.42 -16.97
N ALA C 130 -54.18 38.47 -17.14
CA ALA C 130 -53.62 39.77 -17.40
C ALA C 130 -52.76 40.19 -16.23
N GLU C 131 -53.07 39.66 -15.05
CA GLU C 131 -52.30 39.99 -13.87
C GLU C 131 -51.01 39.25 -13.80
N THR C 132 -51.03 37.96 -14.14
CA THR C 132 -49.80 37.17 -14.05
C THR C 132 -48.98 37.12 -15.31
N SER C 133 -49.57 37.47 -16.43
CA SER C 133 -48.86 37.43 -17.70
C SER C 133 -47.68 38.39 -17.75
N PRO C 134 -46.49 37.88 -18.12
CA PRO C 134 -45.30 38.73 -18.21
C PRO C 134 -45.16 39.29 -19.62
N SER C 135 -46.06 38.92 -20.52
CA SER C 135 -45.95 39.37 -21.90
C SER C 135 -47.15 40.11 -22.47
N GLY C 136 -48.33 39.80 -21.94
CA GLY C 136 -49.56 40.39 -22.44
C GLY C 136 -50.06 39.59 -23.65
N ASN C 137 -49.36 38.49 -23.96
CA ASN C 137 -49.68 37.61 -25.07
C ASN C 137 -50.79 36.62 -24.68
N ILE C 138 -51.96 36.78 -25.31
CA ILE C 138 -53.08 35.91 -25.02
C ILE C 138 -52.84 34.43 -25.28
N HIS C 139 -51.85 34.09 -26.10
CA HIS C 139 -51.58 32.68 -26.39
C HIS C 139 -51.03 32.00 -25.14
N GLY C 140 -50.74 32.81 -24.12
CA GLY C 140 -50.25 32.28 -22.86
C GLY C 140 -51.35 32.23 -21.79
N MET C 141 -52.61 32.41 -22.21
CA MET C 141 -53.75 32.40 -21.30
C MET C 141 -54.93 31.47 -21.61
N PRO C 142 -54.97 30.81 -22.77
CA PRO C 142 -56.12 29.94 -23.09
C PRO C 142 -56.59 28.87 -22.10
N LEU C 143 -55.67 28.22 -21.39
CA LEU C 143 -56.05 27.18 -20.42
C LEU C 143 -56.72 27.79 -19.18
N ALA C 144 -56.14 28.87 -18.65
CA ALA C 144 -56.73 29.53 -17.50
C ALA C 144 -58.11 30.08 -17.88
N ALA C 145 -58.17 30.76 -19.02
CA ALA C 145 -59.41 31.35 -19.51
C ALA C 145 -60.50 30.30 -19.65
N SER C 146 -60.13 29.15 -20.20
CA SER C 146 -61.06 28.05 -20.39
C SER C 146 -61.49 27.47 -19.05
N LEU C 147 -60.64 27.63 -18.04
CA LEU C 147 -60.91 27.15 -16.70
C LEU C 147 -61.76 28.19 -15.95
N GLY C 148 -62.04 29.30 -16.64
CA GLY C 148 -62.83 30.35 -16.04
C GLY C 148 -62.01 31.44 -15.37
N PHE C 149 -60.70 31.50 -15.63
CA PHE C 149 -59.84 32.51 -15.03
C PHE C 149 -59.25 33.50 -16.01
N GLY C 150 -59.66 34.76 -15.86
CA GLY C 150 -59.18 35.82 -16.73
C GLY C 150 -60.23 36.84 -17.15
N HIS C 151 -59.87 37.63 -18.17
CA HIS C 151 -60.76 38.65 -18.69
C HIS C 151 -62.03 38.01 -19.27
N PRO C 152 -63.19 38.52 -18.89
CA PRO C 152 -64.47 38.02 -19.36
C PRO C 152 -64.56 37.95 -20.86
N ALA C 153 -63.80 38.80 -21.56
CA ALA C 153 -63.81 38.80 -23.02
C ALA C 153 -63.29 37.46 -23.53
N LEU C 154 -62.51 36.80 -22.68
CA LEU C 154 -61.97 35.50 -23.01
C LEU C 154 -62.70 34.36 -22.31
N THR C 155 -63.10 34.60 -21.06
CA THR C 155 -63.79 33.58 -20.29
C THR C 155 -65.23 33.33 -20.67
N GLN C 156 -65.85 34.30 -21.34
CA GLN C 156 -67.25 34.16 -21.73
C GLN C 156 -67.54 33.77 -23.16
N ILE C 157 -66.50 33.38 -23.90
CA ILE C 157 -66.65 32.97 -25.30
C ILE C 157 -67.67 31.84 -25.36
N GLY C 158 -68.64 31.93 -26.26
CA GLY C 158 -69.66 30.90 -26.35
C GLY C 158 -70.85 31.11 -25.40
N GLY C 159 -70.79 32.16 -24.58
CA GLY C 159 -71.84 32.47 -23.65
C GLY C 159 -71.94 31.59 -22.41
N TYR C 160 -70.83 31.00 -21.99
CA TYR C 160 -70.83 30.14 -20.80
C TYR C 160 -69.45 29.98 -20.26
N SER C 161 -69.37 29.56 -19.00
CA SER C 161 -68.09 29.36 -18.32
C SER C 161 -68.26 28.63 -16.99
N PRO C 162 -67.26 27.85 -16.58
CA PRO C 162 -66.01 27.65 -17.33
C PRO C 162 -66.26 26.54 -18.32
N LYS C 163 -65.31 26.29 -19.20
CA LYS C 163 -65.50 25.21 -20.18
C LYS C 163 -65.13 23.85 -19.58
N ILE C 164 -64.14 23.85 -18.69
CA ILE C 164 -63.64 22.62 -18.07
C ILE C 164 -63.30 22.87 -16.60
N LYS C 165 -63.06 21.77 -15.88
CA LYS C 165 -62.69 21.80 -14.47
C LYS C 165 -61.22 21.42 -14.37
N PRO C 166 -60.48 22.03 -13.42
CA PRO C 166 -59.04 21.78 -13.20
C PRO C 166 -58.68 20.32 -12.99
N GLU C 167 -59.55 19.60 -12.30
CA GLU C 167 -59.33 18.19 -12.01
C GLU C 167 -59.45 17.30 -13.23
N HIS C 168 -59.87 17.88 -14.34
CA HIS C 168 -60.04 17.12 -15.55
C HIS C 168 -58.97 17.48 -16.58
N VAL C 169 -57.95 18.19 -16.10
CA VAL C 169 -56.84 18.63 -16.95
C VAL C 169 -55.51 17.91 -16.61
N VAL C 170 -54.79 17.52 -17.67
CA VAL C 170 -53.48 16.89 -17.51
C VAL C 170 -52.50 17.61 -18.46
N LEU C 171 -51.46 18.19 -17.87
CA LEU C 171 -50.42 18.90 -18.60
C LEU C 171 -49.27 17.94 -18.83
N ILE C 172 -48.74 17.92 -20.05
CA ILE C 172 -47.61 17.04 -20.37
C ILE C 172 -46.55 17.74 -21.20
N GLY C 173 -45.30 17.58 -20.75
CA GLY C 173 -44.15 18.14 -21.43
C GLY C 173 -43.74 19.51 -20.94
N VAL C 174 -44.37 19.98 -19.87
CA VAL C 174 -44.09 21.31 -19.35
C VAL C 174 -42.65 21.50 -18.88
N ARG C 175 -42.07 22.62 -19.25
CA ARG C 175 -40.70 22.91 -18.86
C ARG C 175 -40.46 24.42 -18.81
N SER C 176 -41.53 25.21 -18.94
CA SER C 176 -41.38 26.65 -18.88
C SER C 176 -42.65 27.30 -18.34
N LEU C 177 -42.66 27.52 -17.02
CA LEU C 177 -43.80 28.12 -16.34
C LEU C 177 -43.44 29.41 -15.63
N ASP C 178 -44.30 30.40 -15.72
CA ASP C 178 -44.05 31.66 -15.03
C ASP C 178 -44.43 31.39 -13.58
N GLU C 179 -43.91 32.21 -12.68
CA GLU C 179 -44.19 32.04 -11.25
C GLU C 179 -45.67 32.01 -10.95
N GLY C 180 -46.41 32.95 -11.54
CA GLY C 180 -47.84 33.02 -11.33
C GLY C 180 -48.53 31.75 -11.72
N GLU C 181 -48.06 31.17 -12.83
CA GLU C 181 -48.59 29.92 -13.34
C GLU C 181 -48.26 28.76 -12.44
N LYS C 182 -47.08 28.74 -11.85
CA LYS C 182 -46.67 27.64 -10.95
C LYS C 182 -47.60 27.60 -9.76
N LYS C 183 -47.94 28.80 -9.30
CA LYS C 183 -48.83 28.99 -8.18
C LYS C 183 -50.24 28.53 -8.59
N PHE C 184 -50.69 28.94 -9.78
CA PHE C 184 -52.01 28.59 -10.31
C PHE C 184 -52.19 27.08 -10.37
N ILE C 185 -51.22 26.40 -10.99
CA ILE C 185 -51.24 24.96 -11.14
C ILE C 185 -51.31 24.30 -9.78
N ARG C 186 -50.46 24.75 -8.86
CA ARG C 186 -50.42 24.20 -7.50
C ARG C 186 -51.73 24.36 -6.77
N GLU C 187 -52.29 25.55 -6.84
CA GLU C 187 -53.53 25.85 -6.16
C GLU C 187 -54.80 25.31 -6.82
N LYS C 188 -54.89 25.30 -8.16
CA LYS C 188 -56.08 24.76 -8.80
C LYS C 188 -55.99 23.23 -8.79
N GLY C 189 -54.85 22.71 -8.36
CA GLY C 189 -54.64 21.26 -8.31
C GLY C 189 -54.68 20.57 -9.67
N ILE C 190 -54.04 21.18 -10.66
CA ILE C 190 -54.00 20.62 -12.01
C ILE C 190 -52.90 19.56 -12.12
N LYS C 191 -53.27 18.43 -12.73
CA LYS C 191 -52.33 17.33 -12.91
C LYS C 191 -51.30 17.78 -13.96
N ILE C 192 -50.02 17.55 -13.66
CA ILE C 192 -48.96 17.97 -14.55
C ILE C 192 -47.72 17.07 -14.54
N TYR C 193 -47.21 16.82 -15.73
CA TYR C 193 -46.02 16.02 -15.91
C TYR C 193 -45.06 16.89 -16.64
N THR C 194 -44.11 17.45 -15.89
CA THR C 194 -43.10 18.29 -16.50
C THR C 194 -42.07 17.35 -17.11
N MET C 195 -41.05 17.90 -17.75
CA MET C 195 -40.03 17.06 -18.35
C MET C 195 -39.36 16.16 -17.32
N HIS C 196 -39.33 16.59 -16.06
CA HIS C 196 -38.74 15.80 -15.01
C HIS C 196 -39.47 14.48 -14.89
N GLU C 197 -40.79 14.54 -14.83
CA GLU C 197 -41.59 13.33 -14.72
C GLU C 197 -41.47 12.49 -15.96
N VAL C 198 -41.46 13.13 -17.12
CA VAL C 198 -41.30 12.37 -18.36
C VAL C 198 -39.94 11.67 -18.34
N ASP C 199 -38.89 12.35 -17.89
CA ASP C 199 -37.55 11.78 -17.83
C ASP C 199 -37.48 10.68 -16.78
N ARG C 200 -38.08 10.95 -15.63
CA ARG C 200 -38.08 10.01 -14.51
C ARG C 200 -38.96 8.78 -14.66
N LEU C 201 -40.20 8.97 -15.12
CA LEU C 201 -41.15 7.89 -15.30
C LEU C 201 -41.15 7.25 -16.66
N GLY C 202 -40.93 8.08 -17.69
CA GLY C 202 -40.98 7.57 -19.05
C GLY C 202 -42.31 7.90 -19.71
N MET C 203 -42.32 8.19 -21.01
CA MET C 203 -43.56 8.58 -21.66
C MET C 203 -44.65 7.55 -21.52
N THR C 204 -44.26 6.28 -21.53
CA THR C 204 -45.24 5.21 -21.42
C THR C 204 -46.03 5.29 -20.14
N ARG C 205 -45.34 5.48 -19.01
CA ARG C 205 -46.00 5.58 -17.71
C ARG C 205 -46.83 6.85 -17.59
N VAL C 206 -46.31 7.95 -18.13
CA VAL C 206 -47.00 9.22 -18.10
C VAL C 206 -48.32 9.13 -18.85
N MET C 207 -48.28 8.44 -20.00
CA MET C 207 -49.48 8.27 -20.83
C MET C 207 -50.45 7.28 -20.23
N GLU C 208 -49.93 6.21 -19.64
CA GLU C 208 -50.78 5.21 -18.99
C GLU C 208 -51.58 5.87 -17.88
N GLU C 209 -50.85 6.58 -17.00
CA GLU C 209 -51.43 7.29 -15.87
C GLU C 209 -52.44 8.37 -16.29
N THR C 210 -52.11 9.11 -17.35
CA THR C 210 -52.93 10.17 -17.88
C THR C 210 -54.25 9.62 -18.44
N ILE C 211 -54.14 8.59 -19.27
CA ILE C 211 -55.30 7.99 -19.89
C ILE C 211 -56.23 7.37 -18.87
N ALA C 212 -55.64 6.73 -17.86
CA ALA C 212 -56.41 6.09 -16.81
C ALA C 212 -57.14 7.13 -15.94
N TYR C 213 -56.45 8.23 -15.64
CA TYR C 213 -57.00 9.32 -14.83
C TYR C 213 -58.22 9.96 -15.47
N LEU C 214 -58.05 10.44 -16.71
CA LEU C 214 -59.11 11.10 -17.44
C LEU C 214 -60.25 10.14 -17.76
N LYS C 215 -59.91 8.93 -18.20
CA LYS C 215 -60.92 7.93 -18.55
C LYS C 215 -61.85 7.63 -17.38
N GLU C 216 -61.32 7.71 -16.16
CA GLU C 216 -62.07 7.44 -14.95
C GLU C 216 -62.98 8.56 -14.50
N ARG C 217 -62.91 9.73 -15.12
CA ARG C 217 -63.74 10.84 -14.67
C ARG C 217 -64.21 11.89 -15.69
N THR C 218 -64.12 11.56 -16.97
CA THR C 218 -64.55 12.48 -18.03
C THR C 218 -65.43 11.73 -19.03
N ASP C 219 -66.16 12.45 -19.87
CA ASP C 219 -67.02 11.81 -20.88
C ASP C 219 -66.61 12.18 -22.28
N GLY C 220 -65.45 12.82 -22.39
CA GLY C 220 -64.90 13.25 -23.68
C GLY C 220 -63.55 13.87 -23.37
N VAL C 221 -62.57 13.70 -24.25
CA VAL C 221 -61.26 14.30 -23.99
C VAL C 221 -60.78 15.08 -25.20
N HIS C 222 -60.43 16.34 -24.95
CA HIS C 222 -59.91 17.22 -26.00
C HIS C 222 -58.38 17.27 -25.93
N LEU C 223 -57.72 16.96 -27.04
CA LEU C 223 -56.26 17.04 -27.11
C LEU C 223 -55.84 18.41 -27.69
N SER C 224 -55.16 19.20 -26.87
CA SER C 224 -54.67 20.48 -27.30
C SER C 224 -53.18 20.30 -27.40
N LEU C 225 -52.70 20.01 -28.60
CA LEU C 225 -51.27 19.77 -28.83
C LEU C 225 -50.54 20.94 -29.46
N ASP C 226 -49.65 21.49 -28.66
CA ASP C 226 -48.79 22.60 -29.06
C ASP C 226 -47.47 21.98 -29.54
N LEU C 227 -47.09 22.26 -30.78
CA LEU C 227 -45.87 21.72 -31.35
C LEU C 227 -44.58 22.05 -30.59
N ASP C 228 -44.56 23.17 -29.86
CA ASP C 228 -43.39 23.53 -29.06
C ASP C 228 -43.19 22.62 -27.85
N GLY C 229 -44.08 21.63 -27.73
CA GLY C 229 -43.99 20.64 -26.67
C GLY C 229 -42.86 19.72 -27.05
N LEU C 230 -42.55 19.67 -28.34
CA LEU C 230 -41.46 18.83 -28.84
C LEU C 230 -40.21 19.68 -28.79
N ASP C 231 -39.05 19.03 -28.72
CA ASP C 231 -37.79 19.73 -28.68
C ASP C 231 -37.65 20.54 -29.96
N PRO C 232 -37.03 21.72 -29.87
CA PRO C 232 -36.85 22.56 -31.05
C PRO C 232 -36.07 21.85 -32.17
N SER C 233 -35.31 20.83 -31.82
CA SER C 233 -34.55 20.12 -32.83
C SER C 233 -35.50 19.29 -33.69
N ASP C 234 -36.56 18.81 -33.06
CA ASP C 234 -37.57 18.01 -33.72
C ASP C 234 -38.63 18.93 -34.34
N ALA C 235 -38.96 19.99 -33.61
CA ALA C 235 -39.97 20.95 -34.07
C ALA C 235 -39.38 22.35 -34.02
N PRO C 236 -38.55 22.70 -35.02
CA PRO C 236 -37.93 24.02 -35.05
C PRO C 236 -38.87 25.19 -35.33
N GLY C 237 -39.92 24.94 -36.13
CA GLY C 237 -40.86 25.99 -36.49
C GLY C 237 -41.89 26.43 -35.48
N VAL C 238 -41.44 26.97 -34.35
CA VAL C 238 -42.35 27.47 -33.33
C VAL C 238 -41.87 28.83 -32.85
N GLY C 239 -42.83 29.68 -32.45
CA GLY C 239 -42.52 31.03 -32.00
C GLY C 239 -41.82 31.15 -30.68
N THR C 240 -42.23 30.34 -29.70
CA THR C 240 -41.62 30.36 -28.37
C THR C 240 -41.06 29.00 -27.99
N PRO C 241 -39.94 28.62 -28.62
CA PRO C 241 -39.26 27.34 -28.37
C PRO C 241 -38.60 27.28 -27.00
N VAL C 242 -38.49 26.06 -26.47
CA VAL C 242 -37.85 25.83 -25.19
C VAL C 242 -37.07 24.54 -25.35
N ILE C 243 -35.76 24.57 -25.05
CA ILE C 243 -34.95 23.36 -25.19
C ILE C 243 -35.24 22.24 -24.19
N GLY C 244 -34.81 21.04 -24.53
CA GLY C 244 -35.00 19.91 -23.66
C GLY C 244 -36.43 19.44 -23.64
N GLY C 245 -36.98 19.28 -24.82
CA GLY C 245 -38.35 18.84 -24.97
C GLY C 245 -38.52 17.40 -25.39
N LEU C 246 -39.77 17.03 -25.57
CA LEU C 246 -40.16 15.68 -25.96
C LEU C 246 -39.65 15.39 -27.36
N THR C 247 -39.30 14.14 -27.61
CA THR C 247 -38.80 13.74 -28.91
C THR C 247 -39.91 13.36 -29.88
N TYR C 248 -39.50 13.14 -31.12
CA TYR C 248 -40.38 12.74 -32.19
C TYR C 248 -41.03 11.40 -31.80
N ARG C 249 -40.21 10.45 -31.37
CA ARG C 249 -40.68 9.13 -30.96
C ARG C 249 -41.63 9.14 -29.76
N GLU C 250 -41.33 9.96 -28.76
CA GLU C 250 -42.18 10.08 -27.58
C GLU C 250 -43.55 10.61 -27.98
N SER C 251 -43.54 11.56 -28.91
CA SER C 251 -44.77 12.14 -29.41
C SER C 251 -45.61 11.10 -30.17
N HIS C 252 -44.97 10.28 -30.99
CA HIS C 252 -45.72 9.24 -31.72
C HIS C 252 -46.27 8.21 -30.76
N LEU C 253 -45.48 7.77 -29.79
CA LEU C 253 -45.95 6.79 -28.80
C LEU C 253 -47.18 7.35 -28.06
N ALA C 254 -47.11 8.62 -27.65
CA ALA C 254 -48.22 9.28 -26.97
C ALA C 254 -49.49 9.21 -27.83
N MET C 255 -49.39 9.67 -29.08
CA MET C 255 -50.53 9.66 -29.99
C MET C 255 -51.03 8.23 -30.20
N GLU C 256 -50.10 7.29 -30.33
CA GLU C 256 -50.41 5.87 -30.54
C GLU C 256 -51.15 5.24 -29.37
N MET C 257 -50.78 5.64 -28.16
CA MET C 257 -51.41 5.14 -26.96
C MET C 257 -52.78 5.79 -26.77
N LEU C 258 -52.95 7.02 -27.28
CA LEU C 258 -54.24 7.72 -27.17
C LEU C 258 -55.23 7.08 -28.14
N ALA C 259 -54.76 6.82 -29.36
CA ALA C 259 -55.58 6.20 -30.38
C ALA C 259 -56.10 4.89 -29.81
N GLU C 260 -55.18 4.14 -29.20
CA GLU C 260 -55.50 2.84 -28.62
C GLU C 260 -56.60 2.95 -27.54
N ALA C 261 -56.47 3.98 -26.70
CA ALA C 261 -57.40 4.27 -25.62
C ALA C 261 -58.78 4.68 -26.11
N GLN C 262 -58.83 5.23 -27.30
CA GLN C 262 -60.09 5.67 -27.88
C GLN C 262 -60.81 6.67 -26.97
N ILE C 263 -60.08 7.66 -26.45
CA ILE C 263 -60.66 8.66 -25.54
C ILE C 263 -60.69 10.08 -26.11
N ILE C 264 -59.91 10.33 -27.17
CA ILE C 264 -59.86 11.65 -27.76
C ILE C 264 -61.07 11.92 -28.64
N THR C 265 -61.88 12.91 -28.23
CA THR C 265 -63.09 13.32 -28.94
C THR C 265 -62.96 14.61 -29.79
N SER C 266 -61.86 15.33 -29.63
CA SER C 266 -61.62 16.55 -30.42
C SER C 266 -60.16 16.88 -30.25
N ALA C 267 -59.59 17.62 -31.19
CA ALA C 267 -58.18 17.98 -31.12
C ALA C 267 -57.79 19.22 -31.92
N GLU C 268 -56.61 19.74 -31.61
CA GLU C 268 -56.08 20.89 -32.29
C GLU C 268 -54.58 20.83 -32.20
N PHE C 269 -53.95 21.21 -33.29
CA PHE C 269 -52.51 21.23 -33.39
C PHE C 269 -52.17 22.69 -33.65
N VAL C 270 -51.46 23.29 -32.70
CA VAL C 270 -51.14 24.69 -32.79
C VAL C 270 -49.66 25.08 -32.78
N GLU C 271 -49.44 26.38 -33.01
CA GLU C 271 -48.12 27.03 -33.01
C GLU C 271 -47.16 26.70 -34.13
N VAL C 272 -47.65 26.08 -35.19
CA VAL C 272 -46.78 25.76 -36.33
C VAL C 272 -46.51 27.08 -37.08
N ASN C 273 -45.23 27.44 -37.19
CA ASN C 273 -44.86 28.68 -37.88
C ASN C 273 -43.85 28.38 -38.99
N PRO C 274 -44.31 28.30 -40.23
CA PRO C 274 -43.46 28.00 -41.40
C PRO C 274 -42.30 28.97 -41.58
N ILE C 275 -42.53 30.22 -41.19
CA ILE C 275 -41.54 31.26 -41.32
C ILE C 275 -40.35 31.16 -40.36
N LEU C 276 -40.44 30.27 -39.38
CA LEU C 276 -39.38 30.07 -38.40
C LEU C 276 -38.85 28.63 -38.48
N ASP C 277 -39.40 27.87 -39.43
CA ASP C 277 -39.11 26.44 -39.63
C ASP C 277 -37.99 26.13 -40.61
N GLU C 278 -37.66 24.85 -40.75
CA GLU C 278 -36.63 24.37 -41.69
C GLU C 278 -37.36 23.49 -42.68
N ARG C 279 -37.75 24.07 -43.80
CA ARG C 279 -38.44 23.37 -44.86
C ARG C 279 -39.70 22.62 -44.45
N ASN C 280 -40.62 23.31 -43.73
CA ASN C 280 -41.90 22.74 -43.32
C ASN C 280 -41.79 21.48 -42.43
N LYS C 281 -40.63 21.30 -41.79
CA LYS C 281 -40.39 20.16 -40.91
C LYS C 281 -41.46 20.00 -39.82
N THR C 282 -41.77 21.11 -39.15
CA THR C 282 -42.74 21.12 -38.04
C THR C 282 -44.18 20.80 -38.48
N ALA C 283 -44.59 21.33 -39.63
CA ALA C 283 -45.93 21.05 -40.14
C ALA C 283 -46.00 19.57 -40.47
N SER C 284 -44.88 19.05 -40.93
CA SER C 284 -44.75 17.64 -41.26
C SER C 284 -44.91 16.76 -40.02
N VAL C 285 -44.26 17.17 -38.91
CA VAL C 285 -44.32 16.42 -37.65
C VAL C 285 -45.76 16.38 -37.16
N ALA C 286 -46.43 17.53 -37.24
CA ALA C 286 -47.82 17.67 -36.82
C ALA C 286 -48.69 16.70 -37.62
N VAL C 287 -48.51 16.68 -38.93
CA VAL C 287 -49.31 15.78 -39.78
C VAL C 287 -49.08 14.31 -39.44
N ALA C 288 -47.84 13.93 -39.19
CA ALA C 288 -47.52 12.54 -38.84
C ALA C 288 -48.14 12.16 -37.49
N LEU C 289 -48.03 13.06 -36.51
CA LEU C 289 -48.61 12.82 -35.20
C LEU C 289 -50.12 12.72 -35.33
N MET C 290 -50.71 13.48 -36.24
CA MET C 290 -52.15 13.39 -36.44
C MET C 290 -52.51 12.00 -36.95
N GLY C 291 -51.73 11.48 -37.91
CA GLY C 291 -51.96 10.15 -38.45
C GLY C 291 -52.01 9.10 -37.35
N SER C 292 -51.05 9.16 -36.42
CA SER C 292 -50.97 8.23 -35.30
C SER C 292 -52.18 8.39 -34.39
N LEU C 293 -52.53 9.64 -34.10
CA LEU C 293 -53.67 9.94 -33.24
C LEU C 293 -54.92 9.26 -33.77
N PHE C 294 -55.09 9.36 -35.09
CA PHE C 294 -56.23 8.78 -35.77
C PHE C 294 -56.08 7.31 -36.16
N GLY C 295 -55.19 6.61 -35.45
CA GLY C 295 -55.02 5.19 -35.68
C GLY C 295 -54.03 4.62 -36.65
N GLU C 296 -53.14 5.43 -37.20
CA GLU C 296 -52.13 4.92 -38.13
C GLU C 296 -51.23 4.02 -37.32
N LYS C 297 -50.89 2.85 -37.85
CA LYS C 297 -49.99 1.92 -37.14
C LYS C 297 -48.89 1.40 -38.04
N LEU C 298 -47.76 1.05 -37.42
CA LEU C 298 -46.60 0.54 -38.15
C LEU C 298 -46.80 -0.87 -38.61
N MET C 299 -47.58 -1.64 -37.83
CA MET C 299 -47.89 -3.05 -38.15
C MET C 299 -49.39 -3.28 -38.22
N LYS D 2 23.57 -35.36 6.28
CA LYS D 2 22.44 -35.26 5.33
C LYS D 2 22.70 -34.05 4.41
N PRO D 3 22.45 -34.19 3.10
CA PRO D 3 22.67 -33.10 2.17
C PRO D 3 21.86 -31.86 2.63
N ILE D 4 22.32 -30.67 2.23
CA ILE D 4 21.64 -29.44 2.58
C ILE D 4 21.08 -28.74 1.32
N SER D 5 20.00 -27.99 1.50
CA SER D 5 19.37 -27.22 0.43
C SER D 5 19.09 -25.82 0.95
N ILE D 6 19.75 -24.84 0.33
CA ILE D 6 19.63 -23.45 0.71
C ILE D 6 18.50 -22.81 -0.06
N ILE D 7 17.70 -22.02 0.66
CA ILE D 7 16.59 -21.30 0.08
C ILE D 7 16.63 -19.91 0.67
N GLY D 8 16.85 -18.93 -0.21
CA GLY D 8 16.88 -17.54 0.20
C GLY D 8 15.47 -16.99 0.19
N VAL D 9 15.15 -16.16 1.18
CA VAL D 9 13.83 -15.55 1.27
C VAL D 9 14.09 -14.08 1.52
N PRO D 10 14.25 -13.31 0.43
CA PRO D 10 14.51 -11.86 0.43
C PRO D 10 13.29 -11.08 0.90
N MET D 11 12.94 -11.26 2.17
CA MET D 11 11.78 -10.64 2.78
C MET D 11 12.06 -9.51 3.76
N ASP D 12 11.36 -8.38 3.61
CA ASP D 12 11.49 -7.26 4.54
C ASP D 12 10.12 -6.67 4.91
N LEU D 13 9.07 -7.30 4.37
CA LEU D 13 7.70 -6.90 4.61
C LEU D 13 7.23 -7.26 5.99
N GLY D 14 8.03 -8.07 6.69
CA GLY D 14 7.69 -8.45 8.05
C GLY D 14 7.99 -7.36 9.07
N GLN D 15 8.65 -6.29 8.63
CA GLN D 15 9.00 -5.16 9.48
C GLN D 15 9.19 -3.92 8.62
N THR D 16 9.74 -2.85 9.19
CA THR D 16 9.88 -1.59 8.46
C THR D 16 11.25 -1.10 7.98
N ARG D 17 12.34 -1.72 8.45
CA ARG D 17 13.66 -1.29 8.02
C ARG D 17 13.95 -1.98 6.71
N ARG D 18 14.16 -1.20 5.66
CA ARG D 18 14.48 -1.81 4.38
C ARG D 18 15.90 -2.38 4.38
N GLY D 19 16.16 -3.34 3.49
CA GLY D 19 17.50 -3.91 3.43
C GLY D 19 17.63 -5.34 3.91
N VAL D 20 16.76 -5.77 4.82
CA VAL D 20 16.83 -7.13 5.36
C VAL D 20 16.53 -8.15 4.29
N ASP D 21 16.05 -7.67 3.15
CA ASP D 21 15.78 -8.54 2.02
C ASP D 21 17.10 -8.88 1.31
N MET D 22 18.17 -8.15 1.66
CA MET D 22 19.52 -8.37 1.10
C MET D 22 20.30 -9.37 1.93
N GLY D 23 19.67 -9.88 2.99
CA GLY D 23 20.30 -10.84 3.87
C GLY D 23 20.79 -12.09 3.18
N PRO D 24 19.94 -12.75 2.37
CA PRO D 24 20.33 -13.98 1.66
C PRO D 24 21.61 -13.85 0.85
N SER D 25 21.74 -12.76 0.08
CA SER D 25 22.92 -12.57 -0.75
C SER D 25 24.13 -12.11 0.00
N ALA D 26 23.89 -11.45 1.12
CA ALA D 26 24.97 -10.97 1.99
C ALA D 26 25.63 -12.20 2.63
N MET D 27 24.83 -13.19 2.97
CA MET D 27 25.35 -14.41 3.57
C MET D 27 26.01 -15.30 2.53
N ARG D 28 25.47 -15.32 1.32
CA ARG D 28 26.05 -16.10 0.23
C ARG D 28 27.43 -15.52 -0.03
N TYR D 29 27.51 -14.19 -0.12
CA TYR D 29 28.75 -13.45 -0.36
C TYR D 29 29.68 -13.66 0.84
N ALA D 30 29.09 -13.85 2.02
CA ALA D 30 29.89 -14.08 3.21
C ALA D 30 30.50 -15.49 3.12
N GLY D 31 30.14 -16.24 2.09
CA GLY D 31 30.70 -17.55 1.86
C GLY D 31 30.05 -18.76 2.48
N VAL D 32 28.72 -18.81 2.51
CA VAL D 32 28.03 -19.94 3.11
C VAL D 32 28.26 -21.29 2.41
N ILE D 33 28.22 -21.28 1.08
CA ILE D 33 28.41 -22.49 0.28
C ILE D 33 29.79 -23.08 0.50
N GLU D 34 30.78 -22.22 0.32
CA GLU D 34 32.19 -22.55 0.50
C GLU D 34 32.43 -23.20 1.85
N ARG D 35 31.92 -22.53 2.87
CA ARG D 35 32.04 -22.94 4.27
C ARG D 35 31.52 -24.38 4.47
N LEU D 36 30.32 -24.64 3.94
CA LEU D 36 29.68 -25.95 4.09
C LEU D 36 30.28 -27.03 3.21
N GLU D 37 30.76 -26.65 2.04
CA GLU D 37 31.38 -27.61 1.15
C GLU D 37 32.65 -28.15 1.76
N ARG D 38 33.36 -27.29 2.49
CA ARG D 38 34.60 -27.68 3.15
C ARG D 38 34.38 -28.77 4.16
N LEU D 39 33.18 -28.80 4.77
CA LEU D 39 32.80 -29.81 5.77
C LEU D 39 32.31 -31.07 5.03
N HIS D 40 32.57 -31.10 3.72
CA HIS D 40 32.20 -32.16 2.78
C HIS D 40 30.72 -32.45 2.58
N TYR D 41 29.92 -31.40 2.71
CA TYR D 41 28.48 -31.50 2.53
C TYR D 41 28.09 -31.39 1.07
N ASP D 42 26.96 -31.99 0.73
CA ASP D 42 26.41 -31.92 -0.62
C ASP D 42 25.46 -30.74 -0.42
N ILE D 43 25.97 -29.56 -0.68
CA ILE D 43 25.19 -28.33 -0.51
C ILE D 43 24.62 -27.92 -1.85
N GLU D 44 23.35 -27.53 -1.85
CA GLU D 44 22.61 -27.13 -3.05
C GLU D 44 21.84 -25.82 -2.84
N ASP D 45 22.02 -24.85 -3.73
CA ASP D 45 21.33 -23.57 -3.59
C ASP D 45 20.10 -23.53 -4.48
N LEU D 46 18.92 -23.54 -3.88
CA LEU D 46 17.69 -23.50 -4.67
C LEU D 46 17.27 -22.07 -5.01
N GLY D 47 18.18 -21.11 -4.82
CA GLY D 47 17.85 -19.75 -5.13
C GLY D 47 16.96 -19.08 -4.12
N ASP D 48 16.15 -18.13 -4.59
CA ASP D 48 15.26 -17.36 -3.70
C ASP D 48 13.74 -17.45 -3.99
N ILE D 49 12.97 -17.31 -2.94
CA ILE D 49 11.52 -17.30 -3.02
C ILE D 49 11.14 -15.92 -3.56
N PRO D 50 10.24 -15.87 -4.56
CA PRO D 50 9.77 -14.62 -5.18
C PRO D 50 8.85 -13.93 -4.19
N ILE D 51 9.19 -12.70 -3.83
CA ILE D 51 8.41 -11.93 -2.87
C ILE D 51 7.70 -10.79 -3.60
N GLY D 52 6.40 -10.64 -3.34
CA GLY D 52 5.64 -9.59 -4.00
C GLY D 52 5.65 -8.30 -3.24
N LYS D 53 5.33 -7.21 -3.92
CA LYS D 53 5.32 -5.91 -3.26
C LYS D 53 4.00 -5.65 -2.56
N ALA D 54 4.11 -5.32 -1.27
CA ALA D 54 2.94 -5.06 -0.45
C ALA D 54 2.02 -4.05 -1.09
N GLU D 55 0.74 -4.12 -0.74
CA GLU D 55 -0.19 -3.13 -1.27
C GLU D 55 -0.17 -1.91 -0.36
N ARG D 56 -0.58 -0.77 -0.91
CA ARG D 56 -0.58 0.48 -0.16
C ARG D 56 -1.19 0.33 1.22
N LEU D 57 -0.43 0.77 2.20
CA LEU D 57 -0.81 0.70 3.58
C LEU D 57 -2.24 1.15 3.88
N HIS D 58 -2.68 2.22 3.20
CA HIS D 58 -4.02 2.76 3.44
C HIS D 58 -5.14 1.90 2.91
N GLU D 59 -4.81 0.97 2.01
CA GLU D 59 -5.80 0.07 1.44
C GLU D 59 -5.71 -1.29 2.06
N GLN D 60 -4.78 -1.46 3.00
CA GLN D 60 -4.61 -2.73 3.68
C GLN D 60 -5.75 -2.89 4.69
N GLY D 61 -6.14 -4.15 4.93
CA GLY D 61 -7.25 -4.45 5.85
C GLY D 61 -7.15 -4.04 7.31
N ASP D 62 -6.01 -4.32 7.96
CA ASP D 62 -5.80 -3.99 9.37
C ASP D 62 -4.38 -3.49 9.57
N SER D 63 -4.25 -2.39 10.28
CA SER D 63 -2.92 -1.82 10.55
C SER D 63 -2.10 -2.61 11.57
N ARG D 64 -2.73 -3.61 12.20
CA ARG D 64 -2.05 -4.43 13.20
C ARG D 64 -1.39 -5.61 12.52
N LEU D 65 -1.59 -5.71 11.20
CA LEU D 65 -1.04 -6.79 10.41
C LEU D 65 -0.58 -6.23 9.09
N ARG D 66 0.45 -5.40 9.14
CA ARG D 66 0.97 -4.78 7.94
C ARG D 66 1.51 -5.77 6.92
N ASN D 67 1.19 -5.50 5.65
CA ASN D 67 1.63 -6.31 4.52
C ASN D 67 1.24 -7.78 4.62
N LEU D 68 0.11 -8.04 5.29
CA LEU D 68 -0.36 -9.39 5.52
C LEU D 68 -0.46 -10.25 4.26
N LYS D 69 -0.97 -9.68 3.18
CA LYS D 69 -1.14 -10.41 1.93
C LYS D 69 0.18 -10.91 1.33
N ALA D 70 1.11 -9.97 1.15
CA ALA D 70 2.42 -10.27 0.58
C ALA D 70 3.24 -11.18 1.48
N VAL D 71 3.13 -10.97 2.79
CA VAL D 71 3.83 -11.80 3.76
C VAL D 71 3.23 -13.21 3.80
N ALA D 72 1.90 -13.30 3.73
CA ALA D 72 1.21 -14.58 3.76
C ALA D 72 1.49 -15.40 2.50
N GLU D 73 1.50 -14.73 1.34
CA GLU D 73 1.75 -15.42 0.08
C GLU D 73 3.19 -15.89 -0.06
N ALA D 74 4.11 -15.03 0.32
CA ALA D 74 5.52 -15.36 0.26
C ALA D 74 5.78 -16.59 1.12
N ASN D 75 5.16 -16.63 2.30
CA ASN D 75 5.31 -17.75 3.24
C ASN D 75 4.67 -19.02 2.70
N GLU D 76 3.70 -18.88 1.80
CA GLU D 76 3.05 -20.04 1.18
C GLU D 76 4.02 -20.71 0.22
N LYS D 77 4.69 -19.89 -0.57
CA LYS D 77 5.67 -20.38 -1.53
C LYS D 77 6.83 -21.04 -0.77
N LEU D 78 7.29 -20.38 0.30
CA LEU D 78 8.38 -20.89 1.13
C LEU D 78 8.02 -22.24 1.73
N ALA D 79 6.82 -22.35 2.27
CA ALA D 79 6.39 -23.60 2.88
C ALA D 79 6.45 -24.72 1.86
N ALA D 80 6.03 -24.44 0.63
CA ALA D 80 6.05 -25.43 -0.45
C ALA D 80 7.48 -25.87 -0.76
N ALA D 81 8.36 -24.88 -0.95
CA ALA D 81 9.75 -25.10 -1.26
C ALA D 81 10.45 -25.94 -0.21
N VAL D 82 10.20 -25.60 1.05
CA VAL D 82 10.78 -26.30 2.20
C VAL D 82 10.23 -27.72 2.32
N ASP D 83 8.93 -27.86 2.06
CA ASP D 83 8.24 -29.14 2.14
C ASP D 83 8.87 -30.13 1.19
N GLN D 84 9.14 -29.66 -0.03
CA GLN D 84 9.74 -30.50 -1.06
C GLN D 84 11.16 -30.90 -0.68
N VAL D 85 11.92 -29.99 -0.12
CA VAL D 85 13.29 -30.26 0.30
C VAL D 85 13.32 -31.41 1.31
N VAL D 86 12.45 -31.32 2.30
CA VAL D 86 12.36 -32.34 3.32
C VAL D 86 11.97 -33.66 2.67
N GLN D 87 11.00 -33.60 1.76
CA GLN D 87 10.54 -34.79 1.05
C GLN D 87 11.67 -35.45 0.29
N ARG D 88 12.58 -34.64 -0.26
CA ARG D 88 13.69 -35.20 -1.02
C ARG D 88 14.76 -35.76 -0.10
N GLY D 89 14.51 -35.73 1.21
CA GLY D 89 15.46 -36.23 2.19
C GLY D 89 16.63 -35.31 2.51
N ARG D 90 16.51 -34.02 2.19
CA ARG D 90 17.55 -33.04 2.46
C ARG D 90 17.19 -32.16 3.67
N PHE D 91 18.21 -31.46 4.19
CA PHE D 91 18.07 -30.54 5.32
C PHE D 91 17.78 -29.16 4.76
N PRO D 92 16.67 -28.54 5.18
CA PRO D 92 16.39 -27.21 4.66
C PRO D 92 17.11 -26.11 5.46
N LEU D 93 17.95 -25.34 4.80
CA LEU D 93 18.65 -24.23 5.46
C LEU D 93 18.06 -22.98 4.79
N VAL D 94 17.28 -22.24 5.55
CA VAL D 94 16.62 -21.05 5.04
C VAL D 94 17.33 -19.78 5.46
N LEU D 95 17.65 -18.94 4.47
CA LEU D 95 18.34 -17.68 4.73
C LEU D 95 17.40 -16.49 4.53
N GLY D 96 17.22 -15.67 5.58
CA GLY D 96 16.36 -14.50 5.52
C GLY D 96 17.12 -13.18 5.34
N GLY D 97 16.40 -12.06 5.31
CA GLY D 97 14.96 -12.05 5.44
C GLY D 97 14.55 -11.85 6.90
N ASP D 98 13.50 -11.05 7.14
CA ASP D 98 13.04 -10.83 8.50
C ASP D 98 12.43 -12.10 9.06
N HIS D 99 12.22 -12.11 10.37
CA HIS D 99 11.71 -13.28 11.06
C HIS D 99 10.32 -13.81 10.70
N SER D 100 9.53 -13.04 9.95
CA SER D 100 8.20 -13.51 9.58
C SER D 100 8.27 -14.75 8.68
N ILE D 101 9.43 -15.02 8.09
CA ILE D 101 9.59 -16.18 7.22
C ILE D 101 9.55 -17.50 7.97
N ALA D 102 9.70 -17.44 9.29
CA ALA D 102 9.67 -18.63 10.12
C ALA D 102 8.30 -19.31 9.96
N ILE D 103 7.29 -18.50 9.68
CA ILE D 103 5.95 -19.01 9.45
C ILE D 103 6.00 -20.00 8.26
N GLY D 104 6.65 -19.61 7.17
CA GLY D 104 6.75 -20.50 6.02
C GLY D 104 7.61 -21.73 6.26
N THR D 105 8.78 -21.50 6.85
CA THR D 105 9.74 -22.58 7.14
C THR D 105 9.10 -23.66 8.00
N LEU D 106 8.52 -23.27 9.13
CA LEU D 106 7.87 -24.19 10.04
C LEU D 106 6.66 -24.89 9.39
N ALA D 107 6.01 -24.19 8.47
CA ALA D 107 4.85 -24.79 7.79
C ALA D 107 5.26 -25.91 6.85
N GLY D 108 6.49 -25.85 6.33
CA GLY D 108 6.99 -26.90 5.44
C GLY D 108 7.68 -28.07 6.13
N VAL D 109 8.13 -27.84 7.34
CA VAL D 109 8.86 -28.86 8.09
C VAL D 109 8.00 -29.63 9.06
N ALA D 110 7.22 -28.90 9.85
CA ALA D 110 6.37 -29.46 10.87
C ALA D 110 5.54 -30.67 10.45
N LYS D 111 4.85 -30.57 9.31
CA LYS D 111 4.03 -31.69 8.84
C LYS D 111 4.77 -33.02 8.74
N HIS D 112 6.09 -32.96 8.71
CA HIS D 112 6.91 -34.16 8.60
C HIS D 112 7.36 -34.76 9.93
N TYR D 113 6.90 -34.22 11.06
CA TYR D 113 7.32 -34.71 12.35
C TYR D 113 6.15 -34.86 13.30
N GLU D 114 6.22 -35.88 14.15
CA GLU D 114 5.20 -36.16 15.16
C GLU D 114 5.22 -35.09 16.21
N ARG D 115 6.42 -34.72 16.64
CA ARG D 115 6.61 -33.71 17.67
C ARG D 115 7.82 -32.82 17.40
N LEU D 116 7.66 -31.87 16.49
CA LEU D 116 8.76 -30.98 16.17
C LEU D 116 9.04 -29.95 17.28
N GLY D 117 10.29 -29.95 17.75
CA GLY D 117 10.72 -28.99 18.74
C GLY D 117 11.27 -27.74 18.06
N VAL D 118 11.33 -26.62 18.78
CA VAL D 118 11.83 -25.37 18.23
C VAL D 118 12.74 -24.64 19.20
N ILE D 119 13.92 -24.22 18.73
CA ILE D 119 14.83 -23.43 19.55
C ILE D 119 14.78 -22.07 18.88
N TRP D 120 14.26 -21.09 19.61
CA TRP D 120 14.14 -19.72 19.11
C TRP D 120 15.23 -18.86 19.76
N TYR D 121 16.34 -18.70 19.04
CA TYR D 121 17.50 -17.92 19.48
C TYR D 121 17.20 -16.47 19.07
N ASP D 122 16.84 -15.62 20.04
CA ASP D 122 16.40 -14.27 19.69
C ASP D 122 16.42 -13.35 20.89
N ALA D 123 16.41 -12.06 20.65
CA ALA D 123 16.34 -11.06 21.71
C ALA D 123 14.85 -10.84 22.04
N HIS D 124 13.98 -11.23 21.09
CA HIS D 124 12.53 -11.10 21.18
C HIS D 124 11.84 -12.46 21.25
N GLY D 125 10.55 -12.45 21.63
CA GLY D 125 9.80 -13.69 21.74
C GLY D 125 9.02 -14.01 20.48
N ASP D 126 8.71 -12.97 19.70
CA ASP D 126 7.97 -13.11 18.45
C ASP D 126 6.65 -13.84 18.63
N VAL D 127 5.99 -13.59 19.76
CA VAL D 127 4.73 -14.23 20.10
C VAL D 127 3.56 -13.22 20.21
N ASN D 128 3.61 -12.18 19.37
CA ASN D 128 2.56 -11.16 19.35
C ASN D 128 1.46 -11.52 18.35
N THR D 129 0.29 -10.93 18.56
CA THR D 129 -0.86 -11.11 17.70
C THR D 129 -1.27 -9.71 17.24
N ALA D 130 -2.32 -9.62 16.41
CA ALA D 130 -2.80 -8.31 15.98
C ALA D 130 -3.26 -7.56 17.23
N GLU D 131 -3.83 -8.28 18.17
CA GLU D 131 -4.31 -7.68 19.40
C GLU D 131 -3.19 -7.20 20.30
N THR D 132 -2.15 -8.00 20.49
CA THR D 132 -1.05 -7.60 21.35
C THR D 132 0.11 -6.89 20.68
N SER D 133 0.16 -6.88 19.36
CA SER D 133 1.28 -6.24 18.70
C SER D 133 1.28 -4.77 18.88
N PRO D 134 2.41 -4.20 19.32
CA PRO D 134 2.54 -2.76 19.51
C PRO D 134 3.00 -2.06 18.25
N SER D 135 3.37 -2.83 17.22
CA SER D 135 3.89 -2.31 15.94
C SER D 135 3.10 -2.69 14.68
N GLY D 136 2.49 -3.86 14.71
CA GLY D 136 1.76 -4.33 13.56
C GLY D 136 2.71 -5.07 12.64
N ASN D 137 3.98 -5.12 13.02
CA ASN D 137 5.00 -5.81 12.23
C ASN D 137 4.89 -7.33 12.38
N ILE D 138 4.65 -8.03 11.27
CA ILE D 138 4.49 -9.47 11.30
C ILE D 138 5.74 -10.28 11.70
N HIS D 139 6.92 -9.67 11.67
CA HIS D 139 8.13 -10.39 12.10
C HIS D 139 8.12 -10.58 13.64
N GLY D 140 7.14 -9.97 14.31
CA GLY D 140 7.00 -10.11 15.75
C GLY D 140 5.89 -11.09 16.10
N MET D 141 5.38 -11.81 15.10
CA MET D 141 4.30 -12.78 15.30
C MET D 141 4.52 -14.24 14.82
N PRO D 142 5.59 -14.55 14.07
CA PRO D 142 5.80 -15.92 13.59
C PRO D 142 5.75 -17.09 14.58
N LEU D 143 6.24 -16.92 15.81
CA LEU D 143 6.19 -18.01 16.78
C LEU D 143 4.76 -18.25 17.25
N ALA D 144 4.04 -17.19 17.58
CA ALA D 144 2.67 -17.33 18.03
C ALA D 144 1.83 -17.97 16.91
N ALA D 145 1.92 -17.42 15.71
CA ALA D 145 1.16 -17.94 14.54
C ALA D 145 1.49 -19.41 14.29
N SER D 146 2.75 -19.81 14.46
CA SER D 146 3.14 -21.22 14.28
C SER D 146 2.56 -22.08 15.41
N LEU D 147 2.28 -21.45 16.55
CA LEU D 147 1.70 -22.15 17.69
C LEU D 147 0.20 -22.21 17.49
N GLY D 148 -0.25 -21.59 16.40
CA GLY D 148 -1.67 -21.54 16.05
C GLY D 148 -2.39 -20.29 16.53
N PHE D 149 -1.64 -19.28 16.99
CA PHE D 149 -2.26 -18.08 17.50
C PHE D 149 -2.07 -16.86 16.65
N GLY D 150 -3.15 -16.41 16.02
CA GLY D 150 -3.07 -15.24 15.18
C GLY D 150 -4.04 -15.25 14.02
N HIS D 151 -3.80 -14.36 13.07
CA HIS D 151 -4.65 -14.26 11.90
C HIS D 151 -4.58 -15.55 11.10
N PRO D 152 -5.75 -16.09 10.69
CA PRO D 152 -5.83 -17.33 9.91
C PRO D 152 -4.96 -17.34 8.68
N ALA D 153 -4.75 -16.15 8.10
CA ALA D 153 -3.93 -16.04 6.91
C ALA D 153 -2.50 -16.49 7.21
N LEU D 154 -2.09 -16.37 8.47
CA LEU D 154 -0.76 -16.76 8.87
C LEU D 154 -0.74 -18.09 9.58
N THR D 155 -1.78 -18.39 10.36
CA THR D 155 -1.85 -19.64 11.13
C THR D 155 -2.19 -20.86 10.27
N GLN D 156 -2.76 -20.62 9.10
CA GLN D 156 -3.15 -21.71 8.18
C GLN D 156 -2.23 -21.98 7.00
N ILE D 157 -1.09 -21.29 6.93
CA ILE D 157 -0.16 -21.51 5.85
C ILE D 157 0.13 -23.01 5.81
N GLY D 158 0.15 -23.59 4.62
CA GLY D 158 0.42 -25.01 4.55
C GLY D 158 -0.80 -25.90 4.73
N GLY D 159 -1.95 -25.28 4.94
CA GLY D 159 -3.18 -26.02 5.13
C GLY D 159 -3.33 -26.83 6.40
N TYR D 160 -2.62 -26.46 7.47
CA TYR D 160 -2.73 -27.16 8.73
C TYR D 160 -2.27 -26.26 9.85
N SER D 161 -2.63 -26.64 11.07
CA SER D 161 -2.27 -25.87 12.26
C SER D 161 -2.67 -26.60 13.52
N PRO D 162 -1.91 -26.39 14.61
CA PRO D 162 -0.74 -25.51 14.65
C PRO D 162 0.45 -26.31 14.12
N LYS D 163 1.59 -25.66 13.92
CA LYS D 163 2.75 -26.39 13.46
C LYS D 163 3.52 -27.02 14.61
N ILE D 164 3.41 -26.42 15.79
CA ILE D 164 4.14 -26.91 16.97
C ILE D 164 3.34 -26.70 18.25
N LYS D 165 3.78 -27.34 19.33
CA LYS D 165 3.17 -27.24 20.67
C LYS D 165 4.09 -26.40 21.55
N PRO D 166 3.53 -25.56 22.42
CA PRO D 166 4.29 -24.67 23.33
C PRO D 166 5.30 -25.40 24.22
N GLU D 167 4.97 -26.64 24.58
CA GLU D 167 5.85 -27.42 25.44
C GLU D 167 7.05 -27.95 24.67
N HIS D 168 7.09 -27.72 23.37
CA HIS D 168 8.18 -28.19 22.56
C HIS D 168 9.02 -27.01 22.07
N VAL D 169 8.79 -25.86 22.70
CA VAL D 169 9.52 -24.65 22.34
C VAL D 169 10.45 -24.19 23.45
N VAL D 170 11.64 -23.74 23.06
CA VAL D 170 12.62 -23.20 24.00
C VAL D 170 13.16 -21.90 23.41
N LEU D 171 12.99 -20.81 24.18
CA LEU D 171 13.47 -19.48 23.82
C LEU D 171 14.81 -19.23 24.51
N ILE D 172 15.77 -18.67 23.77
CA ILE D 172 17.10 -18.37 24.31
C ILE D 172 17.64 -16.99 23.90
N GLY D 173 18.09 -16.24 24.90
CA GLY D 173 18.66 -14.93 24.68
C GLY D 173 17.69 -13.77 24.75
N VAL D 174 16.44 -14.05 25.13
CA VAL D 174 15.38 -13.03 25.20
C VAL D 174 15.67 -11.88 26.18
N ARG D 175 15.44 -10.67 25.72
CA ARG D 175 15.67 -9.52 26.57
C ARG D 175 14.77 -8.35 26.21
N SER D 176 13.75 -8.62 25.40
CA SER D 176 12.79 -7.60 24.99
C SER D 176 11.47 -8.25 24.59
N LEU D 177 10.56 -8.29 25.56
CA LEU D 177 9.24 -8.86 25.39
C LEU D 177 8.16 -7.82 25.66
N ASP D 178 7.11 -7.82 24.84
CA ASP D 178 6.01 -6.89 25.06
C ASP D 178 5.16 -7.53 26.18
N GLU D 179 4.34 -6.71 26.86
CA GLU D 179 3.52 -7.20 27.95
C GLU D 179 2.62 -8.34 27.54
N GLY D 180 1.99 -8.20 26.37
CA GLY D 180 1.12 -9.24 25.88
C GLY D 180 1.90 -10.53 25.72
N GLU D 181 3.15 -10.39 25.28
CA GLU D 181 4.02 -11.53 25.06
C GLU D 181 4.46 -12.21 26.34
N LYS D 182 4.76 -11.42 27.36
CA LYS D 182 5.17 -11.96 28.65
C LYS D 182 4.04 -12.83 29.17
N LYS D 183 2.82 -12.34 29.01
CA LYS D 183 1.62 -13.04 29.43
C LYS D 183 1.44 -14.33 28.65
N PHE D 184 1.62 -14.24 27.33
CA PHE D 184 1.51 -15.38 26.42
C PHE D 184 2.48 -16.47 26.80
N ILE D 185 3.74 -16.12 26.99
CA ILE D 185 4.78 -17.08 27.35
C ILE D 185 4.47 -17.74 28.68
N ARG D 186 4.02 -16.90 29.61
CA ARG D 186 3.67 -17.31 30.97
C ARG D 186 2.58 -18.38 30.93
N GLU D 187 1.47 -18.00 30.29
CA GLU D 187 0.31 -18.84 30.16
C GLU D 187 0.41 -20.04 29.23
N LYS D 188 1.08 -19.93 28.09
CA LYS D 188 1.20 -21.09 27.22
C LYS D 188 2.27 -22.03 27.78
N GLY D 189 2.95 -21.58 28.82
CA GLY D 189 3.98 -22.38 29.47
C GLY D 189 5.20 -22.69 28.63
N ILE D 190 5.66 -21.68 27.90
CA ILE D 190 6.80 -21.83 27.02
C ILE D 190 8.09 -21.74 27.83
N LYS D 191 9.05 -22.62 27.54
CA LYS D 191 10.35 -22.64 28.22
C LYS D 191 11.14 -21.48 27.69
N ILE D 192 11.74 -20.68 28.59
CA ILE D 192 12.48 -19.51 28.14
C ILE D 192 13.68 -19.15 29.01
N TYR D 193 14.78 -18.84 28.34
CA TYR D 193 16.01 -18.42 29.01
C TYR D 193 16.32 -17.01 28.54
N THR D 194 15.94 -16.03 29.37
CA THR D 194 16.23 -14.63 29.06
C THR D 194 17.70 -14.44 29.39
N MET D 195 18.20 -13.23 29.13
CA MET D 195 19.59 -12.94 29.40
C MET D 195 19.94 -13.11 30.87
N HIS D 196 18.94 -13.01 31.74
CA HIS D 196 19.16 -13.20 33.18
C HIS D 196 19.62 -14.63 33.44
N GLU D 197 18.95 -15.59 32.80
CA GLU D 197 19.32 -16.99 32.96
C GLU D 197 20.65 -17.29 32.29
N VAL D 198 20.92 -16.66 31.16
CA VAL D 198 22.19 -16.87 30.47
C VAL D 198 23.33 -16.31 31.37
N ASP D 199 23.08 -15.18 32.01
CA ASP D 199 24.07 -14.58 32.90
C ASP D 199 24.21 -15.37 34.20
N ARG D 200 23.10 -15.90 34.68
CA ARG D 200 23.10 -16.64 35.93
C ARG D 200 23.59 -18.07 35.80
N LEU D 201 23.05 -18.80 34.83
CA LEU D 201 23.41 -20.18 34.61
C LEU D 201 24.62 -20.42 33.72
N GLY D 202 24.82 -19.55 32.73
CA GLY D 202 25.91 -19.71 31.78
C GLY D 202 25.38 -20.42 30.54
N MET D 203 25.91 -20.10 29.37
CA MET D 203 25.41 -20.69 28.12
C MET D 203 25.49 -22.20 28.06
N THR D 204 26.49 -22.78 28.70
CA THR D 204 26.70 -24.23 28.73
C THR D 204 25.51 -24.90 29.39
N ARG D 205 25.12 -24.41 30.58
CA ARG D 205 23.99 -24.96 31.33
C ARG D 205 22.64 -24.77 30.61
N VAL D 206 22.45 -23.61 30.01
CA VAL D 206 21.23 -23.30 29.27
C VAL D 206 21.10 -24.26 28.09
N MET D 207 22.20 -24.50 27.38
CA MET D 207 22.21 -25.39 26.23
C MET D 207 22.01 -26.84 26.66
N GLU D 208 22.71 -27.25 27.72
CA GLU D 208 22.58 -28.62 28.24
C GLU D 208 21.12 -28.91 28.59
N GLU D 209 20.52 -28.00 29.35
CA GLU D 209 19.14 -28.11 29.76
C GLU D 209 18.20 -28.12 28.58
N THR D 210 18.44 -27.23 27.62
CA THR D 210 17.64 -27.09 26.39
C THR D 210 17.68 -28.35 25.51
N ILE D 211 18.89 -28.87 25.28
CA ILE D 211 19.07 -30.05 24.47
C ILE D 211 18.43 -31.27 25.14
N ALA D 212 18.62 -31.40 26.43
CA ALA D 212 18.04 -32.53 27.12
C ALA D 212 16.52 -32.43 27.09
N TYR D 213 15.97 -31.26 27.40
CA TYR D 213 14.52 -31.04 27.39
C TYR D 213 13.83 -31.42 26.07
N LEU D 214 14.32 -30.87 24.96
CA LEU D 214 13.76 -31.17 23.65
C LEU D 214 14.02 -32.59 23.22
N LYS D 215 15.25 -33.07 23.42
CA LYS D 215 15.61 -34.42 23.03
C LYS D 215 14.72 -35.48 23.70
N GLU D 216 14.19 -35.16 24.87
CA GLU D 216 13.35 -36.06 25.62
C GLU D 216 11.92 -36.08 25.16
N ARG D 217 11.55 -35.14 24.30
CA ARG D 217 10.16 -35.11 23.90
C ARG D 217 9.80 -34.68 22.48
N THR D 218 10.78 -34.69 21.58
CA THR D 218 10.53 -34.30 20.19
C THR D 218 11.18 -35.31 19.24
N ASP D 219 10.77 -35.30 17.97
CA ASP D 219 11.35 -36.21 16.99
C ASP D 219 12.12 -35.45 15.90
N GLY D 220 12.30 -34.16 16.13
CA GLY D 220 13.02 -33.29 15.23
C GLY D 220 13.06 -31.92 15.86
N VAL D 221 14.13 -31.17 15.65
CA VAL D 221 14.23 -29.82 16.20
C VAL D 221 14.63 -28.81 15.14
N HIS D 222 13.86 -27.74 15.04
CA HIS D 222 14.13 -26.68 14.09
C HIS D 222 14.81 -25.52 14.83
N LEU D 223 15.95 -25.07 14.30
CA LEU D 223 16.66 -23.93 14.86
C LEU D 223 16.26 -22.64 14.13
N SER D 224 15.62 -21.72 14.86
CA SER D 224 15.21 -20.45 14.28
C SER D 224 16.14 -19.43 14.91
N LEU D 225 17.25 -19.19 14.24
CA LEU D 225 18.23 -18.26 14.75
C LEU D 225 18.16 -16.84 14.20
N ASP D 226 17.74 -15.92 15.06
CA ASP D 226 17.64 -14.52 14.73
C ASP D 226 18.97 -13.89 15.13
N LEU D 227 19.65 -13.27 14.17
CA LEU D 227 20.93 -12.64 14.47
C LEU D 227 20.87 -11.55 15.55
N ASP D 228 19.72 -10.93 15.77
CA ASP D 228 19.62 -9.89 16.80
C ASP D 228 19.70 -10.44 18.24
N GLY D 229 19.77 -11.77 18.33
CA GLY D 229 19.93 -12.45 19.60
C GLY D 229 21.34 -12.19 20.11
N LEU D 230 22.25 -11.83 19.20
CA LEU D 230 23.61 -11.52 19.61
C LEU D 230 23.59 -10.04 19.92
N ASP D 231 24.58 -9.60 20.68
CA ASP D 231 24.71 -8.20 21.04
C ASP D 231 24.98 -7.34 19.78
N PRO D 232 24.41 -6.13 19.73
CA PRO D 232 24.60 -5.25 18.58
C PRO D 232 26.09 -4.96 18.25
N SER D 233 26.96 -5.21 19.21
CA SER D 233 28.39 -4.99 18.98
C SER D 233 28.94 -6.14 18.15
N ASP D 234 28.36 -7.32 18.33
CA ASP D 234 28.78 -8.49 17.59
C ASP D 234 28.02 -8.61 16.29
N ALA D 235 26.74 -8.26 16.32
CA ALA D 235 25.90 -8.35 15.15
C ALA D 235 25.20 -7.03 14.96
N PRO D 236 25.94 -6.01 14.47
CA PRO D 236 25.38 -4.68 14.23
C PRO D 236 24.30 -4.59 13.15
N GLY D 237 24.39 -5.40 12.10
CA GLY D 237 23.41 -5.33 11.02
C GLY D 237 22.04 -5.97 11.23
N VAL D 238 21.28 -5.46 12.19
CA VAL D 238 19.93 -5.96 12.43
C VAL D 238 19.01 -4.76 12.53
N GLY D 239 17.75 -4.94 12.14
CA GLY D 239 16.78 -3.86 12.15
C GLY D 239 16.24 -3.47 13.51
N THR D 240 16.09 -4.46 14.40
CA THR D 240 15.61 -4.19 15.75
C THR D 240 16.58 -4.70 16.80
N PRO D 241 17.72 -4.03 16.93
CA PRO D 241 18.77 -4.38 17.89
C PRO D 241 18.36 -4.07 19.34
N VAL D 242 18.97 -4.79 20.27
CA VAL D 242 18.69 -4.62 21.69
C VAL D 242 20.04 -4.87 22.40
N ILE D 243 20.46 -3.96 23.25
CA ILE D 243 21.75 -4.16 23.92
C ILE D 243 21.75 -5.22 24.99
N GLY D 244 22.95 -5.63 25.37
CA GLY D 244 23.12 -6.66 26.36
C GLY D 244 22.70 -8.02 25.83
N GLY D 245 23.22 -8.41 24.68
CA GLY D 245 22.89 -9.68 24.08
C GLY D 245 24.00 -10.70 24.20
N LEU D 246 23.79 -11.84 23.56
CA LEU D 246 24.72 -12.95 23.55
C LEU D 246 25.98 -12.58 22.80
N THR D 247 27.10 -13.18 23.19
CA THR D 247 28.36 -12.90 22.54
C THR D 247 28.62 -13.83 21.36
N TYR D 248 29.66 -13.49 20.62
CA TYR D 248 30.10 -14.26 19.46
C TYR D 248 30.48 -15.67 19.93
N ARG D 249 31.24 -15.73 21.03
CA ARG D 249 31.67 -17.00 21.61
C ARG D 249 30.54 -17.86 22.17
N GLU D 250 29.57 -17.23 22.85
CA GLU D 250 28.41 -17.92 23.40
C GLU D 250 27.62 -18.52 22.25
N SER D 251 27.52 -17.78 21.15
CA SER D 251 26.80 -18.29 19.99
C SER D 251 27.53 -19.45 19.33
N HIS D 252 28.85 -19.42 19.31
CA HIS D 252 29.58 -20.53 18.72
C HIS D 252 29.43 -21.76 19.59
N LEU D 253 29.57 -21.59 20.91
CA LEU D 253 29.43 -22.69 21.84
C LEU D 253 28.08 -23.35 21.66
N ALA D 254 27.03 -22.51 21.61
CA ALA D 254 25.66 -23.00 21.41
C ALA D 254 25.56 -23.84 20.15
N MET D 255 26.07 -23.31 19.04
CA MET D 255 26.06 -24.04 17.77
C MET D 255 26.90 -25.32 17.85
N GLU D 256 28.01 -25.25 18.59
CA GLU D 256 28.90 -26.41 18.74
C GLU D 256 28.25 -27.50 19.58
N MET D 257 27.48 -27.11 20.58
CA MET D 257 26.81 -28.07 21.44
C MET D 257 25.63 -28.71 20.76
N LEU D 258 25.02 -28.00 19.83
CA LEU D 258 23.88 -28.51 19.09
C LEU D 258 24.36 -29.55 18.08
N ALA D 259 25.47 -29.25 17.41
CA ALA D 259 26.06 -30.13 16.40
C ALA D 259 26.37 -31.46 17.06
N GLU D 260 26.95 -31.36 18.23
CA GLU D 260 27.32 -32.50 19.04
C GLU D 260 26.10 -33.31 19.40
N ALA D 261 25.03 -32.62 19.79
CA ALA D 261 23.79 -33.26 20.20
C ALA D 261 23.10 -33.97 19.07
N GLN D 262 23.36 -33.53 17.85
CA GLN D 262 22.75 -34.12 16.65
C GLN D 262 21.25 -34.12 16.73
N ILE D 263 20.67 -32.99 17.13
CA ILE D 263 19.21 -32.88 17.22
C ILE D 263 18.55 -31.92 16.21
N ILE D 264 19.33 -31.01 15.64
CA ILE D 264 18.81 -30.04 14.67
C ILE D 264 18.49 -30.63 13.29
N THR D 265 17.20 -30.64 12.96
CA THR D 265 16.76 -31.20 11.68
C THR D 265 16.43 -30.18 10.60
N SER D 266 16.42 -28.92 10.97
CA SER D 266 16.16 -27.84 10.02
C SER D 266 16.62 -26.54 10.68
N ALA D 267 16.90 -25.52 9.87
CA ALA D 267 17.32 -24.24 10.42
C ALA D 267 17.17 -23.08 9.49
N GLU D 268 17.15 -21.89 10.08
CA GLU D 268 17.03 -20.65 9.35
C GLU D 268 17.76 -19.57 10.12
N PHE D 269 18.45 -18.72 9.38
CA PHE D 269 19.20 -17.59 9.94
C PHE D 269 18.55 -16.33 9.39
N VAL D 270 17.89 -15.58 10.27
CA VAL D 270 17.17 -14.39 9.88
C VAL D 270 17.67 -13.05 10.42
N GLU D 271 17.03 -11.99 9.92
CA GLU D 271 17.26 -10.60 10.29
C GLU D 271 18.60 -9.95 9.91
N VAL D 272 19.34 -10.59 9.02
CA VAL D 272 20.61 -10.02 8.57
C VAL D 272 20.31 -8.87 7.59
N ASN D 273 20.71 -7.65 7.95
CA ASN D 273 20.46 -6.47 7.11
C ASN D 273 21.80 -5.78 6.81
N PRO D 274 22.32 -5.94 5.58
CA PRO D 274 23.59 -5.36 5.11
C PRO D 274 23.60 -3.84 5.09
N ILE D 275 22.42 -3.27 4.94
CA ILE D 275 22.31 -1.84 4.89
C ILE D 275 22.43 -1.18 6.25
N LEU D 276 22.40 -1.97 7.33
CA LEU D 276 22.54 -1.43 8.68
C LEU D 276 23.76 -2.01 9.38
N ASP D 277 24.60 -2.68 8.61
CA ASP D 277 25.79 -3.38 9.10
C ASP D 277 27.11 -2.63 8.88
N GLU D 278 28.19 -3.20 9.44
CA GLU D 278 29.55 -2.64 9.29
C GLU D 278 30.38 -3.63 8.50
N ARG D 279 30.41 -3.44 7.18
CA ARG D 279 31.16 -4.31 6.29
C ARG D 279 30.81 -5.80 6.29
N ASN D 280 29.52 -6.09 6.24
CA ASN D 280 29.03 -7.48 6.19
C ASN D 280 29.38 -8.34 7.42
N LYS D 281 29.70 -7.66 8.52
CA LYS D 281 30.04 -8.30 9.77
C LYS D 281 29.01 -9.32 10.25
N THR D 282 27.73 -8.89 10.24
CA THR D 282 26.61 -9.73 10.66
C THR D 282 26.37 -10.96 9.77
N ALA D 283 26.46 -10.81 8.45
CA ALA D 283 26.28 -11.97 7.54
C ALA D 283 27.43 -12.94 7.81
N SER D 284 28.58 -12.37 8.12
CA SER D 284 29.77 -13.14 8.41
C SER D 284 29.63 -13.98 9.67
N VAL D 285 29.01 -13.40 10.70
CA VAL D 285 28.81 -14.12 11.94
C VAL D 285 27.85 -15.27 11.66
N ALA D 286 26.78 -14.98 10.93
CA ALA D 286 25.79 -15.98 10.60
C ALA D 286 26.44 -17.20 9.94
N VAL D 287 27.27 -16.93 8.93
CA VAL D 287 27.95 -17.98 8.20
C VAL D 287 28.86 -18.81 9.06
N ALA D 288 29.58 -18.15 9.97
CA ALA D 288 30.48 -18.86 10.88
C ALA D 288 29.67 -19.75 11.79
N LEU D 289 28.57 -19.18 12.29
CA LEU D 289 27.66 -19.90 13.19
C LEU D 289 27.08 -21.09 12.47
N MET D 290 26.78 -20.93 11.19
CA MET D 290 26.27 -22.05 10.42
C MET D 290 27.36 -23.15 10.32
N GLY D 291 28.63 -22.75 10.18
CA GLY D 291 29.72 -23.71 10.07
C GLY D 291 29.81 -24.62 11.28
N SER D 292 29.71 -24.02 12.47
CA SER D 292 29.73 -24.74 13.75
C SER D 292 28.53 -25.66 13.88
N LEU D 293 27.34 -25.15 13.52
CA LEU D 293 26.11 -25.91 13.61
C LEU D 293 26.26 -27.19 12.79
N PHE D 294 26.86 -27.05 11.62
CA PHE D 294 27.06 -28.19 10.73
C PHE D 294 28.34 -28.96 11.00
N GLY D 295 28.80 -28.88 12.25
CA GLY D 295 29.96 -29.62 12.67
C GLY D 295 31.38 -29.14 12.57
N GLU D 296 31.59 -27.89 12.20
CA GLU D 296 32.94 -27.36 12.10
C GLU D 296 33.56 -27.34 13.49
N LYS D 297 34.80 -27.81 13.63
CA LYS D 297 35.48 -27.83 14.92
C LYS D 297 36.89 -27.22 14.91
N LEU D 298 37.32 -26.71 16.06
CA LEU D 298 38.64 -26.06 16.18
C LEU D 298 39.79 -27.07 16.21
N MET D 299 39.50 -28.27 16.72
CA MET D 299 40.45 -29.37 16.82
C MET D 299 39.90 -30.57 16.06
N LYS E 2 62.65 -15.38 43.27
CA LYS E 2 63.86 -15.61 42.42
C LYS E 2 64.08 -14.43 41.48
N PRO E 3 65.34 -13.97 41.37
CA PRO E 3 65.66 -12.84 40.51
C PRO E 3 65.28 -13.19 39.08
N ILE E 4 64.95 -12.15 38.31
CA ILE E 4 64.56 -12.32 36.92
C ILE E 4 65.63 -11.72 36.01
N SER E 5 65.78 -12.31 34.84
CA SER E 5 66.69 -11.80 33.84
C SER E 5 65.90 -11.74 32.55
N ILE E 6 65.83 -10.54 31.98
CA ILE E 6 65.15 -10.31 30.74
C ILE E 6 66.10 -10.43 29.58
N ILE E 7 65.64 -11.09 28.52
CA ILE E 7 66.41 -11.27 27.31
C ILE E 7 65.46 -10.93 26.15
N GLY E 8 65.83 -9.92 25.35
CA GLY E 8 65.00 -9.55 24.23
C GLY E 8 65.47 -10.32 23.02
N VAL E 9 64.55 -10.74 22.17
CA VAL E 9 64.91 -11.49 20.97
C VAL E 9 64.17 -10.84 19.84
N PRO E 10 64.77 -9.83 19.21
CA PRO E 10 64.20 -9.09 18.10
C PRO E 10 64.10 -9.90 16.82
N MET E 11 63.30 -10.94 16.86
CA MET E 11 63.09 -11.87 15.75
C MET E 11 61.79 -11.69 14.95
N ASP E 12 61.90 -11.64 13.61
CA ASP E 12 60.71 -11.57 12.76
C ASP E 12 60.83 -12.56 11.59
N LEU E 13 61.97 -13.24 11.52
CA LEU E 13 62.25 -14.23 10.47
C LEU E 13 61.44 -15.50 10.58
N GLY E 14 60.69 -15.65 11.67
CA GLY E 14 59.87 -16.82 11.87
C GLY E 14 58.55 -16.71 11.13
N GLN E 15 58.28 -15.52 10.58
CA GLN E 15 57.06 -15.26 9.82
C GLN E 15 57.29 -14.15 8.80
N THR E 16 56.22 -13.61 8.23
CA THR E 16 56.36 -12.58 7.19
C THR E 16 56.01 -11.11 7.47
N ARG E 17 55.24 -10.85 8.51
CA ARG E 17 54.88 -9.47 8.83
C ARG E 17 56.05 -8.84 9.59
N ARG E 18 56.62 -7.78 9.02
CA ARG E 18 57.74 -7.09 9.65
C ARG E 18 57.23 -6.28 10.86
N GLY E 19 58.12 -6.02 11.81
CA GLY E 19 57.73 -5.25 12.98
C GLY E 19 57.73 -6.02 14.28
N VAL E 20 57.49 -7.34 14.21
CA VAL E 20 57.46 -8.16 15.42
C VAL E 20 58.82 -8.16 16.13
N ASP E 21 59.84 -7.71 15.39
CA ASP E 21 61.20 -7.59 15.94
C ASP E 21 61.26 -6.41 16.93
N MET E 22 60.27 -5.53 16.85
CA MET E 22 60.19 -4.34 17.72
C MET E 22 59.46 -4.66 19.00
N GLY E 23 59.00 -5.91 19.11
CA GLY E 23 58.27 -6.38 20.28
C GLY E 23 58.99 -6.17 21.60
N PRO E 24 60.26 -6.56 21.71
CA PRO E 24 61.05 -6.41 22.95
C PRO E 24 61.10 -4.98 23.48
N SER E 25 61.40 -4.03 22.60
CA SER E 25 61.48 -2.65 23.03
C SER E 25 60.12 -2.03 23.31
N ALA E 26 59.10 -2.49 22.60
CA ALA E 26 57.75 -1.98 22.80
C ALA E 26 57.30 -2.33 24.21
N MET E 27 57.65 -3.53 24.67
CA MET E 27 57.31 -3.98 26.02
C MET E 27 58.15 -3.30 27.07
N ARG E 28 59.41 -3.01 26.74
CA ARG E 28 60.30 -2.29 27.67
C ARG E 28 59.68 -0.91 27.82
N TYR E 29 59.29 -0.30 26.69
CA TYR E 29 58.68 1.01 26.71
C TYR E 29 57.34 0.95 27.40
N ALA E 30 56.69 -0.21 27.36
CA ALA E 30 55.40 -0.39 28.04
C ALA E 30 55.63 -0.49 29.56
N GLY E 31 56.91 -0.47 29.96
CA GLY E 31 57.26 -0.48 31.36
C GLY E 31 57.46 -1.78 32.10
N VAL E 32 58.01 -2.78 31.42
CA VAL E 32 58.23 -4.09 32.04
C VAL E 32 59.16 -4.10 33.26
N ILE E 33 60.23 -3.30 33.23
CA ILE E 33 61.15 -3.25 34.35
C ILE E 33 60.53 -2.63 35.59
N GLU E 34 59.97 -1.44 35.45
CA GLU E 34 59.36 -0.81 36.60
C GLU E 34 58.21 -1.61 37.16
N ARG E 35 57.42 -2.24 36.28
CA ARG E 35 56.30 -3.06 36.73
C ARG E 35 56.75 -4.18 37.66
N LEU E 36 57.88 -4.81 37.29
CA LEU E 36 58.47 -5.93 38.04
C LEU E 36 59.25 -5.52 39.26
N GLU E 37 59.89 -4.34 39.20
CA GLU E 37 60.65 -3.81 40.33
C GLU E 37 59.72 -3.47 41.48
N ARG E 38 58.49 -3.04 41.12
CA ARG E 38 57.46 -2.67 42.10
C ARG E 38 57.00 -3.87 42.92
N LEU E 39 57.19 -5.07 42.36
CA LEU E 39 56.83 -6.30 43.04
C LEU E 39 58.00 -6.77 43.90
N HIS E 40 59.01 -5.89 44.01
CA HIS E 40 60.22 -6.13 44.78
C HIS E 40 61.18 -7.13 44.18
N TYR E 41 61.17 -7.28 42.87
CA TYR E 41 62.07 -8.23 42.22
C TYR E 41 63.43 -7.66 41.94
N ASP E 42 64.41 -8.55 41.83
CA ASP E 42 65.75 -8.14 41.42
C ASP E 42 65.67 -8.43 39.91
N ILE E 43 65.28 -7.42 39.15
CA ILE E 43 65.16 -7.57 37.71
C ILE E 43 66.43 -7.05 37.05
N GLU E 44 66.84 -7.74 36.00
CA GLU E 44 68.05 -7.43 35.25
C GLU E 44 67.75 -7.57 33.74
N ASP E 45 68.18 -6.59 32.95
CA ASP E 45 67.96 -6.65 31.51
C ASP E 45 69.26 -7.00 30.78
N LEU E 46 69.32 -8.19 30.23
CA LEU E 46 70.52 -8.63 29.53
C LEU E 46 70.57 -8.18 28.08
N GLY E 47 69.69 -7.24 27.72
CA GLY E 47 69.68 -6.76 26.35
C GLY E 47 69.04 -7.69 25.33
N ASP E 48 69.47 -7.58 24.07
CA ASP E 48 68.93 -8.37 22.98
C ASP E 48 69.87 -9.33 22.29
N ILE E 49 69.32 -10.44 21.83
CA ILE E 49 70.06 -11.46 21.10
C ILE E 49 70.27 -10.92 19.69
N PRO E 50 71.50 -11.03 19.18
CA PRO E 50 71.82 -10.55 17.83
C PRO E 50 71.17 -11.46 16.82
N ILE E 51 70.33 -10.88 15.98
CA ILE E 51 69.66 -11.66 14.94
C ILE E 51 70.31 -11.32 13.58
N GLY E 52 70.71 -12.35 12.84
CA GLY E 52 71.34 -12.11 11.55
C GLY E 52 70.30 -11.95 10.47
N LYS E 53 70.67 -11.37 9.34
CA LYS E 53 69.71 -11.23 8.25
C LYS E 53 69.75 -12.48 7.38
N ALA E 54 68.56 -12.96 7.03
CA ALA E 54 68.43 -14.17 6.24
C ALA E 54 69.07 -14.05 4.86
N GLU E 55 69.37 -15.20 4.26
CA GLU E 55 69.97 -15.19 2.95
C GLU E 55 68.90 -15.06 1.89
N ARG E 56 69.34 -14.80 0.66
CA ARG E 56 68.45 -14.66 -0.47
C ARG E 56 67.49 -15.83 -0.48
N LEU E 57 66.19 -15.51 -0.44
CA LEU E 57 65.17 -16.53 -0.42
C LEU E 57 65.45 -17.58 -1.49
N HIS E 58 65.83 -17.13 -2.68
CA HIS E 58 66.09 -18.06 -3.77
C HIS E 58 67.24 -19.04 -3.55
N GLU E 59 68.20 -18.71 -2.70
CA GLU E 59 69.31 -19.63 -2.46
C GLU E 59 69.20 -20.39 -1.15
N GLN E 60 68.04 -20.31 -0.52
CA GLN E 60 67.79 -21.01 0.74
C GLN E 60 67.44 -22.47 0.53
N GLY E 61 67.78 -23.30 1.51
CA GLY E 61 67.53 -24.73 1.42
C GLY E 61 66.11 -25.22 1.15
N ASP E 62 65.17 -24.87 2.04
CA ASP E 62 63.78 -25.31 1.90
C ASP E 62 62.74 -24.19 2.00
N SER E 63 61.83 -24.18 1.03
CA SER E 63 60.75 -23.19 0.96
C SER E 63 59.79 -23.40 2.12
N ARG E 64 59.77 -24.63 2.61
CA ARG E 64 58.91 -25.05 3.69
C ARG E 64 59.55 -24.68 5.00
N LEU E 65 60.77 -24.16 4.93
CA LEU E 65 61.49 -23.74 6.12
C LEU E 65 62.18 -22.42 5.80
N ARG E 66 61.38 -21.37 5.66
CA ARG E 66 61.90 -20.05 5.34
C ARG E 66 62.85 -19.47 6.39
N ASN E 67 63.97 -18.91 5.94
CA ASN E 67 64.99 -18.30 6.81
C ASN E 67 65.54 -19.25 7.89
N LEU E 68 65.61 -20.54 7.55
CA LEU E 68 66.05 -21.57 8.47
C LEU E 68 67.40 -21.31 9.12
N LYS E 69 68.36 -20.85 8.32
CA LYS E 69 69.69 -20.58 8.85
C LYS E 69 69.69 -19.50 9.91
N ALA E 70 69.13 -18.34 9.55
CA ALA E 70 69.05 -17.18 10.43
C ALA E 70 68.24 -17.47 11.69
N VAL E 71 67.14 -18.20 11.52
CA VAL E 71 66.28 -18.59 12.64
C VAL E 71 66.97 -19.61 13.55
N ALA E 72 67.65 -20.59 12.96
CA ALA E 72 68.33 -21.60 13.76
C ALA E 72 69.51 -21.03 14.56
N GLU E 73 70.26 -20.11 13.95
CA GLU E 73 71.41 -19.53 14.60
C GLU E 73 71.04 -18.59 15.74
N ALA E 74 70.01 -17.78 15.52
CA ALA E 74 69.56 -16.85 16.55
C ALA E 74 69.09 -17.66 17.75
N ASN E 75 68.38 -18.76 17.49
CA ASN E 75 67.89 -19.63 18.55
C ASN E 75 69.03 -20.30 19.27
N GLU E 76 70.15 -20.46 18.58
CA GLU E 76 71.33 -21.06 19.18
C GLU E 76 71.85 -20.10 20.24
N LYS E 77 71.96 -18.84 19.84
CA LYS E 77 72.45 -17.82 20.75
C LYS E 77 71.48 -17.66 21.91
N LEU E 78 70.17 -17.72 21.61
CA LEU E 78 69.16 -17.57 22.64
C LEU E 78 69.24 -18.69 23.64
N ALA E 79 69.49 -19.89 23.13
CA ALA E 79 69.59 -21.05 23.99
C ALA E 79 70.71 -20.87 24.99
N ALA E 80 71.85 -20.40 24.50
CA ALA E 80 73.02 -20.20 25.35
C ALA E 80 72.79 -19.16 26.44
N ALA E 81 72.22 -18.03 26.05
CA ALA E 81 71.91 -16.94 26.96
C ALA E 81 70.96 -17.42 28.05
N VAL E 82 69.90 -18.12 27.65
CA VAL E 82 68.91 -18.65 28.59
C VAL E 82 69.50 -19.69 29.51
N ASP E 83 70.37 -20.51 28.96
CA ASP E 83 71.04 -21.57 29.71
C ASP E 83 71.83 -20.95 30.83
N GLN E 84 72.63 -19.92 30.50
CA GLN E 84 73.45 -19.26 31.49
C GLN E 84 72.62 -18.60 32.62
N VAL E 85 71.49 -18.00 32.27
CA VAL E 85 70.62 -17.36 33.25
C VAL E 85 70.12 -18.41 34.25
N VAL E 86 69.67 -19.55 33.73
CA VAL E 86 69.20 -20.62 34.59
C VAL E 86 70.32 -21.08 35.51
N GLN E 87 71.52 -21.25 34.93
CA GLN E 87 72.69 -21.67 35.70
C GLN E 87 72.99 -20.69 36.83
N ARG E 88 72.79 -19.39 36.58
CA ARG E 88 73.06 -18.38 37.61
C ARG E 88 71.98 -18.31 38.69
N GLY E 89 70.99 -19.22 38.61
CA GLY E 89 69.91 -19.24 39.57
C GLY E 89 68.79 -18.21 39.34
N ARG E 90 68.71 -17.66 38.13
CA ARG E 90 67.69 -16.66 37.85
C ARG E 90 66.58 -17.20 36.94
N PHE E 91 65.48 -16.45 36.89
CA PHE E 91 64.31 -16.75 36.06
C PHE E 91 64.49 -16.12 34.69
N PRO E 92 64.46 -16.93 33.63
CA PRO E 92 64.62 -16.32 32.32
C PRO E 92 63.26 -15.82 31.78
N LEU E 93 63.19 -14.51 31.54
CA LEU E 93 61.99 -13.89 31.00
C LEU E 93 62.38 -13.44 29.59
N VAL E 94 61.93 -14.19 28.59
CA VAL E 94 62.25 -13.91 27.21
C VAL E 94 61.16 -13.07 26.53
N LEU E 95 61.54 -11.93 25.93
CA LEU E 95 60.59 -11.07 25.22
C LEU E 95 60.81 -11.13 23.70
N GLY E 96 59.79 -11.53 22.96
CA GLY E 96 59.89 -11.61 21.51
C GLY E 96 59.28 -10.44 20.77
N GLY E 97 59.29 -10.47 19.44
CA GLY E 97 59.84 -11.59 18.69
C GLY E 97 58.75 -12.59 18.33
N ASP E 98 58.80 -13.17 17.13
CA ASP E 98 57.77 -14.15 16.76
C ASP E 98 57.98 -15.44 17.56
N HIS E 99 57.00 -16.32 17.53
CA HIS E 99 57.05 -17.56 18.28
C HIS E 99 58.15 -18.57 17.99
N SER E 100 58.90 -18.39 16.91
CA SER E 100 59.98 -19.31 16.57
C SER E 100 61.08 -19.23 17.61
N ILE E 101 61.04 -18.22 18.46
CA ILE E 101 62.07 -18.09 19.48
C ILE E 101 61.90 -19.08 20.61
N ALA E 102 60.71 -19.69 20.69
CA ALA E 102 60.43 -20.69 21.73
C ALA E 102 61.43 -21.82 21.62
N ILE E 103 61.85 -22.12 20.39
CA ILE E 103 62.82 -23.16 20.12
C ILE E 103 64.10 -22.93 20.94
N GLY E 104 64.58 -21.69 20.96
CA GLY E 104 65.78 -21.38 21.71
C GLY E 104 65.57 -21.31 23.21
N THR E 105 64.43 -20.74 23.62
CA THR E 105 64.12 -20.61 25.03
C THR E 105 64.03 -21.99 25.68
N LEU E 106 63.24 -22.87 25.08
CA LEU E 106 63.10 -24.21 25.63
C LEU E 106 64.43 -24.98 25.59
N ALA E 107 65.27 -24.67 24.59
CA ALA E 107 66.56 -25.34 24.46
C ALA E 107 67.51 -25.02 25.60
N GLY E 108 67.38 -23.81 26.17
CA GLY E 108 68.26 -23.43 27.27
C GLY E 108 67.70 -23.78 28.63
N VAL E 109 66.40 -24.06 28.67
CA VAL E 109 65.71 -24.37 29.92
C VAL E 109 65.55 -25.85 30.20
N ALA E 110 65.01 -26.54 29.21
CA ALA E 110 64.71 -27.97 29.34
C ALA E 110 65.83 -28.83 29.92
N LYS E 111 67.06 -28.64 29.44
CA LYS E 111 68.21 -29.42 29.91
C LYS E 111 68.36 -29.39 31.45
N HIS E 112 67.73 -28.43 32.11
CA HIS E 112 67.84 -28.29 33.56
C HIS E 112 66.72 -28.92 34.37
N TYR E 113 65.83 -29.64 33.69
CA TYR E 113 64.69 -30.27 34.35
C TYR E 113 64.50 -31.71 33.91
N GLU E 114 64.13 -32.54 34.88
CA GLU E 114 63.89 -33.95 34.64
C GLU E 114 62.67 -34.12 33.74
N ARG E 115 61.64 -33.33 34.04
CA ARG E 115 60.37 -33.35 33.30
C ARG E 115 59.76 -31.95 33.16
N LEU E 116 60.29 -31.16 32.22
CA LEU E 116 59.75 -29.82 32.01
C LEU E 116 58.38 -29.84 31.30
N GLY E 117 57.40 -29.18 31.93
CA GLY E 117 56.09 -29.08 31.33
C GLY E 117 56.08 -27.77 30.55
N VAL E 118 55.04 -27.60 29.74
CA VAL E 118 54.88 -26.40 28.93
C VAL E 118 53.42 -26.00 28.80
N ILE E 119 53.13 -24.73 29.09
CA ILE E 119 51.79 -24.19 28.90
C ILE E 119 51.94 -23.31 27.66
N TRP E 120 51.26 -23.70 26.58
CA TRP E 120 51.31 -22.97 25.33
C TRP E 120 49.99 -22.20 25.16
N TYR E 121 50.02 -20.92 25.56
CA TYR E 121 48.88 -19.98 25.50
C TYR E 121 48.91 -19.38 24.09
N ASP E 122 47.99 -19.80 23.24
CA ASP E 122 48.05 -19.37 21.84
C ASP E 122 46.75 -19.67 21.09
N ALA E 123 46.58 -19.00 19.98
CA ALA E 123 45.44 -19.22 19.11
C ALA E 123 45.79 -20.41 18.21
N HIS E 124 47.08 -20.64 18.05
CA HIS E 124 47.61 -21.69 17.20
C HIS E 124 48.27 -22.79 18.00
N GLY E 125 48.59 -23.89 17.31
CA GLY E 125 49.24 -25.03 17.95
C GLY E 125 50.75 -25.01 17.78
N ASP E 126 51.21 -24.40 16.70
CA ASP E 126 52.63 -24.29 16.45
C ASP E 126 53.33 -25.66 16.41
N VAL E 127 52.61 -26.64 15.90
CA VAL E 127 53.11 -28.01 15.79
C VAL E 127 53.21 -28.48 14.33
N ASN E 128 53.57 -27.58 13.43
CA ASN E 128 53.73 -27.92 12.02
C ASN E 128 55.15 -28.32 11.74
N THR E 129 55.33 -29.01 10.62
CA THR E 129 56.65 -29.46 10.15
C THR E 129 56.75 -28.98 8.71
N ALA E 130 57.93 -29.13 8.10
CA ALA E 130 58.13 -28.70 6.73
C ALA E 130 57.11 -29.41 5.84
N GLU E 131 56.72 -30.61 6.24
CA GLU E 131 55.75 -31.40 5.49
C GLU E 131 54.29 -30.93 5.68
N THR E 132 53.92 -30.56 6.91
CA THR E 132 52.55 -30.13 7.19
C THR E 132 52.33 -28.62 7.12
N SER E 133 53.41 -27.85 7.18
CA SER E 133 53.31 -26.40 7.15
C SER E 133 52.74 -25.87 5.85
N PRO E 134 51.68 -25.08 5.96
CA PRO E 134 51.03 -24.50 4.78
C PRO E 134 51.71 -23.19 4.36
N SER E 135 52.56 -22.65 5.25
CA SER E 135 53.22 -21.37 4.98
C SER E 135 54.74 -21.41 4.87
N GLY E 136 55.33 -22.35 5.60
CA GLY E 136 56.77 -22.45 5.60
C GLY E 136 57.33 -21.51 6.65
N ASN E 137 56.42 -20.89 7.42
CA ASN E 137 56.84 -19.98 8.47
C ASN E 137 57.23 -20.76 9.73
N ILE E 138 58.50 -20.67 10.10
CA ILE E 138 58.99 -21.39 11.26
C ILE E 138 58.28 -21.09 12.58
N HIS E 139 57.61 -19.94 12.67
CA HIS E 139 56.91 -19.62 13.93
C HIS E 139 55.73 -20.53 14.13
N GLY E 140 55.42 -21.30 13.10
CA GLY E 140 54.34 -22.25 13.17
C GLY E 140 54.84 -23.65 13.46
N MET E 141 56.11 -23.75 13.85
CA MET E 141 56.77 -25.03 14.15
C MET E 141 57.50 -25.23 15.48
N PRO E 142 57.72 -24.17 16.28
CA PRO E 142 58.43 -24.31 17.56
C PRO E 142 58.04 -25.39 18.57
N LEU E 143 56.75 -25.67 18.70
CA LEU E 143 56.30 -26.69 19.65
C LEU E 143 56.65 -28.10 19.17
N ALA E 144 56.38 -28.37 17.90
CA ALA E 144 56.70 -29.66 17.32
C ALA E 144 58.23 -29.86 17.37
N ALA E 145 58.98 -28.83 16.96
CA ALA E 145 60.44 -28.87 16.95
C ALA E 145 60.97 -29.16 18.33
N SER E 146 60.35 -28.55 19.33
CA SER E 146 60.76 -28.78 20.72
C SER E 146 60.39 -30.18 21.19
N LEU E 147 59.38 -30.77 20.56
CA LEU E 147 58.96 -32.12 20.90
C LEU E 147 59.83 -33.14 20.14
N GLY E 148 60.75 -32.63 19.34
CA GLY E 148 61.64 -33.46 18.56
C GLY E 148 61.17 -33.72 17.14
N PHE E 149 60.16 -32.98 16.70
CA PHE E 149 59.61 -33.19 15.37
C PHE E 149 59.85 -32.07 14.38
N GLY E 150 60.78 -32.34 13.46
CA GLY E 150 61.09 -31.37 12.43
C GLY E 150 62.51 -31.44 11.94
N HIS E 151 62.89 -30.40 11.22
CA HIS E 151 64.22 -30.29 10.66
C HIS E 151 65.24 -30.29 11.80
N PRO E 152 66.31 -31.09 11.66
CA PRO E 152 67.37 -31.22 12.66
C PRO E 152 68.01 -29.89 13.04
N ALA E 153 68.01 -28.94 12.11
CA ALA E 153 68.56 -27.61 12.39
C ALA E 153 67.77 -26.94 13.51
N LEU E 154 66.52 -27.36 13.66
CA LEU E 154 65.65 -26.82 14.68
C LEU E 154 65.52 -27.73 15.89
N THR E 155 65.42 -29.03 15.65
CA THR E 155 65.25 -29.99 16.73
C THR E 155 66.49 -30.24 17.54
N GLN E 156 67.66 -29.94 16.97
CA GLN E 156 68.93 -30.18 17.68
C GLN E 156 69.55 -28.98 18.38
N ILE E 157 68.84 -27.85 18.41
CA ILE E 157 69.37 -26.64 19.05
C ILE E 157 69.74 -27.00 20.49
N GLY E 158 70.91 -26.55 20.94
CA GLY E 158 71.34 -26.84 22.29
C GLY E 158 72.06 -28.16 22.40
N GLY E 159 72.13 -28.89 21.28
CA GLY E 159 72.80 -30.17 21.26
C GLY E 159 72.09 -31.33 21.94
N TYR E 160 70.76 -31.33 21.91
CA TYR E 160 69.98 -32.41 22.51
C TYR E 160 68.54 -32.33 22.06
N SER E 161 67.82 -33.44 22.22
CA SER E 161 66.42 -33.52 21.84
C SER E 161 65.81 -34.82 22.35
N PRO E 162 64.50 -34.81 22.66
CA PRO E 162 63.63 -33.65 22.54
C PRO E 162 63.74 -32.83 23.82
N LYS E 163 63.32 -31.58 23.78
CA LYS E 163 63.38 -30.75 24.98
C LYS E 163 62.24 -31.09 25.94
N ILE E 164 61.11 -31.56 25.40
CA ILE E 164 59.95 -31.87 26.22
C ILE E 164 59.17 -33.08 25.67
N LYS E 165 58.31 -33.62 26.53
CA LYS E 165 57.46 -34.77 26.19
C LYS E 165 56.02 -34.27 25.98
N PRO E 166 55.30 -34.81 24.97
CA PRO E 166 53.92 -34.42 24.64
C PRO E 166 52.96 -34.45 25.82
N GLU E 167 53.18 -35.41 26.72
CA GLU E 167 52.31 -35.58 27.87
C GLU E 167 52.53 -34.50 28.92
N HIS E 168 53.53 -33.67 28.68
CA HIS E 168 53.85 -32.60 29.60
C HIS E 168 53.53 -31.25 28.99
N VAL E 169 52.71 -31.27 27.94
CA VAL E 169 52.29 -30.04 27.26
C VAL E 169 50.79 -29.84 27.37
N VAL E 170 50.39 -28.59 27.61
CA VAL E 170 48.96 -28.21 27.67
C VAL E 170 48.79 -26.95 26.81
N LEU E 171 47.92 -27.04 25.81
CA LEU E 171 47.63 -25.94 24.90
C LEU E 171 46.37 -25.25 25.39
N ILE E 172 46.39 -23.92 25.44
CA ILE E 172 45.20 -23.15 25.87
C ILE E 172 44.85 -22.01 24.92
N GLY E 173 43.56 -21.93 24.56
CA GLY E 173 43.07 -20.86 23.71
C GLY E 173 43.11 -21.11 22.23
N VAL E 174 43.48 -22.32 21.86
CA VAL E 174 43.58 -22.69 20.45
C VAL E 174 42.26 -22.55 19.68
N ARG E 175 42.36 -22.02 18.47
CA ARG E 175 41.18 -21.83 17.64
C ARG E 175 41.53 -21.85 16.16
N SER E 176 42.79 -22.12 15.84
CA SER E 176 43.24 -22.16 14.44
C SER E 176 44.35 -23.17 14.23
N LEU E 177 43.95 -24.40 13.90
CA LEU E 177 44.88 -25.49 13.67
C LEU E 177 44.84 -25.98 12.24
N ASP E 178 46.00 -26.32 11.69
CA ASP E 178 46.07 -26.86 10.34
C ASP E 178 45.74 -28.35 10.49
N GLU E 179 45.27 -28.97 9.40
CA GLU E 179 44.92 -30.39 9.43
C GLU E 179 46.02 -31.27 9.96
N GLY E 180 47.23 -31.01 9.49
CA GLY E 180 48.39 -31.78 9.94
C GLY E 180 48.59 -31.62 11.44
N GLU E 181 48.32 -30.41 11.93
CA GLU E 181 48.44 -30.09 13.35
C GLU E 181 47.38 -30.79 14.19
N LYS E 182 46.16 -30.86 13.68
CA LYS E 182 45.08 -31.52 14.40
C LYS E 182 45.43 -32.99 14.59
N LYS E 183 45.98 -33.58 13.53
CA LYS E 183 46.39 -34.98 13.51
C LYS E 183 47.58 -35.22 14.50
N PHE E 184 48.54 -34.29 14.49
CA PHE E 184 49.71 -34.35 15.36
C PHE E 184 49.27 -34.34 16.81
N ILE E 185 48.46 -33.36 17.17
CA ILE E 185 47.96 -33.22 18.53
C ILE E 185 47.25 -34.47 18.96
N ARG E 186 46.39 -34.96 18.07
CA ARG E 186 45.56 -36.14 18.27
C ARG E 186 46.42 -37.36 18.56
N GLU E 187 47.40 -37.56 17.69
CA GLU E 187 48.30 -38.70 17.79
C GLU E 187 49.39 -38.62 18.85
N LYS E 188 49.94 -37.44 19.10
CA LYS E 188 50.97 -37.32 20.14
C LYS E 188 50.28 -37.27 21.51
N GLY E 189 48.96 -37.17 21.50
CA GLY E 189 48.20 -37.12 22.73
C GLY E 189 48.51 -35.91 23.59
N ILE E 190 48.55 -34.74 22.93
CA ILE E 190 48.81 -33.49 23.61
C ILE E 190 47.52 -32.92 24.22
N LYS E 191 47.59 -32.49 25.47
CA LYS E 191 46.44 -31.93 26.19
C LYS E 191 46.12 -30.58 25.56
N ILE E 192 44.86 -30.37 25.18
CA ILE E 192 44.48 -29.13 24.53
C ILE E 192 43.10 -28.59 24.87
N TYR E 193 43.06 -27.29 25.21
CA TYR E 193 41.82 -26.60 25.50
C TYR E 193 41.63 -25.55 24.43
N THR E 194 40.78 -25.86 23.45
CA THR E 194 40.46 -24.92 22.41
C THR E 194 39.43 -23.94 22.99
N MET E 195 39.05 -22.92 22.23
CA MET E 195 38.07 -21.97 22.73
C MET E 195 36.75 -22.63 23.09
N HIS E 196 36.49 -23.82 22.54
CA HIS E 196 35.26 -24.53 22.85
C HIS E 196 35.26 -24.93 24.30
N GLU E 197 36.38 -25.48 24.76
CA GLU E 197 36.51 -25.89 26.15
C GLU E 197 36.57 -24.67 27.06
N VAL E 198 37.15 -23.59 26.58
CA VAL E 198 37.23 -22.39 27.40
C VAL E 198 35.80 -21.82 27.56
N ASP E 199 35.02 -21.86 26.49
CA ASP E 199 33.65 -21.37 26.53
C ASP E 199 32.74 -22.29 27.31
N ARG E 200 33.02 -23.58 27.20
CA ARG E 200 32.21 -24.57 27.88
C ARG E 200 32.54 -24.75 29.36
N LEU E 201 33.83 -24.83 29.67
CA LEU E 201 34.30 -25.05 31.05
C LEU E 201 34.56 -23.80 31.85
N GLY E 202 34.99 -22.74 31.18
CA GLY E 202 35.34 -21.52 31.86
C GLY E 202 36.85 -21.52 32.16
N MET E 203 37.49 -20.36 32.03
CA MET E 203 38.92 -20.25 32.26
C MET E 203 39.37 -20.78 33.61
N THR E 204 38.57 -20.57 34.64
CA THR E 204 38.90 -21.05 35.99
C THR E 204 39.15 -22.56 36.00
N ARG E 205 38.19 -23.33 35.47
CA ARG E 205 38.29 -24.78 35.42
C ARG E 205 39.44 -25.25 34.52
N VAL E 206 39.63 -24.56 33.39
CA VAL E 206 40.70 -24.91 32.46
C VAL E 206 42.07 -24.75 33.14
N MET E 207 42.22 -23.70 33.91
CA MET E 207 43.46 -23.45 34.60
C MET E 207 43.61 -24.37 35.78
N GLU E 208 42.53 -24.66 36.49
CA GLU E 208 42.61 -25.59 37.63
C GLU E 208 43.10 -26.96 37.13
N GLU E 209 42.46 -27.43 36.06
CA GLU E 209 42.80 -28.72 35.46
C GLU E 209 44.23 -28.73 34.92
N THR E 210 44.62 -27.62 34.28
CA THR E 210 45.94 -27.49 33.70
C THR E 210 47.02 -27.49 34.77
N ILE E 211 46.82 -26.72 35.82
CA ILE E 211 47.79 -26.62 36.89
C ILE E 211 47.92 -27.94 37.65
N ALA E 212 46.80 -28.59 37.89
CA ALA E 212 46.82 -29.86 38.58
C ALA E 212 47.53 -30.93 37.75
N TYR E 213 47.20 -30.98 36.47
CA TYR E 213 47.80 -31.92 35.52
C TYR E 213 49.32 -31.86 35.47
N LEU E 214 49.84 -30.67 35.18
CA LEU E 214 51.27 -30.47 35.08
C LEU E 214 51.95 -30.63 36.41
N LYS E 215 51.36 -30.05 37.46
CA LYS E 215 51.93 -30.13 38.80
C LYS E 215 52.13 -31.57 39.27
N GLU E 216 51.28 -32.46 38.79
CA GLU E 216 51.36 -33.86 39.16
C GLU E 216 52.44 -34.65 38.38
N ARG E 217 53.06 -34.05 37.38
CA ARG E 217 54.03 -34.82 36.61
C ARG E 217 55.23 -34.10 36.01
N THR E 218 55.49 -32.90 36.49
CA THR E 218 56.62 -32.13 35.97
C THR E 218 57.42 -31.54 37.14
N ASP E 219 58.65 -31.12 36.87
CA ASP E 219 59.51 -30.50 37.90
C ASP E 219 59.82 -29.05 37.57
N GLY E 220 59.15 -28.53 36.55
CA GLY E 220 59.34 -27.16 36.15
C GLY E 220 58.35 -26.93 35.03
N VAL E 221 57.79 -25.73 34.94
CA VAL E 221 56.83 -25.44 33.87
C VAL E 221 57.17 -24.14 33.18
N HIS E 222 57.30 -24.22 31.86
CA HIS E 222 57.61 -23.05 31.05
C HIS E 222 56.35 -22.46 30.42
N LEU E 223 56.13 -21.16 30.62
CA LEU E 223 54.98 -20.49 30.05
C LEU E 223 55.35 -19.80 28.75
N SER E 224 54.83 -20.33 27.65
CA SER E 224 55.07 -19.76 26.33
C SER E 224 53.78 -19.04 25.94
N LEU E 225 53.72 -17.75 26.25
CA LEU E 225 52.55 -16.96 25.98
C LEU E 225 52.63 -16.14 24.70
N ASP E 226 51.79 -16.50 23.75
CA ASP E 226 51.68 -15.81 22.48
C ASP E 226 50.51 -14.84 22.63
N LEU E 227 50.77 -13.55 22.41
CA LEU E 227 49.73 -12.54 22.55
C LEU E 227 48.53 -12.75 21.65
N ASP E 228 48.68 -13.42 20.51
CA ASP E 228 47.54 -13.64 19.63
C ASP E 228 46.50 -14.61 20.20
N GLY E 229 46.79 -15.12 21.40
CA GLY E 229 45.88 -16.02 22.09
C GLY E 229 44.73 -15.19 22.66
N LEU E 230 44.95 -13.89 22.79
CA LEU E 230 43.91 -13.02 23.26
C LEU E 230 43.19 -12.58 21.99
N ASP E 231 41.95 -12.13 22.13
CA ASP E 231 41.17 -11.66 21.00
C ASP E 231 41.85 -10.42 20.37
N PRO E 232 41.81 -10.29 19.03
CA PRO E 232 42.41 -9.15 18.34
C PRO E 232 41.87 -7.79 18.82
N SER E 233 40.73 -7.81 19.53
CA SER E 233 40.16 -6.56 20.06
C SER E 233 40.90 -6.15 21.33
N ASP E 234 41.44 -7.15 22.03
CA ASP E 234 42.20 -6.92 23.24
C ASP E 234 43.67 -6.81 22.90
N ALA E 235 44.12 -7.60 21.92
CA ALA E 235 45.51 -7.62 21.51
C ALA E 235 45.60 -7.44 19.99
N PRO E 236 45.31 -6.22 19.50
CA PRO E 236 45.36 -5.94 18.06
C PRO E 236 46.73 -6.09 17.40
N GLY E 237 47.80 -5.71 18.12
CA GLY E 237 49.15 -5.79 17.57
C GLY E 237 49.83 -7.14 17.41
N VAL E 238 49.28 -8.00 16.56
CA VAL E 238 49.85 -9.32 16.28
C VAL E 238 49.80 -9.59 14.76
N GLY E 239 50.77 -10.35 14.27
CA GLY E 239 50.83 -10.63 12.86
C GLY E 239 49.82 -11.60 12.32
N THR E 240 49.48 -12.64 13.09
CA THR E 240 48.50 -13.62 12.62
C THR E 240 47.33 -13.74 13.59
N PRO E 241 46.50 -12.70 13.66
CA PRO E 241 45.33 -12.66 14.54
C PRO E 241 44.24 -13.65 14.11
N VAL E 242 43.42 -14.03 15.09
CA VAL E 242 42.32 -14.95 14.85
C VAL E 242 41.17 -14.47 15.74
N ILE E 243 40.00 -14.23 15.19
CA ILE E 243 38.92 -13.76 16.04
C ILE E 243 38.37 -14.80 17.01
N GLY E 244 37.63 -14.30 18.00
CA GLY E 244 37.02 -15.15 19.02
C GLY E 244 38.02 -15.71 19.98
N GLY E 245 38.88 -14.85 20.51
CA GLY E 245 39.90 -15.28 21.45
C GLY E 245 39.65 -14.97 22.90
N LEU E 246 40.64 -15.30 23.72
CA LEU E 246 40.56 -15.06 25.14
C LEU E 246 40.50 -13.57 25.43
N THR E 247 39.80 -13.18 26.50
CA THR E 247 39.67 -11.78 26.88
C THR E 247 40.82 -11.31 27.79
N TYR E 248 40.86 -10.01 28.01
CA TYR E 248 41.85 -9.39 28.86
C TYR E 248 41.77 -10.00 30.26
N ARG E 249 40.55 -10.04 30.79
CA ARG E 249 40.26 -10.59 32.12
C ARG E 249 40.60 -12.06 32.28
N GLU E 250 40.30 -12.86 31.26
CA GLU E 250 40.59 -14.29 31.29
C GLU E 250 42.08 -14.48 31.38
N SER E 251 42.82 -13.65 30.65
CA SER E 251 44.27 -13.71 30.65
C SER E 251 44.84 -13.30 31.99
N HIS E 252 44.24 -12.32 32.65
CA HIS E 252 44.74 -11.94 33.94
C HIS E 252 44.46 -13.04 34.94
N LEU E 253 43.24 -13.57 34.92
CA LEU E 253 42.88 -14.66 35.82
C LEU E 253 43.87 -15.81 35.67
N ALA E 254 44.14 -16.22 34.43
CA ALA E 254 45.08 -17.30 34.15
C ALA E 254 46.42 -17.04 34.80
N MET E 255 46.98 -15.86 34.54
CA MET E 255 48.26 -15.46 35.11
C MET E 255 48.20 -15.42 36.65
N GLU E 256 47.08 -14.94 37.19
CA GLU E 256 46.89 -14.84 38.63
C GLU E 256 46.84 -16.22 39.27
N MET E 257 46.21 -17.15 38.58
CA MET E 257 46.07 -18.50 39.07
C MET E 257 47.38 -19.28 38.99
N LEU E 258 48.23 -18.91 38.02
CA LEU E 258 49.54 -19.55 37.87
C LEU E 258 50.47 -19.03 38.95
N ALA E 259 50.44 -17.71 39.18
CA ALA E 259 51.27 -17.07 40.19
C ALA E 259 51.02 -17.79 41.52
N GLU E 260 49.75 -17.94 41.84
CA GLU E 260 49.31 -18.62 43.05
C GLU E 260 49.85 -20.06 43.12
N ALA E 261 49.78 -20.78 42.01
CA ALA E 261 50.23 -22.17 41.94
C ALA E 261 51.71 -22.33 42.14
N GLN E 262 52.45 -21.27 41.87
CA GLN E 262 53.91 -21.29 41.99
C GLN E 262 54.56 -22.41 41.21
N ILE E 263 54.10 -22.64 39.99
CA ILE E 263 54.66 -23.69 39.14
C ILE E 263 55.47 -23.18 37.96
N ILE E 264 55.33 -21.90 37.61
CA ILE E 264 56.04 -21.31 36.48
C ILE E 264 57.50 -21.04 36.78
N THR E 265 58.40 -21.70 36.02
CA THR E 265 59.84 -21.59 36.23
C THR E 265 60.59 -20.83 35.15
N SER E 266 59.90 -20.53 34.06
CA SER E 266 60.46 -19.73 32.97
C SER E 266 59.29 -19.25 32.11
N ALA E 267 59.50 -18.18 31.36
CA ALA E 267 58.42 -17.65 30.52
C ALA E 267 58.90 -16.80 29.36
N GLU E 268 58.02 -16.60 28.39
CA GLU E 268 58.32 -15.80 27.22
C GLU E 268 57.01 -15.26 26.67
N PHE E 269 57.03 -13.97 26.34
CA PHE E 269 55.88 -13.28 25.78
C PHE E 269 56.26 -12.92 24.37
N VAL E 270 55.55 -13.51 23.41
CA VAL E 270 55.86 -13.35 22.01
C VAL E 270 54.75 -12.78 21.12
N GLU E 271 55.16 -12.51 19.87
CA GLU E 271 54.30 -12.01 18.82
C GLU E 271 53.78 -10.60 18.94
N VAL E 272 54.39 -9.80 19.81
CA VAL E 272 53.96 -8.41 19.94
C VAL E 272 54.57 -7.63 18.77
N ASN E 273 53.72 -7.02 17.94
CA ASN E 273 54.17 -6.25 16.78
C ASN E 273 53.56 -4.83 16.84
N PRO E 274 54.37 -3.83 17.29
CA PRO E 274 53.99 -2.41 17.44
C PRO E 274 53.51 -1.77 16.14
N ILE E 275 54.01 -2.27 15.03
CA ILE E 275 53.68 -1.74 13.74
C ILE E 275 52.29 -2.13 13.25
N LEU E 276 51.65 -3.06 13.96
CA LEU E 276 50.31 -3.51 13.60
C LEU E 276 49.31 -3.23 14.72
N ASP E 277 49.83 -2.61 15.76
CA ASP E 277 49.09 -2.29 16.98
C ASP E 277 48.37 -0.93 17.00
N GLU E 278 47.63 -0.65 18.09
CA GLU E 278 46.96 0.63 18.27
C GLU E 278 47.57 1.31 19.49
N ARG E 279 48.60 2.11 19.27
CA ARG E 279 49.26 2.83 20.34
C ARG E 279 49.84 1.97 21.46
N ASN E 280 50.61 0.95 21.09
CA ASN E 280 51.27 0.07 22.04
C ASN E 280 50.35 -0.72 22.99
N LYS E 281 49.08 -0.84 22.61
CA LYS E 281 48.10 -1.57 23.40
C LYS E 281 48.53 -2.99 23.76
N THR E 282 49.02 -3.73 22.76
CA THR E 282 49.43 -5.11 22.92
C THR E 282 50.66 -5.28 23.85
N ALA E 283 51.67 -4.43 23.68
CA ALA E 283 52.85 -4.52 24.53
C ALA E 283 52.41 -4.24 25.97
N SER E 284 51.45 -3.34 26.10
CA SER E 284 50.92 -2.98 27.40
C SER E 284 50.22 -4.17 28.05
N VAL E 285 49.40 -4.87 27.28
CA VAL E 285 48.69 -6.05 27.78
C VAL E 285 49.70 -7.05 28.31
N ALA E 286 50.71 -7.32 27.50
CA ALA E 286 51.77 -8.25 27.86
C ALA E 286 52.42 -7.87 29.19
N VAL E 287 52.75 -6.59 29.34
CA VAL E 287 53.39 -6.13 30.58
C VAL E 287 52.49 -6.31 31.79
N ALA E 288 51.19 -6.03 31.61
CA ALA E 288 50.22 -6.18 32.69
C ALA E 288 50.11 -7.67 33.06
N LEU E 289 50.02 -8.54 32.04
CA LEU E 289 49.93 -9.98 32.24
C LEU E 289 51.19 -10.47 32.95
N MET E 290 52.35 -9.92 32.59
CA MET E 290 53.58 -10.32 33.25
C MET E 290 53.49 -9.97 34.75
N GLY E 291 52.94 -8.79 35.06
CA GLY E 291 52.81 -8.35 36.44
C GLY E 291 52.04 -9.35 37.29
N SER E 292 50.94 -9.84 36.73
CA SER E 292 50.07 -10.80 37.39
C SER E 292 50.80 -12.11 37.55
N LEU E 293 51.48 -12.54 36.48
CA LEU E 293 52.23 -13.79 36.52
C LEU E 293 53.23 -13.74 37.70
N PHE E 294 53.94 -12.62 37.84
CA PHE E 294 54.91 -12.47 38.89
C PHE E 294 54.34 -12.02 40.25
N GLY E 295 53.05 -12.28 40.46
CA GLY E 295 52.45 -12.00 41.75
C GLY E 295 51.65 -10.76 42.07
N GLU E 296 51.51 -9.85 41.11
CA GLU E 296 50.75 -8.60 41.29
C GLU E 296 49.32 -8.94 41.63
N LYS E 297 48.79 -8.32 42.67
CA LYS E 297 47.41 -8.59 43.10
C LYS E 297 46.62 -7.32 43.28
N LEU E 298 45.30 -7.46 43.13
CA LEU E 298 44.38 -6.33 43.24
C LEU E 298 44.14 -5.91 44.68
N MET E 299 44.21 -6.89 45.58
CA MET E 299 44.02 -6.67 47.00
C MET E 299 45.30 -7.14 47.72
N LYS F 2 7.51 -0.09 48.20
CA LYS F 2 7.80 1.16 48.96
C LYS F 2 8.05 2.33 48.01
N PRO F 3 7.45 3.49 48.31
CA PRO F 3 7.63 4.68 47.46
C PRO F 3 9.09 5.11 47.41
N ILE F 4 9.47 5.74 46.30
CA ILE F 4 10.84 6.20 46.15
C ILE F 4 10.92 7.71 46.15
N SER F 5 12.04 8.23 46.66
CA SER F 5 12.29 9.66 46.69
C SER F 5 13.68 9.91 46.15
N ILE F 6 13.75 10.60 45.02
CA ILE F 6 15.00 10.94 44.40
C ILE F 6 15.54 12.24 44.95
N ILE F 7 16.84 12.22 45.24
CA ILE F 7 17.56 13.39 45.71
C ILE F 7 18.84 13.53 44.86
N GLY F 8 18.94 14.64 44.12
CA GLY F 8 20.13 14.89 43.34
C GLY F 8 21.19 15.60 44.20
N VAL F 9 22.46 15.21 44.07
CA VAL F 9 23.52 15.84 44.83
C VAL F 9 24.59 16.19 43.82
N PRO F 10 24.48 17.38 43.21
CA PRO F 10 25.40 17.91 42.22
C PRO F 10 26.76 18.25 42.81
N MET F 11 27.46 17.22 43.25
CA MET F 11 28.78 17.34 43.89
C MET F 11 29.98 16.94 43.03
N ASP F 12 31.02 17.77 43.01
CA ASP F 12 32.25 17.47 42.30
C ASP F 12 33.48 17.84 43.13
N LEU F 13 33.21 18.40 44.32
CA LEU F 13 34.26 18.81 45.25
C LEU F 13 34.99 17.64 45.91
N GLY F 14 34.47 16.43 45.69
CA GLY F 14 35.08 15.23 46.24
C GLY F 14 36.26 14.77 45.41
N GLN F 15 36.43 15.38 44.24
CA GLN F 15 37.53 15.03 43.35
C GLN F 15 37.87 16.23 42.48
N THR F 16 38.68 16.01 41.44
CA THR F 16 39.11 17.13 40.61
C THR F 16 38.55 17.29 39.21
N ARG F 17 37.90 16.28 38.67
CA ARG F 17 37.36 16.40 37.32
C ARG F 17 36.00 17.09 37.40
N ARG F 18 35.88 18.23 36.74
CA ARG F 18 34.62 18.95 36.75
C ARG F 18 33.61 18.24 35.86
N GLY F 19 32.32 18.47 36.14
CA GLY F 19 31.28 17.85 35.34
C GLY F 19 30.46 16.77 36.04
N VAL F 20 31.04 16.10 37.04
CA VAL F 20 30.36 15.05 37.78
C VAL F 20 29.19 15.63 38.56
N ASP F 21 29.16 16.95 38.65
CA ASP F 21 28.07 17.63 39.32
C ASP F 21 26.84 17.63 38.39
N MET F 22 27.07 17.30 37.12
CA MET F 22 26.00 17.23 36.13
C MET F 22 25.39 15.84 36.08
N GLY F 23 25.92 14.93 36.91
CA GLY F 23 25.41 13.57 36.93
C GLY F 23 23.94 13.43 37.20
N PRO F 24 23.38 14.11 38.23
CA PRO F 24 21.96 14.02 38.57
C PRO F 24 21.06 14.33 37.41
N SER F 25 21.30 15.44 36.72
CA SER F 25 20.46 15.81 35.59
C SER F 25 20.64 14.96 34.35
N ALA F 26 21.84 14.39 34.20
CA ALA F 26 22.13 13.53 33.07
C ALA F 26 21.31 12.26 33.25
N MET F 27 21.18 11.81 34.50
CA MET F 27 20.39 10.61 34.80
C MET F 27 18.89 10.91 34.71
N ARG F 28 18.51 12.14 35.06
CA ARG F 28 17.12 12.56 34.98
C ARG F 28 16.78 12.58 33.49
N TYR F 29 17.70 13.13 32.70
CA TYR F 29 17.51 13.18 31.27
C TYR F 29 17.58 11.78 30.67
N ALA F 30 18.30 10.87 31.32
CA ALA F 30 18.38 9.49 30.83
C ALA F 30 17.06 8.79 31.12
N GLY F 31 16.13 9.49 31.77
CA GLY F 31 14.82 8.93 32.04
C GLY F 31 14.57 8.12 33.28
N VAL F 32 15.23 8.47 34.39
CA VAL F 32 15.04 7.72 35.61
C VAL F 32 13.60 7.69 36.14
N ILE F 33 12.89 8.82 36.05
CA ILE F 33 11.51 8.88 36.56
C ILE F 33 10.56 7.95 35.80
N GLU F 34 10.60 8.08 34.47
CA GLU F 34 9.76 7.29 33.56
C GLU F 34 9.99 5.81 33.78
N ARG F 35 11.26 5.43 33.82
CA ARG F 35 11.72 4.06 34.02
C ARG F 35 11.10 3.43 35.27
N LEU F 36 11.13 4.19 36.37
CA LEU F 36 10.60 3.74 37.66
C LEU F 36 9.08 3.82 37.79
N GLU F 37 8.49 4.77 37.08
CA GLU F 37 7.04 4.93 37.08
C GLU F 37 6.42 3.73 36.36
N ARG F 38 7.12 3.22 35.36
CA ARG F 38 6.65 2.07 34.59
C ARG F 38 6.56 0.82 35.45
N LEU F 39 7.37 0.78 36.51
CA LEU F 39 7.36 -0.36 37.41
C LEU F 39 6.32 -0.15 38.46
N HIS F 40 5.44 0.82 38.18
CA HIS F 40 4.33 1.20 39.03
C HIS F 40 4.71 1.72 40.41
N TYR F 41 5.83 2.44 40.46
CA TYR F 41 6.28 3.01 41.73
C TYR F 41 5.72 4.40 41.94
N ASP F 42 5.64 4.78 43.22
CA ASP F 42 5.21 6.13 43.56
C ASP F 42 6.56 6.84 43.71
N ILE F 43 7.06 7.34 42.59
CA ILE F 43 8.35 8.02 42.57
C ILE F 43 8.16 9.53 42.74
N GLU F 44 9.07 10.14 43.50
CA GLU F 44 9.02 11.57 43.81
C GLU F 44 10.42 12.19 43.69
N ASP F 45 10.51 13.35 43.07
CA ASP F 45 11.80 14.00 42.92
C ASP F 45 11.93 15.19 43.84
N LEU F 46 12.72 15.05 44.91
CA LEU F 46 12.91 16.16 45.86
C LEU F 46 13.95 17.18 45.40
N GLY F 47 14.34 17.11 44.13
CA GLY F 47 15.31 18.06 43.60
C GLY F 47 16.76 17.81 43.99
N ASP F 48 17.54 18.89 44.06
CA ASP F 48 18.95 18.80 44.38
C ASP F 48 19.38 19.49 45.67
N ILE F 49 20.43 18.95 46.29
CA ILE F 49 21.01 19.51 47.51
C ILE F 49 21.87 20.68 47.06
N PRO F 50 21.74 21.81 47.73
CA PRO F 50 22.52 23.01 47.40
C PRO F 50 23.96 22.74 47.82
N ILE F 51 24.88 22.82 46.86
CA ILE F 51 26.29 22.59 47.14
C ILE F 51 27.02 23.93 47.07
N GLY F 52 27.77 24.23 48.11
CA GLY F 52 28.51 25.48 48.14
C GLY F 52 29.84 25.33 47.46
N LYS F 53 30.25 26.35 46.71
CA LYS F 53 31.56 26.35 46.03
C LYS F 53 32.62 26.34 47.11
N ALA F 54 33.58 25.43 47.00
CA ALA F 54 34.64 25.33 48.00
C ALA F 54 35.63 26.48 47.93
N GLU F 55 36.06 26.93 49.11
CA GLU F 55 37.04 28.01 49.24
C GLU F 55 38.29 27.50 48.53
N ARG F 56 38.95 28.36 47.77
CA ARG F 56 40.10 27.90 47.04
C ARG F 56 41.24 27.38 47.91
N LEU F 57 41.87 26.35 47.37
CA LEU F 57 42.99 25.61 47.96
C LEU F 57 43.87 26.39 48.92
N HIS F 58 44.40 27.52 48.44
CA HIS F 58 45.28 28.37 49.24
C HIS F 58 44.79 28.70 50.65
N GLU F 59 43.54 29.16 50.76
CA GLU F 59 42.99 29.49 52.07
C GLU F 59 42.61 28.24 52.85
N GLN F 60 42.46 27.12 52.16
CA GLN F 60 42.10 25.85 52.77
C GLN F 60 43.16 25.42 53.79
N GLY F 61 42.84 24.38 54.56
CA GLY F 61 43.76 23.91 55.58
C GLY F 61 44.59 22.66 55.33
N ASP F 62 43.96 21.60 54.86
CA ASP F 62 44.68 20.36 54.61
C ASP F 62 44.63 19.95 53.15
N SER F 63 45.81 19.90 52.53
CA SER F 63 45.94 19.49 51.14
C SER F 63 45.68 17.98 51.02
N ARG F 64 45.37 17.35 52.15
CA ARG F 64 45.08 15.94 52.20
C ARG F 64 43.59 15.77 52.36
N LEU F 65 42.89 16.89 52.52
CA LEU F 65 41.44 16.92 52.64
C LEU F 65 40.89 18.11 51.86
N ARG F 66 41.05 18.07 50.54
CA ARG F 66 40.59 19.14 49.67
C ARG F 66 39.10 19.41 49.76
N ASN F 67 38.75 20.69 49.83
CA ASN F 67 37.37 21.17 49.90
C ASN F 67 36.56 20.57 51.04
N LEU F 68 37.25 20.25 52.14
CA LEU F 68 36.65 19.64 53.33
C LEU F 68 35.41 20.33 53.85
N LYS F 69 35.47 21.64 53.98
CA LYS F 69 34.33 22.34 54.50
C LYS F 69 33.10 22.26 53.61
N ALA F 70 33.27 22.55 52.32
CA ALA F 70 32.16 22.50 51.37
C ALA F 70 31.61 21.08 51.23
N VAL F 71 32.50 20.09 51.26
CA VAL F 71 32.10 18.69 51.16
C VAL F 71 31.37 18.26 52.42
N ALA F 72 31.88 18.68 53.57
CA ALA F 72 31.24 18.31 54.83
C ALA F 72 29.88 18.97 55.03
N GLU F 73 29.74 20.21 54.57
CA GLU F 73 28.49 20.92 54.72
C GLU F 73 27.41 20.38 53.80
N ALA F 74 27.82 20.05 52.57
CA ALA F 74 26.87 19.50 51.60
C ALA F 74 26.33 18.17 52.10
N ASN F 75 27.23 17.37 52.67
CA ASN F 75 26.89 16.06 53.21
C ASN F 75 25.99 16.18 54.40
N GLU F 76 26.07 17.32 55.10
CA GLU F 76 25.21 17.56 56.26
C GLU F 76 23.80 17.74 55.78
N LYS F 77 23.65 18.52 54.72
CA LYS F 77 22.34 18.79 54.15
C LYS F 77 21.78 17.49 53.55
N LEU F 78 22.65 16.73 52.90
CA LEU F 78 22.25 15.47 52.30
C LEU F 78 21.73 14.53 53.37
N ALA F 79 22.48 14.41 54.46
CA ALA F 79 22.09 13.55 55.57
C ALA F 79 20.70 13.89 56.09
N ALA F 80 20.42 15.18 56.27
CA ALA F 80 19.12 15.61 56.76
C ALA F 80 17.99 15.24 55.78
N ALA F 81 18.19 15.54 54.50
CA ALA F 81 17.22 15.24 53.46
C ALA F 81 16.91 13.76 53.43
N VAL F 82 17.96 12.94 53.49
CA VAL F 82 17.83 11.49 53.46
C VAL F 82 17.12 10.97 54.70
N ASP F 83 17.46 11.55 55.84
CA ASP F 83 16.87 11.18 57.13
C ASP F 83 15.36 11.38 57.05
N GLN F 84 14.96 12.55 56.54
CA GLN F 84 13.55 12.90 56.37
C GLN F 84 12.83 11.86 55.52
N VAL F 85 13.43 11.52 54.38
CA VAL F 85 12.85 10.54 53.45
C VAL F 85 12.59 9.19 54.13
N VAL F 86 13.58 8.72 54.88
CA VAL F 86 13.44 7.46 55.58
C VAL F 86 12.30 7.54 56.60
N GLN F 87 12.26 8.66 57.35
CA GLN F 87 11.23 8.86 58.35
C GLN F 87 9.86 8.84 57.72
N ARG F 88 9.74 9.40 56.53
CA ARG F 88 8.46 9.43 55.82
C ARG F 88 8.07 8.07 55.28
N GLY F 89 8.92 7.07 55.50
CA GLY F 89 8.62 5.72 55.04
C GLY F 89 8.91 5.47 53.57
N ARG F 90 9.76 6.30 52.98
CA ARG F 90 10.11 6.12 51.58
C ARG F 90 11.54 5.62 51.39
N PHE F 91 11.84 5.17 50.18
CA PHE F 91 13.17 4.66 49.84
C PHE F 91 14.01 5.81 49.29
N PRO F 92 15.17 6.09 49.91
CA PRO F 92 16.01 7.17 49.41
C PRO F 92 16.91 6.71 48.26
N LEU F 93 16.70 7.31 47.09
CA LEU F 93 17.49 7.01 45.90
C LEU F 93 18.25 8.30 45.64
N VAL F 94 19.55 8.28 45.95
CA VAL F 94 20.41 9.45 45.80
C VAL F 94 21.23 9.38 44.51
N LEU F 95 21.17 10.45 43.71
CA LEU F 95 21.90 10.53 42.45
C LEU F 95 23.06 11.53 42.53
N GLY F 96 24.27 11.06 42.29
CA GLY F 96 25.43 11.92 42.35
C GLY F 96 25.93 12.39 40.99
N GLY F 97 27.04 13.13 40.97
CA GLY F 97 27.77 13.49 42.18
C GLY F 97 28.92 12.50 42.45
N ASP F 98 30.06 13.00 42.88
CA ASP F 98 31.15 12.10 43.17
C ASP F 98 30.82 11.28 44.43
N HIS F 99 31.58 10.21 44.63
CA HIS F 99 31.36 9.31 45.74
C HIS F 99 31.44 9.87 47.14
N SER F 100 31.90 11.10 47.33
CA SER F 100 31.99 11.63 48.68
C SER F 100 30.61 11.87 49.27
N ILE F 101 29.57 11.77 48.44
CA ILE F 101 28.19 11.98 48.91
C ILE F 101 27.65 10.79 49.68
N ALA F 102 28.34 9.65 49.60
CA ALA F 102 27.95 8.45 50.36
C ALA F 102 28.01 8.83 51.85
N ILE F 103 28.97 9.68 52.22
CA ILE F 103 29.11 10.09 53.61
C ILE F 103 27.77 10.62 54.14
N GLY F 104 27.13 11.50 53.37
CA GLY F 104 25.86 12.06 53.78
C GLY F 104 24.70 11.09 53.68
N THR F 105 24.68 10.25 52.64
CA THR F 105 23.61 9.27 52.43
C THR F 105 23.54 8.27 53.58
N LEU F 106 24.69 7.67 53.92
CA LEU F 106 24.81 6.72 55.01
C LEU F 106 24.51 7.35 56.36
N ALA F 107 24.81 8.65 56.47
CA ALA F 107 24.57 9.39 57.69
C ALA F 107 23.08 9.59 57.98
N GLY F 108 22.27 9.65 56.94
CA GLY F 108 20.84 9.83 57.13
C GLY F 108 20.07 8.50 57.20
N VAL F 109 20.68 7.43 56.71
CA VAL F 109 20.05 6.11 56.67
C VAL F 109 20.40 5.21 57.85
N ALA F 110 21.70 5.11 58.14
CA ALA F 110 22.22 4.27 59.19
C ALA F 110 21.53 4.38 60.54
N LYS F 111 21.30 5.62 61.00
CA LYS F 111 20.66 5.83 62.31
C LYS F 111 19.34 5.08 62.46
N HIS F 112 18.75 4.69 61.34
CA HIS F 112 17.46 3.98 61.33
C HIS F 112 17.59 2.45 61.36
N TYR F 113 18.83 1.95 61.39
CA TYR F 113 19.05 0.52 61.37
C TYR F 113 19.95 0.02 62.47
N GLU F 114 19.58 -1.14 63.02
CA GLU F 114 20.37 -1.78 64.07
C GLU F 114 21.73 -2.19 63.54
N ARG F 115 21.71 -2.77 62.35
CA ARG F 115 22.92 -3.25 61.70
C ARG F 115 22.78 -3.07 60.19
N LEU F 116 23.06 -1.86 59.70
CA LEU F 116 22.98 -1.58 58.28
C LEU F 116 24.17 -2.16 57.54
N GLY F 117 23.91 -2.94 56.50
CA GLY F 117 24.98 -3.49 55.69
C GLY F 117 25.20 -2.59 54.49
N VAL F 118 26.32 -2.78 53.82
CA VAL F 118 26.65 -1.96 52.68
C VAL F 118 27.32 -2.80 51.59
N ILE F 119 26.85 -2.62 50.36
CA ILE F 119 27.43 -3.27 49.19
C ILE F 119 28.05 -2.10 48.42
N TRP F 120 29.37 -2.07 48.38
CA TRP F 120 30.13 -1.01 47.71
C TRP F 120 30.59 -1.53 46.31
N TYR F 121 29.79 -1.25 45.28
CA TYR F 121 30.06 -1.66 43.89
C TYR F 121 30.97 -0.59 43.30
N ASP F 122 32.26 -0.91 43.15
CA ASP F 122 33.25 0.09 42.75
C ASP F 122 34.55 -0.54 42.28
N ALA F 123 35.36 0.25 41.59
CA ALA F 123 36.68 -0.20 41.12
C ALA F 123 37.67 0.10 42.27
N HIS F 124 37.25 1.03 43.14
CA HIS F 124 38.05 1.46 44.26
C HIS F 124 37.46 1.04 45.59
N GLY F 125 38.25 1.19 46.65
CA GLY F 125 37.79 0.83 47.98
C GLY F 125 37.24 2.01 48.75
N ASP F 126 37.71 3.21 48.39
CA ASP F 126 37.27 4.45 49.05
C ASP F 126 37.43 4.42 50.57
N VAL F 127 38.51 3.77 51.03
CA VAL F 127 38.80 3.63 52.47
C VAL F 127 40.09 4.33 52.88
N ASN F 128 40.37 5.45 52.22
CA ASN F 128 41.56 6.23 52.52
C ASN F 128 41.21 7.26 53.57
N THR F 129 42.24 7.80 54.19
CA THR F 129 42.11 8.83 55.21
C THR F 129 43.04 9.93 54.77
N ALA F 130 43.09 11.03 55.52
CA ALA F 130 44.00 12.13 55.15
C ALA F 130 45.45 11.61 55.13
N GLU F 131 45.75 10.66 56.01
CA GLU F 131 47.07 10.08 56.13
C GLU F 131 47.42 9.15 55.01
N THR F 132 46.47 8.34 54.58
CA THR F 132 46.75 7.38 53.54
C THR F 132 46.41 7.85 52.15
N SER F 133 45.59 8.88 52.04
CA SER F 133 45.21 9.37 50.73
C SER F 133 46.39 9.91 49.94
N PRO F 134 46.54 9.43 48.69
CA PRO F 134 47.63 9.89 47.83
C PRO F 134 47.21 11.13 47.01
N SER F 135 45.94 11.53 47.11
CA SER F 135 45.43 12.63 46.32
C SER F 135 44.78 13.75 47.10
N GLY F 136 44.27 13.44 48.28
CA GLY F 136 43.61 14.45 49.04
C GLY F 136 42.15 14.54 48.61
N ASN F 137 41.76 13.74 47.61
CA ASN F 137 40.38 13.73 47.14
C ASN F 137 39.45 12.98 48.07
N ILE F 138 38.48 13.71 48.63
CA ILE F 138 37.54 13.12 49.57
C ILE F 138 36.64 11.99 49.02
N HIS F 139 36.45 11.93 47.71
CA HIS F 139 35.63 10.85 47.14
C HIS F 139 36.33 9.49 47.30
N GLY F 140 37.56 9.51 47.77
CA GLY F 140 38.29 8.27 47.96
C GLY F 140 38.34 7.92 49.43
N MET F 141 37.52 8.59 50.23
CA MET F 141 37.45 8.38 51.68
C MET F 141 36.10 8.12 52.35
N PRO F 142 34.96 8.21 51.62
CA PRO F 142 33.64 7.99 52.21
C PRO F 142 33.36 6.67 52.95
N LEU F 143 33.92 5.55 52.48
CA LEU F 143 33.66 4.27 53.17
C LEU F 143 34.39 4.24 54.52
N ALA F 144 35.65 4.67 54.56
CA ALA F 144 36.41 4.70 55.80
C ALA F 144 35.76 5.68 56.78
N ALA F 145 35.43 6.87 56.31
CA ALA F 145 34.81 7.88 57.13
C ALA F 145 33.50 7.35 57.73
N SER F 146 32.75 6.58 56.93
CA SER F 146 31.47 6.01 57.38
C SER F 146 31.70 4.89 58.41
N LEU F 147 32.88 4.28 58.34
CA LEU F 147 33.26 3.22 59.26
C LEU F 147 33.83 3.86 60.52
N GLY F 148 33.84 5.20 60.55
CA GLY F 148 34.34 5.96 61.68
C GLY F 148 35.81 6.32 61.59
N PHE F 149 36.43 6.13 60.43
CA PHE F 149 37.85 6.43 60.25
C PHE F 149 38.18 7.64 59.37
N GLY F 150 38.65 8.69 60.01
CA GLY F 150 39.02 9.89 59.27
C GLY F 150 38.79 11.18 60.04
N HIS F 151 38.84 12.29 59.31
CA HIS F 151 38.63 13.59 59.90
C HIS F 151 37.24 13.69 60.50
N PRO F 152 37.13 14.18 61.74
CA PRO F 152 35.87 14.33 62.46
C PRO F 152 34.83 15.09 61.67
N ALA F 153 35.26 16.01 60.83
CA ALA F 153 34.32 16.78 60.01
C ALA F 153 33.51 15.86 59.09
N LEU F 154 34.11 14.72 58.75
CA LEU F 154 33.45 13.74 57.90
C LEU F 154 32.86 12.56 58.69
N THR F 155 33.57 12.11 59.73
CA THR F 155 33.10 10.99 60.53
C THR F 155 31.90 11.31 61.43
N GLN F 156 31.73 12.59 61.78
CA GLN F 156 30.64 12.99 62.65
C GLN F 156 29.37 13.56 61.99
N ILE F 157 29.33 13.54 60.67
CA ILE F 157 28.17 14.03 59.96
C ILE F 157 26.93 13.34 60.56
N GLY F 158 25.88 14.11 60.80
CA GLY F 158 24.66 13.56 61.34
C GLY F 158 24.67 13.40 62.85
N GLY F 159 25.74 13.84 63.49
CA GLY F 159 25.82 13.73 64.94
C GLY F 159 26.01 12.35 65.57
N TYR F 160 26.64 11.43 64.84
CA TYR F 160 26.90 10.11 65.38
C TYR F 160 27.92 9.39 64.52
N SER F 161 28.47 8.31 65.07
CA SER F 161 29.47 7.50 64.39
C SER F 161 29.76 6.23 65.19
N PRO F 162 30.14 5.15 64.49
CA PRO F 162 30.29 5.12 63.03
C PRO F 162 28.90 4.84 62.47
N LYS F 163 28.75 4.91 61.15
CA LYS F 163 27.45 4.62 60.57
C LYS F 163 27.25 3.13 60.33
N ILE F 164 28.36 2.41 60.12
CA ILE F 164 28.31 0.97 59.82
C ILE F 164 29.51 0.28 60.43
N LYS F 165 29.47 -1.05 60.46
CA LYS F 165 30.55 -1.89 60.99
C LYS F 165 31.20 -2.63 59.82
N PRO F 166 32.54 -2.76 59.83
CA PRO F 166 33.32 -3.43 58.77
C PRO F 166 32.76 -4.76 58.33
N GLU F 167 32.27 -5.52 59.31
CA GLU F 167 31.75 -6.86 59.08
C GLU F 167 30.45 -6.87 58.32
N HIS F 168 29.87 -5.68 58.17
CA HIS F 168 28.62 -5.53 57.45
C HIS F 168 28.84 -4.87 56.11
N VAL F 169 30.07 -4.91 55.63
CA VAL F 169 30.43 -4.33 54.35
C VAL F 169 30.99 -5.36 53.37
N VAL F 170 30.56 -5.26 52.10
CA VAL F 170 31.02 -6.14 51.03
C VAL F 170 31.39 -5.24 49.84
N LEU F 171 32.63 -5.37 49.38
CA LEU F 171 33.14 -4.61 48.25
C LEU F 171 33.08 -5.54 47.06
N ILE F 172 32.67 -5.02 45.90
CA ILE F 172 32.57 -5.82 44.69
C ILE F 172 33.08 -5.06 43.46
N GLY F 173 33.94 -5.75 42.68
CA GLY F 173 34.52 -5.20 41.46
C GLY F 173 35.77 -4.35 41.64
N VAL F 174 36.40 -4.47 42.80
CA VAL F 174 37.59 -3.69 43.14
C VAL F 174 38.79 -4.12 42.32
N ARG F 175 39.50 -3.13 41.81
CA ARG F 175 40.67 -3.40 40.99
C ARG F 175 41.73 -2.30 41.09
N SER F 176 41.55 -1.38 42.03
CA SER F 176 42.50 -0.31 42.24
C SER F 176 42.48 0.18 43.68
N LEU F 177 43.39 -0.36 44.48
CA LEU F 177 43.48 -0.02 45.88
C LEU F 177 44.85 0.53 46.21
N ASP F 178 44.87 1.62 46.97
CA ASP F 178 46.14 2.17 47.42
C ASP F 178 46.66 1.23 48.54
N GLU F 179 47.96 1.21 48.76
CA GLU F 179 48.55 0.36 49.79
C GLU F 179 47.92 0.54 51.16
N GLY F 180 47.67 1.79 51.54
CA GLY F 180 47.04 2.07 52.82
C GLY F 180 45.69 1.39 52.89
N GLU F 181 44.96 1.44 51.78
CA GLU F 181 43.64 0.84 51.71
C GLU F 181 43.70 -0.68 51.77
N LYS F 182 44.68 -1.28 51.11
CA LYS F 182 44.82 -2.74 51.11
C LYS F 182 45.01 -3.19 52.55
N LYS F 183 45.80 -2.42 53.28
CA LYS F 183 46.10 -2.69 54.68
C LYS F 183 44.82 -2.51 55.51
N PHE F 184 44.10 -1.42 55.27
CA PHE F 184 42.86 -1.11 55.99
C PHE F 184 41.83 -2.23 55.83
N ILE F 185 41.60 -2.64 54.58
CA ILE F 185 40.66 -3.71 54.27
C ILE F 185 41.06 -5.00 54.98
N ARG F 186 42.35 -5.35 54.84
CA ARG F 186 42.93 -6.54 55.45
C ARG F 186 42.70 -6.56 56.97
N GLU F 187 43.09 -5.47 57.63
CA GLU F 187 42.96 -5.33 59.06
C GLU F 187 41.55 -5.15 59.64
N LYS F 188 40.70 -4.35 59.01
CA LYS F 188 39.34 -4.18 59.51
C LYS F 188 38.49 -5.39 59.11
N GLY F 189 39.11 -6.30 58.35
CA GLY F 189 38.43 -7.51 57.91
C GLY F 189 37.19 -7.32 57.04
N ILE F 190 37.26 -6.37 56.12
CA ILE F 190 36.14 -6.08 55.22
C ILE F 190 36.07 -7.12 54.10
N LYS F 191 34.87 -7.64 53.86
CA LYS F 191 34.68 -8.63 52.82
C LYS F 191 34.88 -7.94 51.46
N ILE F 192 35.60 -8.59 50.56
CA ILE F 192 35.90 -8.00 49.26
C ILE F 192 36.09 -8.97 48.10
N TYR F 193 35.45 -8.65 47.00
CA TYR F 193 35.55 -9.42 45.79
C TYR F 193 36.17 -8.51 44.75
N THR F 194 37.46 -8.68 44.53
CA THR F 194 38.15 -7.90 43.50
C THR F 194 37.80 -8.57 42.17
N MET F 195 38.31 -8.02 41.08
CA MET F 195 38.01 -8.59 39.77
C MET F 195 38.51 -10.03 39.64
N HIS F 196 39.50 -10.39 40.47
CA HIS F 196 40.03 -11.76 40.43
C HIS F 196 38.96 -12.74 40.90
N GLU F 197 38.26 -12.39 41.98
CA GLU F 197 37.23 -13.24 42.50
C GLU F 197 36.04 -13.26 41.55
N VAL F 198 35.76 -12.13 40.90
CA VAL F 198 34.64 -12.10 39.96
C VAL F 198 34.99 -12.96 38.73
N ASP F 199 36.25 -12.87 38.28
CA ASP F 199 36.67 -13.67 37.14
C ASP F 199 36.72 -15.13 37.51
N ARG F 200 37.17 -15.42 38.73
CA ARG F 200 37.32 -16.78 39.22
C ARG F 200 36.02 -17.49 39.61
N LEU F 201 35.19 -16.79 40.36
CA LEU F 201 33.94 -17.35 40.83
C LEU F 201 32.75 -17.07 39.94
N GLY F 202 32.79 -15.95 39.22
CA GLY F 202 31.66 -15.59 38.39
C GLY F 202 30.73 -14.70 39.20
N MET F 203 30.08 -13.73 38.55
CA MET F 203 29.22 -12.78 39.23
C MET F 203 28.08 -13.38 40.04
N THR F 204 27.54 -14.49 39.52
CA THR F 204 26.44 -15.20 40.18
C THR F 204 26.82 -15.65 41.56
N ARG F 205 27.98 -16.30 41.69
CA ARG F 205 28.39 -16.76 43.01
C ARG F 205 28.81 -15.63 43.93
N VAL F 206 29.42 -14.61 43.35
CA VAL F 206 29.84 -13.46 44.14
C VAL F 206 28.61 -12.83 44.76
N MET F 207 27.55 -12.74 43.97
CA MET F 207 26.31 -12.15 44.43
C MET F 207 25.58 -13.05 45.39
N GLU F 208 25.62 -14.35 45.14
CA GLU F 208 24.97 -15.33 46.02
C GLU F 208 25.56 -15.26 47.41
N GLU F 209 26.90 -15.30 47.46
CA GLU F 209 27.65 -15.23 48.73
C GLU F 209 27.45 -13.88 49.42
N THR F 210 27.42 -12.81 48.65
CA THR F 210 27.25 -11.47 49.20
C THR F 210 25.90 -11.29 49.85
N ILE F 211 24.87 -11.72 49.13
CA ILE F 211 23.49 -11.60 49.60
C ILE F 211 23.27 -12.43 50.83
N ALA F 212 23.88 -13.61 50.85
CA ALA F 212 23.71 -14.53 51.96
C ALA F 212 24.39 -13.97 53.19
N TYR F 213 25.60 -13.48 53.00
CA TYR F 213 26.43 -12.90 54.06
C TYR F 213 25.71 -11.77 54.79
N LEU F 214 25.30 -10.77 54.02
CA LEU F 214 24.63 -9.62 54.55
C LEU F 214 23.27 -9.96 55.12
N LYS F 215 22.50 -10.77 54.40
CA LYS F 215 21.15 -11.14 54.86
C LYS F 215 21.17 -11.83 56.23
N GLU F 216 22.26 -12.53 56.50
CA GLU F 216 22.39 -13.26 57.75
C GLU F 216 22.80 -12.38 58.92
N ARG F 217 23.13 -11.12 58.67
CA ARG F 217 23.57 -10.32 59.79
C ARG F 217 23.26 -8.83 59.78
N THR F 218 22.35 -8.41 58.91
CA THR F 218 22.00 -7.00 58.83
C THR F 218 20.48 -6.84 58.85
N ASP F 219 20.00 -5.62 59.06
CA ASP F 219 18.56 -5.41 59.08
C ASP F 219 18.12 -4.42 57.99
N GLY F 220 19.10 -4.04 57.16
CA GLY F 220 18.89 -3.12 56.05
C GLY F 220 20.18 -3.13 55.26
N VAL F 221 20.10 -2.93 53.95
CA VAL F 221 21.30 -2.91 53.13
C VAL F 221 21.27 -1.75 52.17
N HIS F 222 22.34 -0.96 52.21
CA HIS F 222 22.48 0.21 51.35
C HIS F 222 23.38 -0.14 50.18
N LEU F 223 22.95 0.19 48.97
CA LEU F 223 23.74 -0.07 47.77
C LEU F 223 24.43 1.22 47.35
N SER F 224 25.75 1.22 47.40
CA SER F 224 26.49 2.39 46.99
C SER F 224 27.16 1.99 45.67
N LEU F 225 26.49 2.33 44.56
CA LEU F 225 27.00 1.95 43.26
C LEU F 225 27.73 3.06 42.49
N ASP F 226 29.03 2.84 42.33
CA ASP F 226 29.90 3.73 41.61
C ASP F 226 29.98 3.22 40.18
N LEU F 227 29.54 4.03 39.22
CA LEU F 227 29.57 3.61 37.82
C LEU F 227 30.95 3.20 37.31
N ASP F 228 32.03 3.65 37.95
CA ASP F 228 33.36 3.28 37.49
C ASP F 228 33.66 1.81 37.82
N GLY F 229 32.71 1.16 38.46
CA GLY F 229 32.82 -0.24 38.80
C GLY F 229 32.69 -1.04 37.51
N LEU F 230 32.04 -0.44 36.52
CA LEU F 230 31.88 -1.09 35.23
C LEU F 230 33.10 -0.75 34.41
N ASP F 231 33.36 -1.53 33.36
CA ASP F 231 34.50 -1.26 32.50
C ASP F 231 34.31 0.07 31.78
N PRO F 232 35.40 0.81 31.55
CA PRO F 232 35.31 2.10 30.86
C PRO F 232 34.64 2.02 29.49
N SER F 233 34.61 0.83 28.91
CA SER F 233 33.98 0.67 27.60
C SER F 233 32.46 0.66 27.75
N ASP F 234 32.01 0.19 28.90
CA ASP F 234 30.60 0.15 29.20
C ASP F 234 30.16 1.46 29.82
N ALA F 235 30.97 1.99 30.74
CA ALA F 235 30.68 3.25 31.45
C ALA F 235 31.85 4.24 31.29
N PRO F 236 31.98 4.81 30.07
CA PRO F 236 33.06 5.77 29.77
C PRO F 236 33.06 7.09 30.57
N GLY F 237 31.88 7.60 30.88
CA GLY F 237 31.76 8.86 31.59
C GLY F 237 32.00 8.86 33.08
N VAL F 238 33.25 8.57 33.48
CA VAL F 238 33.65 8.54 34.89
C VAL F 238 34.98 9.27 35.00
N GLY F 239 35.16 9.96 36.11
CA GLY F 239 36.39 10.73 36.33
C GLY F 239 37.65 9.93 36.59
N THR F 240 37.53 8.83 37.35
CA THR F 240 38.67 8.00 37.66
C THR F 240 38.44 6.56 37.17
N PRO F 241 38.47 6.35 35.85
CA PRO F 241 38.25 5.03 35.27
C PRO F 241 39.42 4.09 35.51
N VAL F 242 39.14 2.79 35.47
CA VAL F 242 40.16 1.76 35.65
C VAL F 242 39.79 0.61 34.70
N ILE F 243 40.72 0.18 33.86
CA ILE F 243 40.38 -0.87 32.91
C ILE F 243 40.14 -2.23 33.54
N GLY F 244 39.55 -3.14 32.76
CA GLY F 244 39.26 -4.48 33.22
C GLY F 244 38.18 -4.53 34.28
N GLY F 245 37.05 -3.89 34.02
CA GLY F 245 35.98 -3.91 34.99
C GLY F 245 34.79 -4.78 34.67
N LEU F 246 33.77 -4.66 35.51
CA LEU F 246 32.53 -5.40 35.34
C LEU F 246 31.81 -5.01 34.03
N THR F 247 31.15 -5.98 33.43
CA THR F 247 30.43 -5.75 32.19
C THR F 247 29.02 -5.25 32.46
N TYR F 248 28.38 -4.80 31.39
CA TYR F 248 27.00 -4.32 31.39
C TYR F 248 26.10 -5.46 31.90
N ARG F 249 26.30 -6.65 31.35
CA ARG F 249 25.50 -7.81 31.73
C ARG F 249 25.69 -8.24 33.18
N GLU F 250 26.95 -8.26 33.62
CA GLU F 250 27.25 -8.65 34.98
C GLU F 250 26.57 -7.69 35.95
N SER F 251 26.55 -6.42 35.59
CA SER F 251 25.91 -5.43 36.41
C SER F 251 24.38 -5.62 36.44
N HIS F 252 23.78 -5.99 35.32
CA HIS F 252 22.34 -6.18 35.34
C HIS F 252 21.98 -7.38 36.18
N LEU F 253 22.76 -8.46 36.04
CA LEU F 253 22.53 -9.67 36.80
C LEU F 253 22.57 -9.33 38.27
N ALA F 254 23.60 -8.59 38.68
CA ALA F 254 23.78 -8.21 40.07
C ALA F 254 22.55 -7.47 40.59
N MET F 255 22.08 -6.49 39.83
CA MET F 255 20.92 -5.72 40.22
C MET F 255 19.71 -6.62 40.25
N GLU F 256 19.66 -7.56 39.33
CA GLU F 256 18.55 -8.48 39.22
C GLU F 256 18.48 -9.43 40.40
N MET F 257 19.65 -9.90 40.83
CA MET F 257 19.70 -10.82 41.96
C MET F 257 19.46 -10.11 43.27
N LEU F 258 19.74 -8.81 43.31
CA LEU F 258 19.51 -8.03 44.54
C LEU F 258 18.02 -7.73 44.67
N ALA F 259 17.39 -7.46 43.53
CA ALA F 259 15.97 -7.17 43.49
C ALA F 259 15.23 -8.39 44.03
N GLU F 260 15.61 -9.56 43.55
CA GLU F 260 15.04 -10.84 43.94
C GLU F 260 15.22 -11.08 45.44
N ALA F 261 16.38 -10.74 45.97
CA ALA F 261 16.67 -10.94 47.39
C ALA F 261 15.89 -10.02 48.29
N GLN F 262 15.40 -8.93 47.72
CA GLN F 262 14.63 -7.94 48.49
C GLN F 262 15.36 -7.51 49.74
N ILE F 263 16.65 -7.24 49.60
CA ILE F 263 17.46 -6.82 50.74
C ILE F 263 17.89 -5.35 50.72
N ILE F 264 17.86 -4.71 49.54
CA ILE F 264 18.27 -3.33 49.41
C ILE F 264 17.25 -2.33 49.96
N THR F 265 17.68 -1.57 50.96
CA THR F 265 16.80 -0.59 51.61
C THR F 265 17.06 0.85 51.25
N SER F 266 18.18 1.11 50.60
CA SER F 266 18.54 2.47 50.15
C SER F 266 19.61 2.33 49.07
N ALA F 267 19.73 3.31 48.21
CA ALA F 267 20.75 3.24 47.16
C ALA F 267 21.19 4.61 46.64
N GLU F 268 22.35 4.61 45.99
CA GLU F 268 22.92 5.81 45.40
C GLU F 268 23.79 5.40 44.23
N PHE F 269 23.62 6.10 43.12
CA PHE F 269 24.39 5.87 41.92
C PHE F 269 25.23 7.10 41.73
N VAL F 270 26.54 6.90 41.85
CA VAL F 270 27.50 7.98 41.79
C VAL F 270 28.52 7.95 40.66
N GLU F 271 29.26 9.04 40.59
CA GLU F 271 30.35 9.26 39.63
C GLU F 271 30.01 9.43 38.16
N VAL F 272 28.74 9.68 37.86
CA VAL F 272 28.37 9.90 36.46
C VAL F 272 28.82 11.31 36.01
N ASN F 273 29.68 11.36 35.00
CA ASN F 273 30.18 12.64 34.50
C ASN F 273 29.89 12.77 33.01
N PRO F 274 28.86 13.55 32.66
CA PRO F 274 28.44 13.76 31.27
C PRO F 274 29.51 14.35 30.40
N ILE F 275 30.33 15.18 31.00
CA ILE F 275 31.39 15.87 30.29
C ILE F 275 32.55 14.99 29.86
N LEU F 276 32.61 13.76 30.36
CA LEU F 276 33.67 12.80 30.01
C LEU F 276 33.06 11.57 29.35
N ASP F 277 31.78 11.65 29.04
CA ASP F 277 31.03 10.55 28.46
C ASP F 277 30.86 10.59 26.94
N GLU F 278 30.26 9.54 26.40
CA GLU F 278 29.95 9.42 24.98
C GLU F 278 28.43 9.43 24.85
N ARG F 279 27.86 10.61 24.66
CA ARG F 279 26.44 10.77 24.46
C ARG F 279 25.54 10.26 25.55
N ASN F 280 25.87 10.60 26.80
CA ASN F 280 25.08 10.19 27.96
C ASN F 280 25.00 8.68 28.20
N LYS F 281 25.95 7.93 27.63
CA LYS F 281 25.99 6.49 27.76
C LYS F 281 25.99 6.01 29.21
N THR F 282 26.83 6.63 30.02
CA THR F 282 26.95 6.27 31.41
C THR F 282 25.72 6.57 32.23
N ALA F 283 25.08 7.71 31.99
CA ALA F 283 23.86 8.05 32.72
C ALA F 283 22.80 7.01 32.36
N SER F 284 22.85 6.57 31.12
CA SER F 284 21.89 5.61 30.64
C SER F 284 22.04 4.26 31.34
N VAL F 285 23.29 3.78 31.42
CA VAL F 285 23.58 2.51 32.07
C VAL F 285 23.04 2.54 33.47
N ALA F 286 23.28 3.66 34.17
CA ALA F 286 22.84 3.84 35.56
C ALA F 286 21.32 3.70 35.68
N VAL F 287 20.58 4.38 34.81
CA VAL F 287 19.12 4.34 34.81
C VAL F 287 18.59 2.93 34.57
N ALA F 288 19.24 2.20 33.64
CA ALA F 288 18.87 0.84 33.31
C ALA F 288 19.15 -0.05 34.51
N LEU F 289 20.31 0.13 35.13
CA LEU F 289 20.69 -0.62 36.32
C LEU F 289 19.68 -0.36 37.45
N MET F 290 19.21 0.88 37.57
CA MET F 290 18.22 1.19 38.59
C MET F 290 16.90 0.47 38.26
N GLY F 291 16.56 0.38 36.98
CA GLY F 291 15.35 -0.31 36.59
C GLY F 291 15.33 -1.73 37.12
N SER F 292 16.46 -2.43 36.92
CA SER F 292 16.66 -3.80 37.36
C SER F 292 16.59 -3.90 38.88
N LEU F 293 17.35 -3.05 39.56
CA LEU F 293 17.40 -3.00 41.02
C LEU F 293 15.98 -2.94 41.57
N PHE F 294 15.17 -2.07 40.97
CA PHE F 294 13.79 -1.92 41.40
C PHE F 294 12.81 -2.90 40.79
N GLY F 295 13.34 -4.06 40.40
CA GLY F 295 12.50 -5.13 39.88
C GLY F 295 12.14 -5.31 38.42
N GLU F 296 12.73 -4.51 37.53
CA GLU F 296 12.44 -4.65 36.12
C GLU F 296 12.94 -6.03 35.68
N LYS F 297 12.13 -6.74 34.90
CA LYS F 297 12.50 -8.08 34.42
C LYS F 297 12.27 -8.27 32.92
N LEU F 298 13.08 -9.14 32.33
CA LEU F 298 13.01 -9.42 30.91
C LEU F 298 11.78 -10.23 30.53
N MET F 299 11.35 -11.09 31.45
CA MET F 299 10.17 -11.94 31.28
C MET F 299 9.15 -11.62 32.39
MN MN G . -33.72 -4.79 -44.99
MN MN H . -34.30 -1.76 -44.28
N ORN I . -40.53 -2.28 -48.25
CA ORN I . -39.74 -1.78 -49.41
CB ORN I . -38.26 -1.64 -49.02
CG ORN I . -37.51 -2.91 -48.72
CD ORN I . -36.17 -2.55 -48.13
NE ORN I . -35.20 -3.65 -48.16
C ORN I . -39.93 -2.58 -50.72
O ORN I . -40.41 -3.75 -50.65
OXT ORN I . -39.65 -2.02 -51.81
N ORN J . -7.95 8.04 -19.97
CA ORN J . -7.43 9.10 -20.89
CB ORN J . -8.39 10.30 -20.93
CG ORN J . -8.46 11.13 -19.63
CD ORN J . -9.45 12.30 -19.74
NE ORN J . -9.65 13.03 -18.45
C ORN J . -6.04 9.56 -20.45
O ORN J . -5.67 9.32 -19.27
OXT ORN J . -5.31 10.11 -21.31
N ORN K . -45.92 31.60 -20.37
CA ORN K . -45.46 32.59 -21.41
CB ORN K . -45.42 31.91 -22.80
CG ORN K . -46.68 31.17 -23.24
CD ORN K . -46.46 30.42 -24.54
NE ORN K . -47.73 30.18 -25.27
C ORN K . -46.34 33.85 -21.44
O ORN K . -47.47 33.79 -20.89
OXT ORN K . -45.87 34.88 -22.00
N ORN L . 8.33 -7.36 20.03
CA ORN L . 8.53 -6.38 18.91
CB ORN L . 9.76 -6.74 18.07
CG ORN L . 9.72 -8.10 17.37
CD ORN L . 11.01 -8.33 16.56
NE ORN L . 10.93 -9.54 15.70
C ORN L . 7.32 -6.25 18.01
O ORN L . 6.38 -7.07 18.16
OXT ORN L . 7.32 -5.32 17.18
N ORN M . 49.26 -22.48 11.90
CA ORN M . 49.76 -21.37 11.01
CB ORN M . 50.12 -20.11 11.84
CG ORN M . 51.25 -20.28 12.86
CD ORN M . 51.36 -19.10 13.79
NE ORN M . 52.52 -19.19 14.69
C ORN M . 50.94 -21.82 10.14
O ORN M . 51.44 -22.95 10.37
OXT ORN M . 51.33 -21.05 9.23
N ORN N . 42.02 5.52 45.71
CA ORN N . 42.06 6.78 44.90
CB ORN N . 40.83 6.84 43.99
CG ORN N . 39.51 6.94 44.74
CD ORN N . 38.34 6.94 43.78
NE ORN N . 37.09 7.39 44.44
C ORN N . 42.16 8.03 45.77
O ORN N . 41.94 7.93 47.00
OXT ORN N . 42.50 9.10 45.22
C GAI O . -23.85 1.68 -24.94
N1 GAI O . -22.73 1.03 -25.26
N2 GAI O . -24.80 1.06 -24.21
N3 GAI O . -24.03 2.94 -25.35
MN MN P . -12.68 13.67 -16.38
MN MN Q . -13.78 13.05 -19.30
C GAI R . -35.43 17.50 -17.16
N1 GAI R . -35.31 18.67 -16.57
N2 GAI R . -35.65 16.40 -16.44
N3 GAI R . -35.31 17.42 -18.47
MN MN S . -49.27 26.61 -25.72
MN MN T . -46.10 26.33 -25.94
C GAI U . -43.33 5.32 -32.83
N1 GAI U . -44.23 5.37 -33.81
N2 GAI U . -43.70 5.03 -31.59
N3 GAI U . -42.05 5.56 -33.10
MN MN V . 12.91 -12.60 15.88
MN MN W . 14.66 -10.48 17.16
C GAI X . 33.99 -21.11 20.16
N1 GAI X . 34.08 -21.81 19.03
N2 GAI X . 33.43 -21.67 21.21
N3 GAI X . 34.45 -19.86 20.22
MN MN Y . 52.39 -19.06 18.48
MN MN Z . 49.72 -17.69 17.60
MN MN AA . 33.99 5.20 44.60
MN MN BA . 35.40 4.36 41.92
C GAI CA . 41.51 -10.02 36.89
N1 GAI CA . 42.61 -9.68 37.55
N2 GAI CA . 40.94 -11.19 37.14
N3 GAI CA . 40.99 -9.21 35.99
C GAI DA . 20.90 -9.33 32.26
N1 GAI DA . 19.93 -8.47 32.52
N2 GAI DA . 21.24 -10.25 33.15
N3 GAI DA . 21.55 -9.26 31.11
#